data_4BQV
#
_entry.id   4BQV
#
_cell.length_a   63.884
_cell.length_b   66.984
_cell.length_c   103.330
_cell.angle_alpha   90.04
_cell.angle_beta   96.68
_cell.angle_gamma   89.90
#
_symmetry.space_group_name_H-M   'P 1'
#
loop_
_entity.id
_entity.type
_entity.pdbx_description
1 polymer 'CATHEPSIN S'
2 non-polymer (2S,4R)-N-(1-cyanocyclopropyl)-1-(1-methylcyclopropanecarbonyl)-4-[4-(2,2,2-trifluoroethoxy)-2-(trifluoromethyl)phenyl]sulfonylpyrrolidine-2-carboxamide
3 water water
#
_entity_poly.entity_id   1
_entity_poly.type   'polypeptide(L)'
_entity_poly.pdbx_seq_one_letter_code
;RSYSNRTLPDTVDWREKGCVTEVKYQGSCGACWAFSAVGALEGQLKLKTGKLISLSAQNLVDCSNEEKYGNKGCGGGYMT
EAFQYIIDNGGIEADASYPYKAMDEKCHYNSKNRAATCSRYIQLPFGDEDALKEAVATKGPVSVGIDASHSSFFFYKSGV
YDDPSCTGNVNHGVLVVGYGTLDGKDYWLVKNSWGLNFGDQGYIRMARNNKNHCGIASYCSYPEI
;
_entity_poly.pdbx_strand_id   A,B,C,D,E,F,G,H
#
loop_
_chem_comp.id
_chem_comp.type
_chem_comp.name
_chem_comp.formula
8PW non-polymer (2S,4R)-N-(1-cyanocyclopropyl)-1-(1-methylcyclopropanecarbonyl)-4-[4-(2,2,2-trifluoroethoxy)-2-(trifluoromethyl)phenyl]sulfonylpyrrolidine-2-carboxamide 'C23 H25 F6 N3 O5 S'
#
# COMPACT_ATOMS: atom_id res chain seq x y z
N THR A 7 -7.86 12.79 -1.08
CA THR A 7 -6.71 13.04 -2.00
C THR A 7 -5.87 14.19 -1.46
N LEU A 8 -4.58 14.17 -1.78
CA LEU A 8 -3.66 15.22 -1.33
C LEU A 8 -3.30 16.14 -2.47
N PRO A 9 -3.03 17.42 -2.15
CA PRO A 9 -2.60 18.32 -3.19
C PRO A 9 -1.25 17.89 -3.79
N ASP A 10 -1.04 18.20 -5.07
CA ASP A 10 0.22 17.86 -5.75
C ASP A 10 1.37 18.71 -5.27
N THR A 11 1.06 19.92 -4.78
CA THR A 11 2.07 20.87 -4.38
C THR A 11 1.61 21.54 -3.13
N VAL A 12 2.52 21.66 -2.14
CA VAL A 12 2.24 22.34 -0.89
C VAL A 12 3.41 23.32 -0.61
N ASP A 13 3.11 24.50 -0.08
CA ASP A 13 4.15 25.45 0.33
C ASP A 13 3.57 26.27 1.46
N TRP A 14 3.94 25.91 2.67
CA TRP A 14 3.43 26.63 3.88
C TRP A 14 3.81 28.13 3.96
N ARG A 15 4.83 28.53 3.21
CA ARG A 15 5.24 29.91 3.13
C ARG A 15 4.12 30.76 2.56
N GLU A 16 3.38 30.18 1.61
CA GLU A 16 2.24 30.85 0.98
C GLU A 16 1.06 31.12 1.91
N LYS A 17 0.92 30.32 2.97
CA LYS A 17 -0.12 30.45 3.98
C LYS A 17 0.33 31.24 5.20
N GLY A 18 1.53 31.81 5.15
CA GLY A 18 2.07 32.64 6.20
C GLY A 18 2.45 31.89 7.46
N CYS A 19 2.86 30.62 7.30
CA CYS A 19 3.10 29.76 8.45
C CYS A 19 4.58 29.51 8.73
N VAL A 20 5.45 30.20 8.00
CA VAL A 20 6.89 30.03 8.06
C VAL A 20 7.58 31.34 8.33
N THR A 21 8.36 31.37 9.40
CA THR A 21 9.08 32.57 9.79
C THR A 21 10.31 32.77 8.90
N GLU A 22 10.95 33.92 9.06
CA GLU A 22 12.22 34.18 8.41
C GLU A 22 13.26 33.09 8.69
N VAL A 23 14.09 32.87 7.68
CA VAL A 23 15.21 31.96 7.79
C VAL A 23 16.21 32.52 8.82
N LYS A 24 16.65 31.66 9.71
CA LYS A 24 17.61 32.02 10.74
C LYS A 24 19.01 31.55 10.40
N TYR A 25 20.00 32.05 11.16
CA TYR A 25 21.40 31.72 10.95
C TYR A 25 22.01 31.17 12.22
N GLN A 26 22.36 29.88 12.24
CA GLN A 26 22.76 29.21 13.44
C GLN A 26 24.21 29.54 13.85
N GLY A 27 25.02 29.99 12.90
CA GLY A 27 26.43 30.25 13.16
C GLY A 27 27.21 29.01 13.52
N SER A 28 28.12 29.13 14.49
N SER A 28 28.12 29.15 14.49
CA SER A 28 29.03 28.03 14.81
CA SER A 28 29.05 28.09 14.85
C SER A 28 28.50 27.18 15.97
C SER A 28 28.47 27.13 15.88
N CYS A 29 27.26 27.42 16.36
CA CYS A 29 26.60 26.63 17.38
C CYS A 29 25.74 25.55 16.72
N GLY A 30 25.89 24.30 17.18
CA GLY A 30 25.19 23.19 16.61
C GLY A 30 23.75 23.08 17.04
N ALA A 31 22.99 24.10 16.68
CA ALA A 31 21.64 24.33 17.14
C ALA A 31 20.61 23.99 16.07
N CYS A 32 21.00 23.31 14.99
CA CYS A 32 20.03 22.93 13.92
C CYS A 32 18.76 22.28 14.46
N TRP A 33 18.88 21.41 15.47
CA TRP A 33 17.76 20.78 16.08
C TRP A 33 16.76 21.74 16.72
N ALA A 34 17.28 22.80 17.32
CA ALA A 34 16.48 23.86 17.98
C ALA A 34 15.73 24.71 16.96
N PHE A 35 16.35 25.00 15.82
CA PHE A 35 15.70 25.80 14.80
C PHE A 35 14.61 24.96 14.14
N SER A 36 14.90 23.66 13.94
CA SER A 36 13.91 22.73 13.36
C SER A 36 12.65 22.63 14.23
N ALA A 37 12.85 22.43 15.53
CA ALA A 37 11.74 22.35 16.46
C ALA A 37 10.93 23.62 16.58
N VAL A 38 11.57 24.74 16.79
CA VAL A 38 10.81 25.96 16.85
C VAL A 38 10.10 26.21 15.53
N GLY A 39 10.71 25.82 14.42
CA GLY A 39 10.06 26.01 13.10
C GLY A 39 8.79 25.25 13.01
N ALA A 40 8.77 24.03 13.54
CA ALA A 40 7.57 23.25 13.46
C ALA A 40 6.53 23.82 14.40
N LEU A 41 6.97 24.28 15.55
CA LEU A 41 6.02 24.83 16.52
C LEU A 41 5.44 26.16 16.02
N GLU A 42 6.25 26.98 15.34
CA GLU A 42 5.84 28.29 14.75
C GLU A 42 4.70 28.06 13.78
N GLY A 43 4.84 27.01 12.97
CA GLY A 43 3.80 26.65 12.01
C GLY A 43 2.48 26.36 12.74
N GLN A 44 2.51 25.47 13.75
CA GLN A 44 1.30 25.17 14.52
C GLN A 44 0.69 26.39 15.24
N LEU A 45 1.52 27.28 15.76
CA LEU A 45 1.06 28.51 16.44
C LEU A 45 0.28 29.38 15.46
N LYS A 46 0.81 29.49 14.26
CA LYS A 46 0.17 30.32 13.26
C LYS A 46 -1.17 29.68 12.95
N LEU A 47 -1.20 28.37 12.73
CA LEU A 47 -2.45 27.72 12.32
C LEU A 47 -3.54 27.82 13.40
N LYS A 48 -3.12 27.87 14.67
CA LYS A 48 -4.08 27.95 15.74
C LYS A 48 -4.47 29.38 16.10
N THR A 49 -3.50 30.29 16.23
CA THR A 49 -3.81 31.62 16.72
C THR A 49 -3.93 32.58 15.61
N GLY A 50 -3.33 32.32 14.45
CA GLY A 50 -3.35 33.26 13.37
C GLY A 50 -2.17 34.20 13.38
N LYS A 51 -1.29 34.07 14.37
CA LYS A 51 -0.10 34.91 14.48
C LYS A 51 1.16 34.17 14.14
N LEU A 52 2.02 34.81 13.34
CA LEU A 52 3.31 34.23 13.00
C LEU A 52 4.35 34.87 13.91
N ILE A 53 4.97 34.07 14.75
CA ILE A 53 5.94 34.60 15.73
C ILE A 53 7.19 33.73 15.68
N SER A 54 8.37 34.33 15.55
CA SER A 54 9.60 33.52 15.72
C SER A 54 9.77 33.12 17.18
N LEU A 55 9.95 31.82 17.44
CA LEU A 55 10.13 31.36 18.79
C LEU A 55 11.61 31.18 19.07
N SER A 56 11.92 30.96 20.33
CA SER A 56 13.30 31.07 20.84
C SER A 56 14.07 29.79 20.72
N ALA A 57 14.90 29.65 19.68
CA ALA A 57 15.82 28.51 19.64
C ALA A 57 16.82 28.54 20.85
N GLN A 58 17.18 29.74 21.29
CA GLN A 58 18.08 29.90 22.45
C GLN A 58 17.55 29.32 23.73
N ASN A 59 16.24 29.49 23.98
CA ASN A 59 15.55 28.89 25.13
C ASN A 59 15.75 27.41 25.09
N LEU A 60 15.67 26.79 23.93
CA LEU A 60 15.86 25.31 23.87
C LEU A 60 17.33 24.93 24.12
N VAL A 61 18.21 25.68 23.50
CA VAL A 61 19.64 25.40 23.59
C VAL A 61 20.10 25.52 25.05
N ASP A 62 19.71 26.60 25.73
CA ASP A 62 20.08 26.86 27.15
C ASP A 62 19.42 25.95 28.17
N CYS A 63 18.16 25.55 27.93
CA CYS A 63 17.36 25.00 29.02
C CYS A 63 17.08 23.53 28.94
N SER A 64 17.47 22.87 27.85
CA SER A 64 17.25 21.44 27.70
C SER A 64 18.59 20.67 27.60
N ASN A 65 19.70 21.29 28.02
CA ASN A 65 21.05 20.71 27.92
C ASN A 65 21.30 19.87 29.16
N GLU A 66 20.62 18.74 29.26
CA GLU A 66 20.73 17.88 30.44
C GLU A 66 20.28 16.49 30.07
N GLU A 67 20.62 15.50 30.89
CA GLU A 67 20.38 14.12 30.46
C GLU A 67 18.91 13.80 30.36
N LYS A 68 18.09 14.48 31.15
CA LYS A 68 16.64 14.30 31.06
C LYS A 68 16.19 14.30 29.59
N TYR A 69 16.77 15.20 28.81
CA TYR A 69 16.36 15.37 27.41
C TYR A 69 17.31 14.75 26.43
N GLY A 70 18.60 14.79 26.72
CA GLY A 70 19.60 14.23 25.83
C GLY A 70 20.11 15.26 24.82
N ASN A 71 19.59 16.47 24.89
CA ASN A 71 20.10 17.58 24.08
C ASN A 71 21.39 18.11 24.69
N LYS A 72 22.24 18.72 23.86
CA LYS A 72 23.62 19.09 24.21
C LYS A 72 23.92 20.54 23.88
N GLY A 73 22.89 21.37 23.90
CA GLY A 73 23.04 22.77 23.50
C GLY A 73 23.64 22.91 22.12
N CYS A 74 24.73 23.66 22.05
CA CYS A 74 25.47 23.86 20.82
C CYS A 74 26.24 22.65 20.36
N GLY A 75 26.16 21.54 21.10
CA GLY A 75 26.77 20.29 20.68
C GLY A 75 25.83 19.35 19.96
N GLY A 76 24.61 19.83 19.69
CA GLY A 76 23.60 19.02 19.04
C GLY A 76 22.45 18.58 19.93
N GLY A 77 21.43 18.00 19.30
CA GLY A 77 20.20 17.68 20.01
C GLY A 77 19.14 17.09 19.10
N TYR A 78 17.97 16.92 19.68
CA TYR A 78 16.85 16.18 19.06
C TYR A 78 15.59 17.02 19.08
N MET A 79 14.89 17.05 17.96
CA MET A 79 13.68 17.82 17.88
C MET A 79 12.60 17.27 18.80
N THR A 80 12.44 15.95 18.85
CA THR A 80 11.44 15.38 19.76
C THR A 80 11.70 15.81 21.20
N GLU A 81 12.98 15.85 21.59
CA GLU A 81 13.31 16.21 22.98
C GLU A 81 13.11 17.68 23.21
N ALA A 82 13.34 18.48 22.19
CA ALA A 82 12.96 19.86 22.32
C ALA A 82 11.47 19.97 22.60
N PHE A 83 10.61 19.28 21.87
CA PHE A 83 9.16 19.41 22.10
C PHE A 83 8.84 18.98 23.56
N GLN A 84 9.49 17.90 23.98
CA GLN A 84 9.26 17.36 25.32
C GLN A 84 9.62 18.36 26.39
N TYR A 85 10.72 19.06 26.18
CA TYR A 85 11.08 20.14 27.07
C TYR A 85 9.99 21.21 27.11
N ILE A 86 9.47 21.60 25.95
CA ILE A 86 8.48 22.66 25.94
C ILE A 86 7.24 22.22 26.71
N ILE A 87 6.86 20.95 26.53
CA ILE A 87 5.73 20.32 27.18
C ILE A 87 5.96 20.38 28.69
N ASP A 88 7.09 19.81 29.12
CA ASP A 88 7.41 19.70 30.55
C ASP A 88 7.47 21.08 31.20
N ASN A 89 7.97 22.06 30.46
CA ASN A 89 8.23 23.42 30.95
C ASN A 89 6.99 24.32 31.00
N GLY A 90 5.96 23.90 30.26
CA GLY A 90 4.75 24.66 30.19
C GLY A 90 4.90 25.85 29.28
N GLY A 91 5.88 25.84 28.38
CA GLY A 91 6.04 26.96 27.45
C GLY A 91 7.41 27.16 26.83
N ILE A 92 7.48 28.14 25.94
CA ILE A 92 8.69 28.57 25.34
C ILE A 92 8.50 30.04 25.05
N GLU A 93 9.56 30.80 25.13
CA GLU A 93 9.53 32.23 24.83
C GLU A 93 9.64 32.46 23.34
N ALA A 94 9.21 33.65 22.95
CA ALA A 94 9.53 34.19 21.64
C ALA A 94 11.02 34.55 21.52
N ASP A 95 11.51 34.49 20.28
CA ASP A 95 12.86 34.95 19.99
C ASP A 95 13.07 36.41 20.39
N ALA A 96 12.03 37.22 20.26
CA ALA A 96 12.15 38.63 20.60
C ALA A 96 12.62 38.78 22.04
N SER A 97 12.03 38.05 22.96
CA SER A 97 12.39 38.23 24.39
C SER A 97 13.54 37.34 24.87
N TYR A 98 13.91 36.34 24.05
CA TYR A 98 14.96 35.38 24.40
C TYR A 98 15.77 35.12 23.11
N PRO A 99 16.57 36.11 22.68
CA PRO A 99 17.21 36.09 21.39
C PRO A 99 18.38 35.10 21.26
N TYR A 100 18.71 34.80 20.01
CA TYR A 100 19.73 33.78 19.71
C TYR A 100 21.12 34.33 19.86
N LYS A 101 21.92 33.66 20.67
CA LYS A 101 23.31 34.07 20.94
C LYS A 101 24.36 33.15 20.34
N ALA A 102 23.97 31.98 19.84
CA ALA A 102 24.90 31.03 19.21
C ALA A 102 25.98 30.59 20.21
N MET A 103 25.61 30.50 21.48
N MET A 103 25.59 30.48 21.48
CA MET A 103 26.50 30.01 22.53
CA MET A 103 26.47 30.05 22.54
C MET A 103 25.66 29.36 23.61
C MET A 103 25.63 29.33 23.59
N ASP A 104 26.25 28.45 24.36
CA ASP A 104 25.59 27.83 25.51
C ASP A 104 25.55 28.81 26.67
N GLU A 105 24.35 29.14 27.13
CA GLU A 105 24.22 30.06 28.27
C GLU A 105 23.34 29.47 29.36
N LYS A 106 23.41 30.05 30.55
CA LYS A 106 22.57 29.63 31.65
C LYS A 106 21.09 29.87 31.30
N CYS A 107 20.24 28.88 31.52
CA CYS A 107 18.80 29.05 31.26
C CYS A 107 18.21 30.24 32.03
N HIS A 108 17.51 31.15 31.34
CA HIS A 108 16.78 32.26 31.99
C HIS A 108 15.33 32.39 31.47
N TYR A 109 14.67 31.25 31.32
CA TYR A 109 13.28 31.21 30.91
C TYR A 109 12.41 31.94 31.95
N ASN A 110 11.50 32.77 31.46
CA ASN A 110 10.54 33.47 32.28
C ASN A 110 9.11 33.24 31.74
N SER A 111 8.30 32.54 32.53
CA SER A 111 6.94 32.16 32.15
C SER A 111 6.05 33.37 31.83
N LYS A 112 6.41 34.54 32.33
CA LYS A 112 5.67 35.76 32.00
C LYS A 112 5.82 36.13 30.54
N ASN A 113 6.90 35.65 29.90
CA ASN A 113 7.12 35.86 28.46
C ASN A 113 6.77 34.64 27.60
N ARG A 114 6.04 33.70 28.15
CA ARG A 114 5.57 32.55 27.38
C ARG A 114 4.90 33.04 26.09
N ALA A 115 5.31 32.45 24.98
CA ALA A 115 4.84 32.80 23.63
C ALA A 115 4.12 31.66 22.93
N ALA A 116 4.34 30.43 23.40
CA ALA A 116 3.69 29.25 22.84
C ALA A 116 3.79 28.16 23.87
N THR A 117 2.99 27.13 23.64
CA THR A 117 2.96 25.91 24.42
C THR A 117 2.91 24.68 23.52
N CYS A 118 3.11 23.52 24.13
CA CYS A 118 3.08 22.29 23.39
C CYS A 118 2.48 21.27 24.37
N SER A 119 1.55 20.46 23.88
CA SER A 119 0.88 19.43 24.67
C SER A 119 1.38 18.01 24.41
N ARG A 120 1.86 17.77 23.20
CA ARG A 120 2.23 16.43 22.76
C ARG A 120 2.94 16.56 21.40
N TYR A 121 3.58 15.50 20.92
CA TYR A 121 4.17 15.53 19.57
C TYR A 121 3.92 14.21 18.92
N ILE A 122 3.93 14.22 17.60
CA ILE A 122 3.64 13.05 16.82
C ILE A 122 4.90 12.68 16.03
N GLN A 123 5.22 11.40 16.03
CA GLN A 123 6.29 10.81 15.19
C GLN A 123 5.68 10.04 14.04
N LEU A 124 6.21 10.21 12.82
CA LEU A 124 5.74 9.45 11.68
C LEU A 124 6.51 8.13 11.55
N PRO A 125 5.94 7.15 10.83
CA PRO A 125 6.62 5.87 10.59
C PRO A 125 7.96 6.04 9.90
N PHE A 126 8.92 5.29 10.39
CA PHE A 126 10.27 5.28 9.83
C PHE A 126 10.29 5.06 8.31
N GLY A 127 10.78 6.07 7.60
CA GLY A 127 11.08 5.97 6.17
C GLY A 127 9.90 6.11 5.24
N ASP A 128 8.75 6.44 5.80
CA ASP A 128 7.52 6.50 5.03
C ASP A 128 7.29 7.92 4.47
N GLU A 129 7.71 8.11 3.23
CA GLU A 129 7.56 9.39 2.55
C GLU A 129 6.11 9.71 2.24
N ASP A 130 5.28 8.67 2.10
CA ASP A 130 3.85 8.87 1.89
C ASP A 130 3.20 9.47 3.14
N ALA A 131 3.60 8.96 4.31
CA ALA A 131 3.14 9.48 5.58
C ALA A 131 3.62 10.91 5.81
N LEU A 132 4.85 11.19 5.40
CA LEU A 132 5.39 12.58 5.45
C LEU A 132 4.62 13.51 4.51
N LYS A 133 4.25 13.01 3.34
CA LYS A 133 3.51 13.87 2.38
C LYS A 133 2.16 14.23 3.05
N GLU A 134 1.50 13.23 3.63
CA GLU A 134 0.20 13.45 4.27
C GLU A 134 0.29 14.42 5.43
N ALA A 135 1.34 14.28 6.26
CA ALA A 135 1.54 15.17 7.39
C ALA A 135 1.83 16.60 6.91
N VAL A 136 2.72 16.75 5.96
CA VAL A 136 3.00 18.12 5.39
C VAL A 136 1.73 18.76 4.77
N ALA A 137 0.96 17.97 4.02
CA ALA A 137 -0.29 18.42 3.42
C ALA A 137 -1.35 18.92 4.42
N THR A 138 -1.56 18.12 5.48
CA THR A 138 -2.73 18.25 6.33
C THR A 138 -2.43 18.80 7.73
N LYS A 139 -1.17 18.77 8.15
CA LYS A 139 -0.85 19.12 9.51
C LYS A 139 -0.05 20.41 9.55
N GLY A 140 0.96 20.52 8.69
CA GLY A 140 1.83 21.68 8.68
C GLY A 140 3.29 21.30 8.51
N PRO A 141 4.21 22.28 8.66
CA PRO A 141 5.62 21.98 8.61
C PRO A 141 6.02 20.84 9.59
N VAL A 142 6.96 20.02 9.17
CA VAL A 142 7.36 18.81 9.86
C VAL A 142 8.87 18.86 10.10
N SER A 143 9.28 18.62 11.33
CA SER A 143 10.70 18.50 11.69
C SER A 143 11.27 17.19 11.17
N VAL A 144 12.41 17.22 10.50
CA VAL A 144 13.06 15.99 9.97
C VAL A 144 14.57 15.95 10.19
N GLY A 145 15.14 14.73 10.25
CA GLY A 145 16.58 14.57 10.14
C GLY A 145 17.00 14.23 8.73
N ILE A 146 18.12 14.79 8.30
CA ILE A 146 18.72 14.46 7.01
C ILE A 146 20.20 14.26 7.10
N ASP A 147 20.73 13.51 6.13
CA ASP A 147 22.16 13.42 5.91
C ASP A 147 22.59 14.67 5.15
N ALA A 148 23.15 15.64 5.86
CA ALA A 148 23.55 16.92 5.24
C ALA A 148 25.06 17.07 5.36
N SER A 149 25.78 15.97 5.28
CA SER A 149 27.23 15.95 5.47
C SER A 149 28.09 16.03 4.17
N HIS A 150 27.46 16.12 3.00
CA HIS A 150 28.15 16.06 1.72
C HIS A 150 28.32 17.46 1.21
N SER A 151 29.50 17.77 0.72
CA SER A 151 29.82 19.14 0.32
C SER A 151 28.83 19.63 -0.73
N SER A 152 28.34 18.71 -1.57
CA SER A 152 27.32 19.05 -2.58
C SER A 152 26.09 19.75 -2.01
N PHE A 153 25.75 19.43 -0.77
CA PHE A 153 24.61 20.06 -0.06
C PHE A 153 24.84 21.57 -0.02
N PHE A 154 26.08 22.00 0.12
CA PHE A 154 26.36 23.43 0.21
C PHE A 154 26.67 24.08 -1.13
N PHE A 155 26.85 23.26 -2.17
CA PHE A 155 27.04 23.73 -3.55
C PHE A 155 25.68 23.95 -4.24
N TYR A 156 24.61 23.36 -3.70
CA TYR A 156 23.28 23.50 -4.30
C TYR A 156 22.84 24.95 -4.41
N LYS A 157 22.30 25.31 -5.56
CA LYS A 157 21.70 26.63 -5.80
C LYS A 157 20.28 26.60 -6.37
N SER A 158 19.93 25.52 -7.06
CA SER A 158 18.65 25.42 -7.79
C SER A 158 18.42 23.97 -8.21
N GLY A 159 17.22 23.68 -8.72
CA GLY A 159 16.86 22.33 -9.06
C GLY A 159 16.51 21.52 -7.85
N VAL A 160 16.79 20.24 -7.92
CA VAL A 160 16.40 19.29 -6.90
C VAL A 160 17.65 18.52 -6.51
N TYR A 161 18.01 18.65 -5.24
CA TYR A 161 19.24 18.10 -4.72
C TYR A 161 19.08 16.59 -4.68
N ASP A 162 19.93 15.87 -5.40
CA ASP A 162 19.82 14.42 -5.44
C ASP A 162 21.22 13.84 -5.68
N ASP A 163 22.05 13.89 -4.65
CA ASP A 163 23.43 13.41 -4.75
C ASP A 163 23.45 11.93 -4.36
N PRO A 164 23.89 11.04 -5.29
CA PRO A 164 23.98 9.60 -4.99
C PRO A 164 24.86 9.23 -3.81
N SER A 165 25.79 10.11 -3.42
CA SER A 165 26.61 9.83 -2.25
C SER A 165 25.90 10.01 -0.92
N CYS A 166 24.66 10.53 -0.94
N CYS A 166 24.66 10.49 -0.94
CA CYS A 166 23.90 10.74 0.30
CA CYS A 166 23.93 10.67 0.31
C CYS A 166 23.57 9.35 0.86
C CYS A 166 23.46 9.34 0.86
N THR A 167 23.43 9.25 2.18
CA THR A 167 23.06 8.02 2.87
C THR A 167 21.84 8.31 3.79
N GLY A 168 21.34 7.27 4.43
CA GLY A 168 20.27 7.37 5.44
C GLY A 168 20.75 7.60 6.85
N ASN A 169 22.07 7.74 7.01
CA ASN A 169 22.66 8.10 8.30
C ASN A 169 22.53 9.60 8.49
N VAL A 170 21.53 9.99 9.25
CA VAL A 170 21.20 11.40 9.37
C VAL A 170 22.10 12.11 10.40
N ASN A 171 22.22 13.41 10.24
CA ASN A 171 23.12 14.20 11.06
C ASN A 171 22.71 15.63 11.27
N HIS A 172 21.68 16.13 10.58
CA HIS A 172 21.18 17.48 10.82
C HIS A 172 19.67 17.53 10.83
N GLY A 173 19.12 18.36 11.72
CA GLY A 173 17.70 18.63 11.76
C GLY A 173 17.32 19.83 10.92
N VAL A 174 16.24 19.71 10.18
CA VAL A 174 15.78 20.76 9.30
C VAL A 174 14.23 20.71 9.32
N LEU A 175 13.59 21.53 8.51
CA LEU A 175 12.14 21.59 8.55
C LEU A 175 11.59 21.44 7.14
N VAL A 176 10.69 20.49 6.96
CA VAL A 176 9.97 20.38 5.69
C VAL A 176 8.75 21.25 5.68
N VAL A 177 8.74 22.27 4.79
CA VAL A 177 7.66 23.20 4.69
C VAL A 177 6.82 23.00 3.44
N GLY A 178 7.12 21.99 2.63
CA GLY A 178 6.27 21.80 1.44
C GLY A 178 6.81 20.67 0.60
N TYR A 179 6.21 20.47 -0.56
CA TYR A 179 6.68 19.51 -1.52
C TYR A 179 6.11 19.84 -2.87
N GLY A 180 6.65 19.21 -3.90
CA GLY A 180 6.00 19.28 -5.20
C GLY A 180 6.88 18.57 -6.20
N THR A 181 6.82 19.04 -7.42
CA THR A 181 7.54 18.44 -8.54
C THR A 181 8.11 19.56 -9.39
N LEU A 182 9.43 19.55 -9.62
CA LEU A 182 10.11 20.64 -10.35
C LEU A 182 10.79 20.01 -11.56
N ASP A 183 10.38 20.44 -12.75
CA ASP A 183 10.90 19.87 -14.00
C ASP A 183 10.93 18.31 -13.97
N GLY A 184 9.84 17.73 -13.50
CA GLY A 184 9.66 16.30 -13.50
C GLY A 184 10.24 15.56 -12.31
N LYS A 185 10.82 16.27 -11.34
CA LYS A 185 11.54 15.65 -10.25
C LYS A 185 10.82 16.03 -8.95
N ASP A 186 10.31 15.03 -8.24
CA ASP A 186 9.56 15.22 -6.99
C ASP A 186 10.52 15.77 -5.94
N TYR A 187 10.11 16.75 -5.15
CA TYR A 187 11.01 17.32 -4.15
C TYR A 187 10.27 17.55 -2.81
N TRP A 188 11.05 17.63 -1.77
CA TRP A 188 10.62 18.17 -0.48
C TRP A 188 11.24 19.54 -0.35
N LEU A 189 10.47 20.47 0.17
CA LEU A 189 10.91 21.85 0.29
C LEU A 189 11.40 22.00 1.74
N VAL A 190 12.70 22.17 1.92
CA VAL A 190 13.33 22.17 3.20
C VAL A 190 13.90 23.53 3.59
N LYS A 191 13.44 24.01 4.74
CA LYS A 191 13.98 25.22 5.40
C LYS A 191 15.18 24.89 6.23
N ASN A 192 16.32 25.52 5.96
CA ASN A 192 17.51 25.30 6.83
C ASN A 192 17.73 26.42 7.77
N SER A 193 18.80 26.34 8.58
CA SER A 193 19.12 27.43 9.52
C SER A 193 20.55 27.95 9.29
N TRP A 194 20.91 28.15 7.99
CA TRP A 194 22.24 28.64 7.60
C TRP A 194 22.08 30.02 6.96
N GLY A 195 20.98 30.68 7.26
CA GLY A 195 20.73 32.03 6.76
C GLY A 195 20.29 32.06 5.31
N LEU A 196 20.13 33.27 4.79
CA LEU A 196 19.61 33.43 3.47
C LEU A 196 20.61 33.18 2.37
N ASN A 197 21.90 33.11 2.68
CA ASN A 197 22.91 32.82 1.68
C ASN A 197 23.07 31.34 1.38
N PHE A 198 22.45 30.48 2.19
CA PHE A 198 22.44 29.04 1.92
C PHE A 198 21.39 28.68 0.86
N GLY A 199 21.72 27.77 -0.05
CA GLY A 199 20.74 27.28 -1.00
C GLY A 199 20.02 28.39 -1.81
N ASP A 200 18.71 28.21 -1.97
CA ASP A 200 17.80 29.18 -2.59
C ASP A 200 17.07 29.97 -1.48
N GLN A 201 17.63 31.13 -1.12
CA GLN A 201 17.06 32.01 -0.06
C GLN A 201 16.87 31.27 1.26
N GLY A 202 17.79 30.34 1.54
CA GLY A 202 17.78 29.58 2.82
C GLY A 202 17.13 28.23 2.78
N TYR A 203 16.64 27.86 1.59
CA TYR A 203 15.89 26.64 1.34
C TYR A 203 16.63 25.73 0.35
N ILE A 204 16.35 24.44 0.48
CA ILE A 204 16.85 23.48 -0.50
C ILE A 204 15.69 22.54 -0.86
N ARG A 205 15.55 22.20 -2.15
CA ARG A 205 14.60 21.23 -2.57
C ARG A 205 15.35 19.94 -2.68
N MET A 206 14.92 18.97 -1.88
CA MET A 206 15.53 17.66 -1.80
C MET A 206 14.67 16.57 -2.39
N ALA A 207 15.32 15.66 -3.10
CA ALA A 207 14.62 14.56 -3.76
C ALA A 207 13.62 13.83 -2.90
N ARG A 208 12.37 13.74 -3.41
CA ARG A 208 11.26 13.01 -2.83
C ARG A 208 10.91 11.77 -3.65
N ASN A 209 10.48 10.73 -2.94
CA ASN A 209 10.09 9.47 -3.52
C ASN A 209 11.27 8.72 -4.14
N ASN A 210 12.48 9.05 -3.72
CA ASN A 210 13.66 8.38 -4.24
C ASN A 210 14.24 7.56 -3.12
N LYS A 211 13.47 6.57 -2.69
CA LYS A 211 13.92 5.60 -1.67
C LYS A 211 14.44 6.26 -0.38
N ASN A 212 13.68 7.21 0.15
CA ASN A 212 14.07 7.87 1.40
C ASN A 212 15.50 8.47 1.33
N HIS A 213 15.69 9.33 0.34
CA HIS A 213 16.99 9.89 0.02
C HIS A 213 17.44 10.84 1.12
N CYS A 214 18.69 10.69 1.55
CA CYS A 214 19.30 11.46 2.69
C CYS A 214 18.61 11.15 4.04
N GLY A 215 17.80 10.09 4.09
CA GLY A 215 17.04 9.74 5.28
C GLY A 215 15.95 10.69 5.69
N ILE A 216 15.50 11.51 4.74
CA ILE A 216 14.59 12.59 5.05
C ILE A 216 13.29 12.19 5.75
N ALA A 217 12.80 10.95 5.52
CA ALA A 217 11.58 10.47 6.13
C ALA A 217 11.86 9.46 7.26
N SER A 218 13.09 9.43 7.76
CA SER A 218 13.45 8.46 8.77
C SER A 218 12.99 8.87 10.17
N TYR A 219 13.18 10.14 10.53
CA TYR A 219 12.87 10.63 11.87
C TYR A 219 12.05 11.93 11.79
N CYS A 220 10.78 11.80 11.42
CA CYS A 220 9.91 12.95 11.24
C CYS A 220 9.06 13.16 12.47
N SER A 221 8.82 14.39 12.86
CA SER A 221 7.96 14.67 14.01
C SER A 221 7.38 16.04 13.90
N TYR A 222 6.26 16.26 14.56
CA TYR A 222 5.71 17.58 14.66
C TYR A 222 4.96 17.72 15.99
N PRO A 223 4.89 18.94 16.46
CA PRO A 223 4.27 19.18 17.76
C PRO A 223 2.77 19.49 17.62
N GLU A 224 2.04 19.34 18.73
CA GLU A 224 0.66 19.78 18.83
C GLU A 224 0.60 20.78 19.96
N ILE A 225 -0.01 21.90 19.68
CA ILE A 225 -0.32 22.89 20.68
C ILE A 225 -1.52 22.35 21.43
N THR B 7 -46.69 -12.12 -42.07
CA THR B 7 -45.28 -12.26 -42.60
C THR B 7 -44.44 -11.10 -42.07
N LEU B 8 -43.12 -11.26 -42.13
CA LEU B 8 -42.22 -10.18 -41.72
C LEU B 8 -41.88 -9.26 -42.89
N PRO B 9 -41.59 -7.97 -42.60
CA PRO B 9 -41.17 -7.09 -43.68
C PRO B 9 -39.86 -7.52 -44.30
N ASP B 10 -39.68 -7.27 -45.59
CA ASP B 10 -38.43 -7.57 -46.28
C ASP B 10 -37.28 -6.68 -45.80
N THR B 11 -37.59 -5.46 -45.36
CA THR B 11 -36.55 -4.50 -44.98
C THR B 11 -37.01 -3.81 -43.71
N VAL B 12 -36.10 -3.63 -42.76
CA VAL B 12 -36.36 -2.96 -41.51
C VAL B 12 -35.17 -2.03 -41.23
N ASP B 13 -35.45 -0.82 -40.72
CA ASP B 13 -34.40 0.12 -40.34
C ASP B 13 -34.99 0.98 -39.21
N TRP B 14 -34.62 0.64 -37.99
CA TRP B 14 -35.15 1.36 -36.82
C TRP B 14 -34.73 2.83 -36.77
N ARG B 15 -33.68 3.19 -37.49
CA ARG B 15 -33.29 4.61 -37.62
C ARG B 15 -34.41 5.43 -38.23
N GLU B 16 -35.19 4.85 -39.15
CA GLU B 16 -36.30 5.57 -39.80
C GLU B 16 -37.49 5.79 -38.86
N LYS B 17 -37.61 4.99 -37.80
CA LYS B 17 -38.67 5.17 -36.80
C LYS B 17 -38.20 5.99 -35.61
N GLY B 18 -37.02 6.61 -35.73
CA GLY B 18 -36.46 7.45 -34.69
C GLY B 18 -36.11 6.72 -33.41
N CYS B 19 -35.69 5.47 -33.54
CA CYS B 19 -35.44 4.61 -32.37
C CYS B 19 -33.95 4.35 -32.09
N VAL B 20 -33.06 5.02 -32.82
CA VAL B 20 -31.64 4.80 -32.70
C VAL B 20 -30.93 6.15 -32.52
N THR B 21 -30.09 6.25 -31.50
CA THR B 21 -29.39 7.49 -31.21
C THR B 21 -28.13 7.65 -32.07
N GLU B 22 -27.48 8.81 -31.96
CA GLU B 22 -26.27 9.07 -32.70
C GLU B 22 -25.26 8.02 -32.34
N VAL B 23 -24.43 7.72 -33.32
CA VAL B 23 -23.31 6.80 -33.16
C VAL B 23 -22.35 7.33 -32.09
N LYS B 24 -21.96 6.48 -31.17
CA LYS B 24 -20.96 6.85 -30.16
C LYS B 24 -19.53 6.37 -30.49
N TYR B 25 -18.56 6.86 -29.72
CA TYR B 25 -17.13 6.59 -29.95
C TYR B 25 -16.52 6.09 -28.67
N GLN B 26 -16.15 4.80 -28.64
CA GLN B 26 -15.75 4.17 -27.40
C GLN B 26 -14.30 4.50 -27.01
N GLY B 27 -13.51 4.99 -27.94
CA GLY B 27 -12.05 5.22 -27.69
C GLY B 27 -11.32 3.99 -27.23
N SER B 28 -10.34 4.15 -26.34
N SER B 28 -10.35 4.15 -26.33
CA SER B 28 -9.48 3.04 -25.89
CA SER B 28 -9.47 3.07 -25.89
C SER B 28 -10.11 2.11 -24.85
C SER B 28 -10.06 2.18 -24.79
N CYS B 29 -11.31 2.43 -24.41
CA CYS B 29 -11.95 1.66 -23.38
C CYS B 29 -12.79 0.57 -24.06
N GLY B 30 -12.61 -0.67 -23.61
CA GLY B 30 -13.34 -1.83 -24.15
C GLY B 30 -14.78 -1.86 -23.72
N ALA B 31 -15.53 -0.86 -24.13
CA ALA B 31 -16.88 -0.64 -23.64
C ALA B 31 -17.94 -1.01 -24.69
N CYS B 32 -17.56 -1.64 -25.80
CA CYS B 32 -18.53 -2.05 -26.86
C CYS B 32 -19.81 -2.69 -26.30
N TRP B 33 -19.65 -3.56 -25.32
CA TRP B 33 -20.72 -4.19 -24.61
C TRP B 33 -21.67 -3.22 -23.93
N ALA B 34 -21.16 -2.13 -23.35
CA ALA B 34 -22.00 -1.14 -22.70
C ALA B 34 -22.79 -0.31 -23.75
N PHE B 35 -22.18 -0.03 -24.90
CA PHE B 35 -22.80 0.79 -25.95
C PHE B 35 -23.88 -0.04 -26.65
N SER B 36 -23.58 -1.31 -26.85
CA SER B 36 -24.59 -2.26 -27.35
C SER B 36 -25.81 -2.32 -26.45
N ALA B 37 -25.60 -2.54 -25.16
CA ALA B 37 -26.68 -2.61 -24.21
C ALA B 37 -27.52 -1.34 -24.09
N VAL B 38 -26.87 -0.19 -23.98
CA VAL B 38 -27.68 1.04 -23.95
C VAL B 38 -28.42 1.29 -25.25
N GLY B 39 -27.82 0.88 -26.38
CA GLY B 39 -28.48 1.08 -27.64
C GLY B 39 -29.78 0.30 -27.72
N ALA B 40 -29.79 -0.91 -27.21
CA ALA B 40 -31.01 -1.72 -27.25
C ALA B 40 -32.07 -1.17 -26.30
N LEU B 41 -31.60 -0.65 -25.18
CA LEU B 41 -32.52 -0.10 -24.20
C LEU B 41 -33.12 1.23 -24.69
N GLU B 42 -32.30 2.04 -25.34
CA GLU B 42 -32.70 3.30 -25.98
C GLU B 42 -33.83 3.07 -26.97
N GLY B 43 -33.69 2.01 -27.76
CA GLY B 43 -34.76 1.65 -28.67
C GLY B 43 -36.08 1.34 -27.98
N GLN B 44 -36.04 0.55 -26.92
CA GLN B 44 -37.23 0.19 -26.18
C GLN B 44 -37.82 1.43 -25.52
N LEU B 45 -36.95 2.32 -25.05
CA LEU B 45 -37.42 3.52 -24.37
C LEU B 45 -38.24 4.38 -25.32
N LYS B 46 -37.74 4.54 -26.54
CA LYS B 46 -38.40 5.35 -27.54
C LYS B 46 -39.74 4.70 -27.92
N LEU B 47 -39.75 3.36 -28.04
CA LEU B 47 -40.98 2.67 -28.43
C LEU B 47 -42.08 2.83 -27.37
N LYS B 48 -41.67 2.85 -26.11
CA LYS B 48 -42.59 2.98 -24.99
C LYS B 48 -42.99 4.40 -24.70
N THR B 49 -42.03 5.32 -24.61
CA THR B 49 -42.34 6.70 -24.23
C THR B 49 -42.46 7.71 -25.36
N GLY B 50 -41.96 7.38 -26.57
CA GLY B 50 -41.92 8.35 -27.67
C GLY B 50 -40.71 9.29 -27.65
N LYS B 51 -39.82 9.10 -26.70
CA LYS B 51 -38.66 9.99 -26.58
C LYS B 51 -37.39 9.21 -26.81
N LEU B 52 -36.53 9.78 -27.63
CA LEU B 52 -35.25 9.16 -27.94
C LEU B 52 -34.19 9.85 -27.11
N ILE B 53 -33.62 9.11 -26.17
CA ILE B 53 -32.57 9.65 -25.29
C ILE B 53 -31.35 8.72 -25.29
N SER B 54 -30.15 9.27 -25.45
CA SER B 54 -28.92 8.49 -25.30
C SER B 54 -28.74 8.09 -23.83
N LEU B 55 -28.56 6.80 -23.53
CA LEU B 55 -28.45 6.34 -22.14
C LEU B 55 -26.99 6.16 -21.78
N SER B 56 -26.70 6.07 -20.49
CA SER B 56 -25.32 6.15 -20.00
C SER B 56 -24.52 4.83 -20.05
N ALA B 57 -23.69 4.70 -21.08
CA ALA B 57 -22.72 3.61 -21.15
C ALA B 57 -21.74 3.71 -19.98
N GLN B 58 -21.37 4.93 -19.59
CA GLN B 58 -20.48 5.08 -18.41
C GLN B 58 -21.07 4.43 -17.15
N ASN B 59 -22.37 4.57 -16.95
CA ASN B 59 -23.08 3.96 -15.82
C ASN B 59 -22.85 2.46 -15.73
N LEU B 60 -22.85 1.79 -16.88
CA LEU B 60 -22.63 0.35 -16.89
C LEU B 60 -21.17 0.04 -16.62
N VAL B 61 -20.30 0.80 -17.28
CA VAL B 61 -18.86 0.61 -17.16
C VAL B 61 -18.47 0.74 -15.69
N ASP B 62 -18.74 1.91 -15.10
CA ASP B 62 -18.40 2.14 -13.66
C ASP B 62 -19.08 1.20 -12.65
N CYS B 63 -20.35 0.82 -12.89
CA CYS B 63 -21.17 0.26 -11.80
C CYS B 63 -21.50 -1.22 -11.84
N SER B 64 -21.24 -1.90 -12.95
CA SER B 64 -21.44 -3.35 -13.00
C SER B 64 -20.10 -4.08 -13.04
N ASN B 65 -19.04 -3.33 -12.77
CA ASN B 65 -17.68 -3.84 -12.73
C ASN B 65 -17.47 -4.58 -11.42
N GLU B 66 -17.95 -5.81 -11.35
CA GLU B 66 -17.83 -6.63 -10.13
C GLU B 66 -18.18 -8.08 -10.42
N GLU B 67 -17.88 -8.96 -9.46
CA GLU B 67 -18.04 -10.41 -9.61
C GLU B 67 -19.50 -10.78 -9.79
N LYS B 68 -20.39 -10.04 -9.14
CA LYS B 68 -21.83 -10.24 -9.27
C LYS B 68 -22.25 -10.38 -10.75
N TYR B 69 -21.69 -9.53 -11.60
CA TYR B 69 -22.10 -9.43 -13.01
C TYR B 69 -21.12 -10.04 -14.00
N GLY B 70 -19.83 -9.94 -13.72
CA GLY B 70 -18.80 -10.50 -14.61
C GLY B 70 -18.34 -9.54 -15.67
N ASN B 71 -18.86 -8.31 -15.65
CA ASN B 71 -18.35 -7.25 -16.51
C ASN B 71 -17.05 -6.72 -15.91
N LYS B 72 -16.16 -6.24 -16.77
CA LYS B 72 -14.82 -5.86 -16.39
C LYS B 72 -14.52 -4.44 -16.82
N GLY B 73 -15.55 -3.60 -16.88
CA GLY B 73 -15.40 -2.21 -17.29
C GLY B 73 -14.80 -2.00 -18.67
N CYS B 74 -13.68 -1.29 -18.72
CA CYS B 74 -12.96 -1.05 -19.95
C CYS B 74 -12.22 -2.30 -20.41
N GLY B 75 -12.29 -3.38 -19.65
CA GLY B 75 -11.69 -4.66 -20.04
C GLY B 75 -12.65 -5.63 -20.69
N GLY B 76 -13.90 -5.20 -20.89
CA GLY B 76 -14.91 -6.00 -21.58
C GLY B 76 -16.06 -6.44 -20.69
N GLY B 77 -17.10 -6.99 -21.32
CA GLY B 77 -18.29 -7.37 -20.58
C GLY B 77 -19.37 -7.92 -21.47
N TYR B 78 -20.56 -8.10 -20.90
CA TYR B 78 -21.65 -8.78 -21.56
C TYR B 78 -22.89 -7.94 -21.52
N MET B 79 -23.62 -7.89 -22.63
CA MET B 79 -24.82 -7.08 -22.71
C MET B 79 -25.91 -7.61 -21.78
N THR B 80 -26.00 -8.94 -21.62
CA THR B 80 -27.05 -9.51 -20.79
C THR B 80 -26.85 -9.16 -19.31
N GLU B 81 -25.60 -9.16 -18.89
CA GLU B 81 -25.23 -8.77 -17.54
C GLU B 81 -25.41 -7.28 -17.31
N ALA B 82 -25.24 -6.46 -18.35
CA ALA B 82 -25.57 -5.04 -18.23
C ALA B 82 -27.07 -4.87 -17.96
N PHE B 83 -27.91 -5.62 -18.68
CA PHE B 83 -29.36 -5.57 -18.49
C PHE B 83 -29.68 -5.98 -17.04
N GLN B 84 -29.04 -7.05 -16.58
CA GLN B 84 -29.27 -7.54 -15.23
C GLN B 84 -28.90 -6.47 -14.18
N TYR B 85 -27.79 -5.78 -14.39
CA TYR B 85 -27.44 -4.69 -13.50
C TYR B 85 -28.58 -3.68 -13.44
N ILE B 86 -29.09 -3.29 -14.61
CA ILE B 86 -30.10 -2.23 -14.68
C ILE B 86 -31.36 -2.67 -13.93
N ILE B 87 -31.76 -3.93 -14.11
CA ILE B 87 -32.84 -4.55 -13.34
C ILE B 87 -32.56 -4.45 -11.82
N ASP B 88 -31.47 -5.09 -11.38
CA ASP B 88 -31.00 -5.06 -9.99
C ASP B 88 -30.96 -3.63 -9.38
N ASN B 89 -30.47 -2.68 -10.15
CA ASN B 89 -30.25 -1.30 -9.72
C ASN B 89 -31.51 -0.45 -9.76
N GLY B 90 -32.54 -0.97 -10.43
CA GLY B 90 -33.78 -0.25 -10.62
C GLY B 90 -33.64 0.98 -11.51
N GLY B 91 -32.67 0.98 -12.43
CA GLY B 91 -32.49 2.13 -13.30
C GLY B 91 -31.11 2.35 -13.91
N ILE B 92 -31.08 3.27 -14.86
CA ILE B 92 -29.86 3.75 -15.48
C ILE B 92 -30.05 5.23 -15.75
N GLU B 93 -28.99 6.00 -15.67
CA GLU B 93 -29.03 7.41 -16.06
C GLU B 93 -28.87 7.61 -17.56
N ALA B 94 -29.32 8.78 -17.99
CA ALA B 94 -29.08 9.28 -19.30
C ALA B 94 -27.62 9.64 -19.47
N ASP B 95 -27.19 9.70 -20.72
CA ASP B 95 -25.82 10.05 -21.04
C ASP B 95 -25.52 11.47 -20.59
N ALA B 96 -26.46 12.37 -20.83
CA ALA B 96 -26.28 13.80 -20.59
C ALA B 96 -25.94 14.12 -19.13
N SER B 97 -26.34 13.26 -18.18
CA SER B 97 -26.06 13.49 -16.76
C SER B 97 -24.95 12.59 -16.21
N TYR B 98 -24.64 11.51 -16.92
CA TYR B 98 -23.54 10.61 -16.57
C TYR B 98 -22.77 10.34 -17.88
N PRO B 99 -21.99 11.33 -18.35
CA PRO B 99 -21.38 11.24 -19.68
C PRO B 99 -20.23 10.25 -19.81
N TYR B 100 -19.85 9.94 -21.04
CA TYR B 100 -18.83 8.94 -21.29
C TYR B 100 -17.41 9.47 -21.13
N LYS B 101 -16.60 8.79 -20.33
CA LYS B 101 -15.20 9.21 -20.10
C LYS B 101 -14.13 8.23 -20.61
N ALA B 102 -14.54 7.14 -21.23
CA ALA B 102 -13.63 6.10 -21.72
C ALA B 102 -12.55 5.67 -20.68
N MET B 103 -12.96 5.57 -19.42
N MET B 103 -12.98 5.55 -19.43
CA MET B 103 -12.07 5.20 -18.33
CA MET B 103 -12.10 5.19 -18.33
C MET B 103 -12.90 4.52 -17.26
C MET B 103 -12.92 4.48 -17.28
N ASP B 104 -12.26 3.64 -16.47
CA ASP B 104 -12.93 3.05 -15.32
C ASP B 104 -12.96 4.12 -14.22
N GLU B 105 -14.13 4.42 -13.70
CA GLU B 105 -14.29 5.41 -12.63
C GLU B 105 -15.14 4.81 -11.52
N LYS B 106 -15.21 5.51 -10.38
CA LYS B 106 -16.04 5.03 -9.29
C LYS B 106 -17.51 5.30 -9.61
N CYS B 107 -18.37 4.37 -9.22
CA CYS B 107 -19.78 4.47 -9.51
C CYS B 107 -20.45 5.56 -8.71
N HIS B 108 -20.93 6.61 -9.39
CA HIS B 108 -21.71 7.69 -8.79
C HIS B 108 -23.14 7.77 -9.36
N TYR B 109 -23.81 6.62 -9.41
CA TYR B 109 -25.20 6.54 -9.84
C TYR B 109 -26.11 7.33 -8.89
N ASN B 110 -27.17 7.93 -9.44
CA ASN B 110 -28.08 8.77 -8.68
C ASN B 110 -29.52 8.61 -9.19
N SER B 111 -30.34 7.90 -8.43
CA SER B 111 -31.70 7.56 -8.85
C SER B 111 -32.53 8.78 -9.25
N LYS B 112 -32.20 9.96 -8.73
CA LYS B 112 -32.92 11.18 -9.11
C LYS B 112 -32.68 11.61 -10.56
N ASN B 113 -31.65 11.04 -11.18
CA ASN B 113 -31.40 11.21 -12.62
C ASN B 113 -31.80 9.97 -13.47
N ARG B 114 -32.43 8.98 -12.85
CA ARG B 114 -32.86 7.79 -13.60
C ARG B 114 -33.66 8.18 -14.82
N ALA B 115 -33.27 7.65 -15.98
CA ALA B 115 -33.93 7.96 -17.26
C ALA B 115 -34.55 6.75 -17.96
N ALA B 116 -34.27 5.55 -17.44
CA ALA B 116 -34.82 4.30 -17.95
C ALA B 116 -34.75 3.22 -16.92
N THR B 117 -35.56 2.20 -17.15
CA THR B 117 -35.63 1.03 -16.33
C THR B 117 -35.60 -0.20 -17.21
N CYS B 118 -35.45 -1.34 -16.58
CA CYS B 118 -35.48 -2.60 -17.27
C CYS B 118 -36.08 -3.63 -16.33
N SER B 119 -37.08 -4.35 -16.81
CA SER B 119 -37.79 -5.35 -16.01
C SER B 119 -37.31 -6.78 -16.28
N ARG B 120 -36.98 -7.08 -17.53
CA ARG B 120 -36.34 -8.34 -17.87
C ARG B 120 -35.59 -8.22 -19.18
N TYR B 121 -34.90 -9.30 -19.56
CA TYR B 121 -34.34 -9.41 -20.91
C TYR B 121 -34.61 -10.77 -21.53
N ILE B 122 -34.58 -10.80 -22.87
CA ILE B 122 -34.90 -12.03 -23.61
C ILE B 122 -33.64 -12.46 -24.37
N GLN B 123 -33.32 -13.75 -24.31
CA GLN B 123 -32.24 -14.32 -25.14
C GLN B 123 -32.83 -15.12 -26.29
N LEU B 124 -32.24 -14.97 -27.46
CA LEU B 124 -32.77 -15.65 -28.63
C LEU B 124 -31.99 -16.95 -28.80
N PRO B 125 -32.56 -17.91 -29.53
CA PRO B 125 -31.89 -19.21 -29.68
C PRO B 125 -30.58 -19.09 -30.43
N PHE B 126 -29.61 -19.88 -30.01
CA PHE B 126 -28.27 -19.86 -30.56
C PHE B 126 -28.22 -20.11 -32.06
N GLY B 127 -27.67 -19.15 -32.81
CA GLY B 127 -27.39 -19.30 -34.23
C GLY B 127 -28.59 -19.17 -35.16
N ASP B 128 -29.74 -18.80 -34.59
CA ASP B 128 -30.99 -18.80 -35.32
C ASP B 128 -31.27 -17.42 -35.92
N GLU B 129 -30.82 -17.25 -37.15
CA GLU B 129 -30.99 -15.97 -37.84
C GLU B 129 -32.44 -15.65 -38.15
N ASP B 130 -33.28 -16.69 -38.27
CA ASP B 130 -34.73 -16.49 -38.45
C ASP B 130 -35.36 -15.85 -37.18
N ALA B 131 -35.00 -16.36 -36.01
CA ALA B 131 -35.39 -15.78 -34.73
C ALA B 131 -34.89 -14.32 -34.63
N LEU B 132 -33.63 -14.09 -35.00
CA LEU B 132 -33.09 -12.73 -34.96
C LEU B 132 -33.90 -11.81 -35.87
N LYS B 133 -34.29 -12.30 -37.05
CA LYS B 133 -35.11 -11.49 -37.97
C LYS B 133 -36.46 -11.06 -37.37
N GLU B 134 -37.13 -12.02 -36.75
CA GLU B 134 -38.42 -11.81 -36.13
C GLU B 134 -38.29 -10.78 -35.00
N ALA B 135 -37.26 -10.92 -34.16
CA ALA B 135 -37.02 -10.00 -33.04
C ALA B 135 -36.71 -8.57 -33.58
N VAL B 136 -35.84 -8.45 -34.58
CA VAL B 136 -35.53 -7.11 -35.11
C VAL B 136 -36.81 -6.52 -35.71
N ALA B 137 -37.59 -7.35 -36.43
CA ALA B 137 -38.82 -6.89 -37.08
C ALA B 137 -39.91 -6.43 -36.09
N THR B 138 -40.10 -7.20 -35.01
CA THR B 138 -41.25 -7.04 -34.10
C THR B 138 -40.93 -6.52 -32.67
N LYS B 139 -39.68 -6.50 -32.27
CA LYS B 139 -39.36 -6.03 -30.95
C LYS B 139 -38.60 -4.70 -30.98
N GLY B 140 -37.59 -4.60 -31.83
CA GLY B 140 -36.71 -3.43 -31.88
C GLY B 140 -35.27 -3.83 -32.07
N PRO B 141 -34.34 -2.87 -31.83
CA PRO B 141 -32.93 -3.19 -31.95
C PRO B 141 -32.47 -4.28 -30.96
N VAL B 142 -31.58 -5.14 -31.41
CA VAL B 142 -31.18 -6.32 -30.66
C VAL B 142 -29.66 -6.29 -30.45
N SER B 143 -29.23 -6.52 -29.22
CA SER B 143 -27.82 -6.61 -28.87
C SER B 143 -27.26 -7.94 -29.33
N VAL B 144 -26.15 -7.92 -30.04
CA VAL B 144 -25.48 -9.15 -30.53
C VAL B 144 -23.96 -9.20 -30.33
N GLY B 145 -23.39 -10.40 -30.35
CA GLY B 145 -21.95 -10.56 -30.39
C GLY B 145 -21.54 -10.93 -31.79
N ILE B 146 -20.42 -10.37 -32.24
CA ILE B 146 -19.80 -10.74 -33.53
C ILE B 146 -18.31 -10.98 -33.43
N ASP B 147 -17.79 -11.78 -34.38
CA ASP B 147 -16.37 -11.76 -34.67
C ASP B 147 -16.01 -10.52 -35.48
N ALA B 148 -15.45 -9.49 -34.81
CA ALA B 148 -15.00 -8.26 -35.45
C ALA B 148 -13.49 -8.15 -35.27
N SER B 149 -12.80 -9.31 -35.30
CA SER B 149 -11.34 -9.36 -35.06
C SER B 149 -10.51 -9.31 -36.34
N HIS B 150 -11.15 -9.21 -37.52
CA HIS B 150 -10.41 -9.25 -38.78
C HIS B 150 -10.26 -7.85 -39.34
N SER B 151 -9.10 -7.54 -39.91
CA SER B 151 -8.84 -6.15 -40.36
C SER B 151 -9.78 -5.67 -41.47
N SER B 152 -10.28 -6.61 -42.28
CA SER B 152 -11.31 -6.33 -43.29
C SER B 152 -12.54 -5.61 -42.68
N PHE B 153 -12.85 -5.92 -41.43
CA PHE B 153 -13.98 -5.29 -40.74
C PHE B 153 -13.76 -3.78 -40.74
N PHE B 154 -12.51 -3.34 -40.55
CA PHE B 154 -12.20 -1.90 -40.56
C PHE B 154 -11.90 -1.24 -41.90
N PHE B 155 -11.67 -2.06 -42.92
CA PHE B 155 -11.50 -1.57 -44.29
C PHE B 155 -12.87 -1.38 -44.95
N TYR B 156 -13.92 -2.03 -44.44
CA TYR B 156 -15.29 -1.86 -44.99
C TYR B 156 -15.76 -0.39 -45.16
N LYS B 157 -16.30 -0.06 -46.34
CA LYS B 157 -16.89 1.27 -46.61
C LYS B 157 -18.34 1.21 -47.09
N SER B 158 -18.70 0.14 -47.81
CA SER B 158 -20.02 0.02 -48.43
C SER B 158 -20.28 -1.43 -48.84
N GLY B 159 -21.51 -1.70 -49.26
CA GLY B 159 -21.91 -3.03 -49.67
C GLY B 159 -22.20 -3.89 -48.44
N VAL B 160 -21.91 -5.16 -48.55
CA VAL B 160 -22.25 -6.12 -47.49
C VAL B 160 -21.01 -6.89 -47.10
N TYR B 161 -20.57 -6.73 -45.86
CA TYR B 161 -19.37 -7.37 -45.31
C TYR B 161 -19.58 -8.88 -45.28
N ASP B 162 -18.72 -9.63 -45.96
CA ASP B 162 -18.84 -11.08 -45.97
C ASP B 162 -17.45 -11.72 -46.15
N ASP B 163 -16.58 -11.54 -45.16
CA ASP B 163 -15.20 -11.99 -45.29
C ASP B 163 -15.18 -13.49 -44.94
N PRO B 164 -14.69 -14.36 -45.85
CA PRO B 164 -14.71 -15.79 -45.54
C PRO B 164 -13.78 -16.22 -44.40
N SER B 165 -12.85 -15.33 -44.04
CA SER B 165 -12.05 -15.55 -42.84
C SER B 165 -12.75 -15.36 -41.49
N CYS B 166 -13.98 -14.84 -41.50
N CYS B 166 -13.98 -14.87 -41.49
CA CYS B 166 -14.72 -14.59 -40.25
CA CYS B 166 -14.67 -14.65 -40.23
C CYS B 166 -15.07 -15.96 -39.63
C CYS B 166 -15.12 -15.98 -39.63
N THR B 167 -15.14 -16.02 -38.30
CA THR B 167 -15.53 -17.24 -37.55
C THR B 167 -16.74 -16.95 -36.65
N GLY B 168 -17.25 -17.98 -35.98
CA GLY B 168 -18.32 -17.85 -35.00
C GLY B 168 -17.82 -17.59 -33.57
N ASN B 169 -16.52 -17.41 -33.42
CA ASN B 169 -15.96 -17.03 -32.14
C ASN B 169 -16.07 -15.51 -32.01
N VAL B 170 -17.08 -15.10 -31.25
CA VAL B 170 -17.40 -13.70 -31.11
C VAL B 170 -16.51 -13.01 -30.08
N ASN B 171 -16.35 -11.72 -30.27
CA ASN B 171 -15.45 -10.93 -29.48
C ASN B 171 -15.87 -9.47 -29.27
N HIS B 172 -16.88 -8.99 -29.98
CA HIS B 172 -17.36 -7.61 -29.87
C HIS B 172 -18.86 -7.57 -29.81
N GLY B 173 -19.39 -6.76 -28.91
CA GLY B 173 -20.79 -6.50 -28.81
C GLY B 173 -21.17 -5.28 -29.63
N VAL B 174 -22.28 -5.41 -30.32
CA VAL B 174 -22.75 -4.40 -31.28
C VAL B 174 -24.27 -4.46 -31.30
N LEU B 175 -24.91 -3.59 -32.09
CA LEU B 175 -26.38 -3.51 -32.14
C LEU B 175 -26.99 -3.67 -33.55
N VAL B 176 -27.89 -4.64 -33.71
CA VAL B 176 -28.61 -4.84 -34.96
C VAL B 176 -29.83 -3.96 -34.93
N VAL B 177 -29.86 -2.97 -35.83
CA VAL B 177 -30.93 -2.01 -35.93
C VAL B 177 -31.80 -2.21 -37.15
N GLY B 178 -31.54 -3.26 -37.93
CA GLY B 178 -32.39 -3.54 -39.07
C GLY B 178 -31.81 -4.64 -39.95
N TYR B 179 -32.41 -4.80 -41.12
CA TYR B 179 -31.96 -5.79 -42.08
C TYR B 179 -32.57 -5.48 -43.41
N GLY B 180 -32.01 -6.06 -44.44
CA GLY B 180 -32.65 -6.02 -45.76
C GLY B 180 -31.82 -6.81 -46.77
N THR B 181 -31.86 -6.33 -48.00
CA THR B 181 -31.16 -6.97 -49.11
C THR B 181 -30.56 -5.87 -49.98
N LEU B 182 -29.23 -5.85 -50.11
CA LEU B 182 -28.55 -4.83 -50.89
C LEU B 182 -27.88 -5.48 -52.09
N ASP B 183 -28.26 -5.06 -53.29
CA ASP B 183 -27.70 -5.60 -54.54
C ASP B 183 -27.71 -7.14 -54.50
N GLY B 184 -28.84 -7.66 -54.04
CA GLY B 184 -29.06 -9.10 -53.98
C GLY B 184 -28.43 -9.86 -52.84
N LYS B 185 -27.81 -9.17 -51.87
CA LYS B 185 -27.17 -9.84 -50.73
C LYS B 185 -27.90 -9.42 -49.46
N ASP B 186 -28.42 -10.41 -48.73
CA ASP B 186 -29.11 -10.20 -47.46
C ASP B 186 -28.10 -9.67 -46.44
N TYR B 187 -28.52 -8.72 -45.63
CA TYR B 187 -27.58 -8.13 -44.67
C TYR B 187 -28.31 -7.88 -43.34
N TRP B 188 -27.53 -7.77 -42.28
CA TRP B 188 -27.98 -7.19 -41.00
C TRP B 188 -27.36 -5.78 -40.94
N LEU B 189 -28.15 -4.81 -40.46
CA LEU B 189 -27.70 -3.45 -40.33
C LEU B 189 -27.18 -3.27 -38.89
N VAL B 190 -25.88 -3.11 -38.74
CA VAL B 190 -25.24 -3.11 -37.45
C VAL B 190 -24.68 -1.75 -37.11
N LYS B 191 -25.13 -1.25 -35.97
CA LYS B 191 -24.57 -0.06 -35.30
C LYS B 191 -23.38 -0.38 -34.42
N ASN B 192 -22.26 0.28 -34.68
CA ASN B 192 -21.05 0.07 -33.86
C ASN B 192 -20.82 1.30 -33.00
N SER B 193 -19.73 1.26 -32.23
CA SER B 193 -19.41 2.32 -31.26
C SER B 193 -17.95 2.83 -31.48
N TRP B 194 -17.60 3.02 -32.77
CA TRP B 194 -16.28 3.51 -33.18
C TRP B 194 -16.43 4.86 -33.88
N GLY B 195 -17.50 5.58 -33.56
CA GLY B 195 -17.79 6.87 -34.20
C GLY B 195 -18.20 6.83 -35.66
N LEU B 196 -18.39 8.02 -36.24
CA LEU B 196 -18.86 8.13 -37.61
C LEU B 196 -17.85 7.71 -38.66
N ASN B 197 -16.55 7.67 -38.32
CA ASN B 197 -15.55 7.32 -39.31
C ASN B 197 -15.42 5.82 -39.52
N PHE B 198 -15.98 5.02 -38.61
CA PHE B 198 -16.09 3.60 -38.88
C PHE B 198 -17.13 3.28 -39.96
N GLY B 199 -16.77 2.43 -40.90
CA GLY B 199 -17.73 1.80 -41.80
C GLY B 199 -18.44 2.83 -42.66
N ASP B 200 -19.77 2.71 -42.71
CA ASP B 200 -20.62 3.62 -43.45
C ASP B 200 -21.34 4.50 -42.44
N GLN B 201 -20.70 5.62 -42.07
CA GLN B 201 -21.21 6.54 -41.04
C GLN B 201 -21.51 5.88 -39.70
N GLY B 202 -20.63 4.98 -39.29
CA GLY B 202 -20.80 4.31 -38.02
C GLY B 202 -21.42 2.95 -38.08
N TYR B 203 -21.93 2.56 -39.25
CA TYR B 203 -22.68 1.30 -39.45
C TYR B 203 -21.95 0.33 -40.37
N ILE B 204 -22.24 -0.97 -40.22
CA ILE B 204 -21.73 -1.93 -41.17
C ILE B 204 -22.89 -2.87 -41.52
N ARG B 205 -23.04 -3.19 -42.81
CA ARG B 205 -24.00 -4.19 -43.24
C ARG B 205 -23.26 -5.52 -43.29
N MET B 206 -23.74 -6.47 -42.52
CA MET B 206 -23.09 -7.75 -42.37
C MET B 206 -23.93 -8.86 -42.94
N ALA B 207 -23.28 -9.79 -43.60
CA ALA B 207 -23.97 -10.86 -44.30
C ALA B 207 -25.00 -11.56 -43.44
N ARG B 208 -26.20 -11.69 -43.97
CA ARG B 208 -27.30 -12.37 -43.34
C ARG B 208 -27.70 -13.61 -44.14
N ASN B 209 -28.12 -14.62 -43.41
CA ASN B 209 -28.53 -15.91 -43.97
C ASN B 209 -27.38 -16.67 -44.58
N ASN B 210 -26.15 -16.29 -44.22
CA ASN B 210 -24.97 -17.00 -44.66
C ASN B 210 -24.34 -17.80 -43.52
N LYS B 211 -25.05 -18.83 -43.07
CA LYS B 211 -24.60 -19.77 -42.02
C LYS B 211 -24.06 -19.06 -40.77
N ASN B 212 -24.85 -18.11 -40.25
CA ASN B 212 -24.52 -17.42 -38.99
C ASN B 212 -23.14 -16.80 -39.12
N HIS B 213 -22.98 -15.99 -40.17
CA HIS B 213 -21.71 -15.39 -40.48
C HIS B 213 -21.22 -14.41 -39.37
N CYS B 214 -19.97 -14.59 -38.96
CA CYS B 214 -19.32 -13.82 -37.85
C CYS B 214 -19.98 -14.10 -36.47
N GLY B 215 -20.79 -15.16 -36.39
CA GLY B 215 -21.51 -15.53 -35.20
C GLY B 215 -22.56 -14.53 -34.81
N ILE B 216 -23.03 -13.77 -35.80
CA ILE B 216 -23.97 -12.71 -35.48
C ILE B 216 -25.24 -13.08 -34.74
N ALA B 217 -25.75 -14.31 -34.95
CA ALA B 217 -26.97 -14.77 -34.32
C ALA B 217 -26.67 -15.75 -33.17
N SER B 218 -25.44 -15.83 -32.70
CA SER B 218 -25.08 -16.78 -31.65
C SER B 218 -25.53 -16.35 -30.27
N TYR B 219 -25.36 -15.07 -29.95
CA TYR B 219 -25.62 -14.56 -28.59
C TYR B 219 -26.41 -13.23 -28.63
N CYS B 220 -27.70 -13.33 -28.92
CA CYS B 220 -28.56 -12.16 -29.16
C CYS B 220 -29.44 -11.99 -27.92
N SER B 221 -29.69 -10.75 -27.53
CA SER B 221 -30.51 -10.44 -26.34
C SER B 221 -31.13 -9.08 -26.52
N TYR B 222 -32.26 -8.80 -25.89
CA TYR B 222 -32.79 -7.45 -25.86
C TYR B 222 -33.50 -7.24 -24.53
N PRO B 223 -33.68 -5.97 -24.15
CA PRO B 223 -34.26 -5.74 -22.85
C PRO B 223 -35.71 -5.43 -23.00
N GLU B 224 -36.43 -5.56 -21.89
CA GLU B 224 -37.82 -5.24 -21.80
C GLU B 224 -37.92 -4.19 -20.71
N ILE B 225 -38.57 -3.10 -21.03
CA ILE B 225 -38.84 -2.09 -20.04
C ILE B 225 -40.07 -2.61 -19.32
N THR C 7 -9.55 13.32 -15.60
CA THR C 7 -8.19 13.26 -15.00
C THR C 7 -7.44 12.06 -15.53
N LEU C 8 -6.20 12.29 -15.95
CA LEU C 8 -5.41 11.24 -16.55
C LEU C 8 -4.79 10.33 -15.48
N PRO C 9 -4.54 9.07 -15.83
CA PRO C 9 -3.83 8.19 -14.91
C PRO C 9 -2.41 8.64 -14.63
N ASP C 10 -1.92 8.36 -13.43
CA ASP C 10 -0.54 8.68 -13.07
C ASP C 10 0.45 7.81 -13.86
N THR C 11 0.05 6.58 -14.16
CA THR C 11 0.95 5.64 -14.82
C THR C 11 0.20 4.92 -15.91
N VAL C 12 0.83 4.77 -17.09
CA VAL C 12 0.31 4.07 -18.24
C VAL C 12 1.43 3.18 -18.79
N ASP C 13 1.08 1.93 -19.13
CA ASP C 13 1.98 1.00 -19.83
C ASP C 13 1.13 0.14 -20.76
N TRP C 14 1.20 0.44 -22.06
CA TRP C 14 0.39 -0.26 -23.06
C TRP C 14 0.80 -1.71 -23.24
N ARG C 15 2.04 -2.09 -22.84
CA ARG C 15 2.46 -3.52 -22.78
C ARG C 15 1.54 -4.37 -21.91
N GLU C 16 1.01 -3.77 -20.83
CA GLU C 16 0.12 -4.47 -19.91
C GLU C 16 -1.30 -4.72 -20.50
N LYS C 17 -1.68 -3.94 -21.51
CA LYS C 17 -2.97 -4.11 -22.20
C LYS C 17 -2.82 -4.95 -23.47
N GLY C 18 -1.66 -5.57 -23.66
CA GLY C 18 -1.39 -6.39 -24.83
C GLY C 18 -1.32 -5.66 -26.15
N CYS C 19 -0.91 -4.39 -26.09
CA CYS C 19 -0.97 -3.51 -27.26
C CYS C 19 0.39 -3.26 -27.93
N VAL C 20 1.44 -3.92 -27.45
CA VAL C 20 2.80 -3.69 -27.90
C VAL C 20 3.49 -5.02 -28.29
N THR C 21 4.04 -5.09 -29.49
CA THR C 21 4.71 -6.30 -29.97
C THR C 21 6.11 -6.49 -29.40
N GLU C 22 6.73 -7.63 -29.75
CA GLU C 22 8.11 -7.87 -29.35
C GLU C 22 8.96 -6.76 -29.91
N VAL C 23 10.03 -6.44 -29.19
CA VAL C 23 11.02 -5.48 -29.61
C VAL C 23 11.72 -6.03 -30.84
N LYS C 24 11.86 -5.18 -31.85
CA LYS C 24 12.55 -5.56 -33.09
C LYS C 24 14.00 -5.07 -33.12
N TYR C 25 14.76 -5.61 -34.08
CA TYR C 25 16.17 -5.26 -34.27
C TYR C 25 16.40 -4.72 -35.68
N GLN C 26 16.71 -3.42 -35.81
CA GLN C 26 16.82 -2.79 -37.13
C GLN C 26 18.12 -3.06 -37.89
N GLY C 27 19.14 -3.55 -37.21
CA GLY C 27 20.44 -3.86 -37.83
C GLY C 27 21.09 -2.60 -38.32
N SER C 28 21.83 -2.67 -39.43
N SER C 28 21.81 -2.72 -39.45
CA SER C 28 22.49 -1.47 -39.96
CA SER C 28 22.53 -1.60 -40.08
C SER C 28 21.66 -0.70 -40.98
C SER C 28 21.66 -0.70 -40.97
N CYS C 29 20.38 -1.00 -41.07
CA CYS C 29 19.49 -0.26 -41.92
C CYS C 29 18.85 0.85 -41.06
N GLY C 30 18.88 2.09 -41.55
CA GLY C 30 18.31 3.23 -40.82
C GLY C 30 16.79 3.27 -40.89
N ALA C 31 16.15 2.25 -40.35
CA ALA C 31 14.70 2.06 -40.49
C ALA C 31 13.93 2.37 -39.18
N CYS C 32 14.57 3.03 -38.22
CA CYS C 32 13.91 3.42 -36.92
C CYS C 32 12.52 4.09 -37.09
N TRP C 33 12.42 4.94 -38.08
CA TRP C 33 11.18 5.54 -38.49
C TRP C 33 10.10 4.53 -38.90
N ALA C 34 10.48 3.46 -39.61
CA ALA C 34 9.53 2.44 -40.05
C ALA C 34 9.04 1.61 -38.84
N PHE C 35 9.94 1.29 -37.92
CA PHE C 35 9.60 0.50 -36.73
C PHE C 35 8.74 1.32 -35.77
N SER C 36 9.01 2.61 -35.69
CA SER C 36 8.18 3.52 -34.89
C SER C 36 6.77 3.57 -35.46
N ALA C 37 6.65 3.78 -36.76
CA ALA C 37 5.35 3.86 -37.39
C ALA C 37 4.55 2.57 -37.31
N VAL C 38 5.16 1.40 -37.55
CA VAL C 38 4.40 0.15 -37.39
C VAL C 38 3.99 -0.09 -35.93
N GLY C 39 4.81 0.36 -35.00
CA GLY C 39 4.49 0.18 -33.61
C GLY C 39 3.24 0.95 -33.19
N ALA C 40 3.11 2.17 -33.66
CA ALA C 40 1.91 2.96 -33.39
C ALA C 40 0.69 2.28 -34.03
N LEU C 41 0.87 1.76 -35.24
CA LEU C 41 -0.29 1.24 -35.98
C LEU C 41 -0.71 -0.10 -35.36
N GLU C 42 0.27 -0.88 -34.92
CA GLU C 42 0.10 -2.13 -34.18
C GLU C 42 -0.75 -1.90 -32.92
N GLY C 43 -0.44 -0.84 -32.21
CA GLY C 43 -1.27 -0.51 -31.04
C GLY C 43 -2.74 -0.27 -31.39
N GLN C 44 -2.99 0.51 -32.43
CA GLN C 44 -4.33 0.86 -32.83
C GLN C 44 -5.07 -0.36 -33.37
N LEU C 45 -4.34 -1.25 -34.05
CA LEU C 45 -4.94 -2.50 -34.53
C LEU C 45 -5.46 -3.38 -33.38
N LYS C 46 -4.66 -3.52 -32.34
CA LYS C 46 -5.04 -4.32 -31.19
C LYS C 46 -6.26 -3.70 -30.49
N LEU C 47 -6.28 -2.37 -30.34
CA LEU C 47 -7.41 -1.71 -29.66
C LEU C 47 -8.71 -1.90 -30.41
N LYS C 48 -8.63 -1.86 -31.75
CA LYS C 48 -9.80 -2.00 -32.61
C LYS C 48 -10.22 -3.46 -32.81
N THR C 49 -9.29 -4.36 -33.15
CA THR C 49 -9.69 -5.76 -33.46
C THR C 49 -9.50 -6.76 -32.32
N GLY C 50 -8.71 -6.42 -31.31
CA GLY C 50 -8.35 -7.37 -30.26
C GLY C 50 -7.17 -8.29 -30.59
N LYS C 51 -6.58 -8.15 -31.77
CA LYS C 51 -5.45 -8.99 -32.17
C LYS C 51 -4.17 -8.19 -32.17
N LEU C 52 -3.11 -8.76 -31.58
CA LEU C 52 -1.80 -8.13 -31.64
C LEU C 52 -0.99 -8.81 -32.73
N ILE C 53 -0.62 -8.03 -33.73
CA ILE C 53 0.12 -8.52 -34.90
C ILE C 53 1.26 -7.60 -35.24
N SER C 54 2.47 -8.14 -35.38
CA SER C 54 3.58 -7.32 -35.86
C SER C 54 3.38 -6.92 -37.32
N LEU C 55 3.49 -5.63 -37.62
CA LEU C 55 3.27 -5.15 -38.98
C LEU C 55 4.58 -4.95 -39.71
N SER C 56 4.55 -4.87 -41.03
CA SER C 56 5.77 -4.95 -41.82
C SER C 56 6.56 -3.64 -41.95
N ALA C 57 7.64 -3.52 -41.18
CA ALA C 57 8.58 -2.39 -41.34
C ALA C 57 9.24 -2.45 -42.72
N GLN C 58 9.53 -3.66 -43.18
CA GLN C 58 10.10 -3.82 -44.54
C GLN C 58 9.19 -3.18 -45.61
N ASN C 59 7.87 -3.34 -45.50
CA ASN C 59 6.89 -2.75 -46.43
C ASN C 59 7.04 -1.25 -46.56
N LEU C 60 7.29 -0.58 -45.44
CA LEU C 60 7.48 0.87 -45.50
C LEU C 60 8.82 1.22 -46.10
N VAL C 61 9.87 0.51 -45.68
CA VAL C 61 11.23 0.72 -46.18
C VAL C 61 11.27 0.59 -47.70
N ASP C 62 10.85 -0.57 -48.21
CA ASP C 62 10.81 -0.83 -49.67
C ASP C 62 9.91 0.10 -50.48
N CYS C 63 8.69 0.36 -49.99
CA CYS C 63 7.64 0.96 -50.85
C CYS C 63 7.35 2.43 -50.69
N SER C 64 7.85 3.09 -49.65
CA SER C 64 7.64 4.55 -49.50
C SER C 64 8.89 5.36 -49.82
N ASN C 65 9.86 4.69 -50.44
CA ASN C 65 11.16 5.26 -50.78
C ASN C 65 11.07 6.01 -52.10
N GLU C 66 10.47 7.20 -52.07
CA GLU C 66 10.23 7.97 -53.30
C GLU C 66 9.86 9.42 -53.02
N GLU C 67 10.02 10.26 -54.06
CA GLU C 67 9.72 11.71 -54.03
C GLU C 67 8.41 12.00 -53.30
N LYS C 68 7.37 11.25 -53.65
CA LYS C 68 6.04 11.43 -53.09
C LYS C 68 6.06 11.61 -51.55
N TYR C 69 6.89 10.82 -50.88
CA TYR C 69 6.87 10.72 -49.40
C TYR C 69 8.03 11.39 -48.68
N GLY C 70 9.25 11.23 -49.20
CA GLY C 70 10.44 11.82 -48.57
C GLY C 70 11.21 10.83 -47.71
N ASN C 71 10.72 9.60 -47.66
CA ASN C 71 11.44 8.53 -46.97
C ASN C 71 12.53 8.01 -47.90
N LYS C 72 13.60 7.51 -47.30
CA LYS C 72 14.81 7.16 -48.03
C LYS C 72 15.27 5.77 -47.65
N GLY C 73 14.30 4.89 -47.37
CA GLY C 73 14.57 3.52 -46.98
C GLY C 73 15.47 3.35 -45.78
N CYS C 74 16.59 2.67 -45.99
CA CYS C 74 17.61 2.47 -44.98
C CYS C 74 18.41 3.73 -44.70
N GLY C 75 18.15 4.81 -45.43
CA GLY C 75 18.82 6.08 -45.19
C GLY C 75 18.04 7.04 -44.31
N GLY C 76 16.90 6.58 -43.80
CA GLY C 76 16.06 7.39 -42.91
C GLY C 76 14.74 7.82 -43.54
N GLY C 77 13.83 8.32 -42.68
CA GLY C 77 12.48 8.63 -43.11
C GLY C 77 11.68 9.20 -41.98
N TYR C 78 10.40 9.47 -42.24
CA TYR C 78 9.48 10.06 -41.27
C TYR C 78 8.29 9.19 -41.00
N MET C 79 7.87 9.14 -39.74
CA MET C 79 6.70 8.39 -39.33
C MET C 79 5.40 8.86 -39.97
N THR C 80 5.21 10.17 -40.13
CA THR C 80 3.95 10.68 -40.67
C THR C 80 3.80 10.33 -42.15
N GLU C 81 4.93 10.31 -42.83
CA GLU C 81 4.98 9.96 -44.25
C GLU C 81 4.83 8.46 -44.41
N ALA C 82 5.19 7.68 -43.39
CA ALA C 82 4.88 6.25 -43.42
C ALA C 82 3.37 6.04 -43.33
N PHE C 83 2.74 6.77 -42.42
CA PHE C 83 1.30 6.71 -42.23
C PHE C 83 0.63 7.11 -43.54
N GLN C 84 1.14 8.15 -44.19
CA GLN C 84 0.55 8.67 -45.43
C GLN C 84 0.63 7.62 -46.55
N TYR C 85 1.74 6.89 -46.59
CA TYR C 85 1.87 5.81 -47.57
C TYR C 85 0.80 4.77 -47.33
N ILE C 86 0.62 4.36 -46.08
CA ILE C 86 -0.30 3.28 -45.76
C ILE C 86 -1.71 3.68 -46.19
N ILE C 87 -2.09 4.93 -45.91
CA ILE C 87 -3.37 5.54 -46.32
C ILE C 87 -3.53 5.48 -47.85
N ASP C 88 -2.62 6.15 -48.57
CA ASP C 88 -2.52 6.13 -50.05
C ASP C 88 -2.63 4.73 -50.68
N ASN C 89 -1.95 3.77 -50.05
CA ASN C 89 -1.79 2.42 -50.58
C ASN C 89 -2.94 1.49 -50.20
N GLY C 90 -3.75 1.91 -49.23
CA GLY C 90 -4.90 1.11 -48.77
C GLY C 90 -4.51 -0.05 -47.89
N GLY C 91 -3.31 0.00 -47.31
CA GLY C 91 -2.88 -1.08 -46.45
C GLY C 91 -1.41 -1.21 -46.21
N ILE C 92 -1.09 -2.13 -45.31
CA ILE C 92 0.26 -2.57 -45.04
C ILE C 92 0.11 -4.04 -44.73
N GLU C 93 1.12 -4.84 -45.06
CA GLU C 93 1.15 -6.26 -44.72
C GLU C 93 1.69 -6.46 -43.30
N ALA C 94 1.40 -7.63 -42.77
CA ALA C 94 1.99 -8.07 -41.52
C ALA C 94 3.45 -8.41 -41.73
N ASP C 95 4.20 -8.46 -40.63
CA ASP C 95 5.60 -8.86 -40.69
C ASP C 95 5.77 -10.30 -41.17
N ALA C 96 4.92 -11.20 -40.67
CA ALA C 96 5.00 -12.63 -40.97
C ALA C 96 5.02 -12.93 -42.48
N SER C 97 4.40 -12.08 -43.28
CA SER C 97 4.33 -12.27 -44.73
C SER C 97 5.28 -11.38 -45.53
N TYR C 98 5.77 -10.29 -44.91
CA TYR C 98 6.68 -9.37 -45.53
C TYR C 98 7.78 -9.09 -44.49
N PRO C 99 8.70 -10.05 -44.29
CA PRO C 99 9.62 -9.98 -43.15
C PRO C 99 10.73 -8.96 -43.31
N TYR C 100 11.38 -8.64 -42.20
CA TYR C 100 12.43 -7.65 -42.20
C TYR C 100 13.77 -8.19 -42.71
N LYS C 101 14.35 -7.52 -43.70
CA LYS C 101 15.66 -7.92 -44.26
C LYS C 101 16.82 -6.94 -43.94
N ALA C 102 16.51 -5.76 -43.43
CA ALA C 102 17.52 -4.72 -43.17
C ALA C 102 18.30 -4.27 -44.43
N MET C 103 17.61 -4.20 -45.57
N MET C 103 17.62 -4.19 -45.58
CA MET C 103 18.20 -3.76 -46.84
CA MET C 103 18.22 -3.77 -46.83
C MET C 103 17.12 -3.08 -47.63
C MET C 103 17.12 -3.10 -47.65
N ASP C 104 17.52 -2.21 -48.57
CA ASP C 104 16.54 -1.57 -49.46
C ASP C 104 16.23 -2.59 -50.56
N GLU C 105 14.95 -2.87 -50.78
CA GLU C 105 14.56 -3.91 -51.72
C GLU C 105 13.40 -3.43 -52.55
N LYS C 106 13.13 -4.15 -53.64
CA LYS C 106 12.05 -3.79 -54.53
C LYS C 106 10.72 -4.03 -53.82
N CYS C 107 9.78 -3.12 -54.01
CA CYS C 107 8.46 -3.22 -53.41
C CYS C 107 7.63 -4.35 -54.01
N HIS C 108 7.32 -5.36 -53.18
CA HIS C 108 6.42 -6.45 -53.55
C HIS C 108 5.16 -6.53 -52.63
N TYR C 109 4.54 -5.39 -52.37
CA TYR C 109 3.30 -5.34 -51.62
C TYR C 109 2.16 -6.07 -52.35
N ASN C 110 1.43 -6.88 -51.60
CA ASN C 110 0.31 -7.66 -52.12
C ASN C 110 -0.96 -7.44 -51.26
N SER C 111 -1.95 -6.77 -51.81
CA SER C 111 -3.17 -6.42 -51.06
C SER C 111 -3.90 -7.64 -50.50
N LYS C 112 -3.70 -8.82 -51.06
CA LYS C 112 -4.32 -10.04 -50.49
C LYS C 112 -3.69 -10.46 -49.15
N ASN C 113 -2.55 -9.87 -48.80
CA ASN C 113 -1.94 -10.07 -47.48
C ASN C 113 -2.10 -8.87 -46.53
N ARG C 114 -2.87 -7.87 -46.95
CA ARG C 114 -3.16 -6.73 -46.10
C ARG C 114 -3.59 -7.15 -44.70
N ALA C 115 -2.94 -6.58 -43.69
CA ALA C 115 -3.19 -6.91 -42.29
C ALA C 115 -3.68 -5.71 -41.48
N ALA C 116 -3.59 -4.51 -42.04
CA ALA C 116 -4.00 -3.28 -41.38
C ALA C 116 -4.20 -2.19 -42.38
N THR C 117 -4.95 -1.19 -41.96
CA THR C 117 -5.22 -0.03 -42.75
C THR C 117 -5.03 1.22 -41.91
N CYS C 118 -5.08 2.35 -42.59
CA CYS C 118 -4.94 3.63 -41.96
C CYS C 118 -5.79 4.65 -42.68
N SER C 119 -6.64 5.37 -41.94
CA SER C 119 -7.52 6.38 -42.54
C SER C 119 -6.99 7.80 -42.39
N ARG C 120 -6.27 8.07 -41.31
CA ARG C 120 -5.60 9.35 -41.13
C ARG C 120 -4.56 9.26 -40.04
N TYR C 121 -3.83 10.35 -39.82
CA TYR C 121 -2.95 10.48 -38.68
C TYR C 121 -3.12 11.81 -37.97
N ILE C 122 -2.77 11.85 -36.69
CA ILE C 122 -2.88 13.08 -35.90
C ILE C 122 -1.47 13.50 -35.50
N GLN C 123 -1.19 14.81 -35.62
CA GLN C 123 0.07 15.38 -35.12
C GLN C 123 -0.21 16.17 -33.87
N LEU C 124 0.64 16.04 -32.85
CA LEU C 124 0.43 16.75 -31.61
C LEU C 124 1.18 18.08 -31.63
N PRO C 125 0.77 19.03 -30.79
CA PRO C 125 1.41 20.35 -30.85
C PRO C 125 2.89 20.29 -30.43
N PHE C 126 3.70 21.14 -31.04
CA PHE C 126 5.15 21.17 -30.83
C PHE C 126 5.52 21.36 -29.38
N GLY C 127 6.28 20.40 -28.85
CA GLY C 127 6.90 20.50 -27.53
C GLY C 127 5.96 20.38 -26.34
N ASP C 128 4.71 20.00 -26.59
CA ASP C 128 3.70 19.99 -25.58
C ASP C 128 3.62 18.62 -24.90
N GLU C 129 4.34 18.47 -23.80
CA GLU C 129 4.38 17.20 -23.06
C GLU C 129 3.05 16.82 -22.41
N ASP C 130 2.23 17.82 -22.07
CA ASP C 130 0.89 17.59 -21.55
C ASP C 130 -0.03 16.96 -22.62
N ALA C 131 0.02 17.49 -23.83
CA ALA C 131 -0.67 16.87 -24.99
C ALA C 131 -0.19 15.44 -25.26
N LEU C 132 1.12 15.21 -25.18
CA LEU C 132 1.65 13.85 -25.34
C LEU C 132 1.13 12.95 -24.24
N LYS C 133 1.04 13.44 -23.00
CA LYS C 133 0.51 12.63 -21.90
C LYS C 133 -0.93 12.19 -22.18
N GLU C 134 -1.75 13.15 -22.62
CA GLU C 134 -3.15 12.88 -22.95
C GLU C 134 -3.28 11.83 -24.06
N ALA C 135 -2.53 12.01 -25.13
CA ALA C 135 -2.55 11.06 -26.26
C ALA C 135 -2.10 9.63 -25.81
N VAL C 136 -0.97 9.53 -25.13
CA VAL C 136 -0.57 8.24 -24.64
C VAL C 136 -1.64 7.62 -23.75
N ALA C 137 -2.24 8.42 -22.85
CA ALA C 137 -3.23 7.93 -21.91
C ALA C 137 -4.53 7.44 -22.59
N THR C 138 -5.01 8.23 -23.53
CA THR C 138 -6.36 8.06 -24.13
C THR C 138 -6.39 7.48 -25.56
N LYS C 139 -5.27 7.47 -26.26
CA LYS C 139 -5.30 7.04 -27.65
C LYS C 139 -4.54 5.74 -27.87
N GLY C 140 -3.33 5.67 -27.31
CA GLY C 140 -2.47 4.52 -27.49
C GLY C 140 -1.02 4.90 -27.61
N PRO C 141 -0.18 3.98 -28.15
CA PRO C 141 1.20 4.34 -28.32
C PRO C 141 1.38 5.43 -29.38
N VAL C 142 2.37 6.26 -29.18
CA VAL C 142 2.60 7.45 -30.01
C VAL C 142 4.00 7.47 -30.58
N SER C 143 4.10 7.72 -31.87
CA SER C 143 5.37 7.83 -32.55
C SER C 143 5.99 9.20 -32.28
N VAL C 144 7.25 9.20 -31.88
CA VAL C 144 8.01 10.43 -31.58
C VAL C 144 9.42 10.48 -32.12
N GLY C 145 9.94 11.70 -32.28
CA GLY C 145 11.32 11.90 -32.57
C GLY C 145 12.10 12.30 -31.35
N ILE C 146 13.32 11.79 -31.24
CA ILE C 146 14.21 12.16 -30.13
C ILE C 146 15.61 12.40 -30.56
N ASP C 147 16.33 13.19 -29.75
CA ASP C 147 17.77 13.24 -29.84
C ASP C 147 18.36 12.00 -29.20
N ALA C 148 18.74 11.04 -30.04
CA ALA C 148 19.37 9.79 -29.55
C ALA C 148 20.82 9.69 -30.02
N SER C 149 21.51 10.84 -30.06
CA SER C 149 22.83 10.89 -30.72
C SER C 149 23.97 10.87 -29.73
N HIS C 150 23.66 10.73 -28.43
CA HIS C 150 24.67 10.84 -27.40
C HIS C 150 24.99 9.44 -26.89
N SER C 151 26.24 9.16 -26.58
CA SER C 151 26.62 7.79 -26.23
C SER C 151 25.99 7.29 -24.93
N SER C 152 25.66 8.23 -24.01
CA SER C 152 24.92 7.92 -22.78
C SER C 152 23.59 7.18 -23.07
N PHE C 153 23.00 7.44 -24.24
CA PHE C 153 21.74 6.79 -24.62
C PHE C 153 21.94 5.30 -24.69
N PHE C 154 23.10 4.88 -25.16
CA PHE C 154 23.42 3.46 -25.29
C PHE C 154 24.08 2.82 -24.08
N PHE C 155 24.46 3.64 -23.12
CA PHE C 155 25.04 3.20 -21.84
C PHE C 155 23.93 2.97 -20.81
N TYR C 156 22.77 3.58 -21.02
CA TYR C 156 21.59 3.39 -20.16
C TYR C 156 21.25 1.90 -19.91
N LYS C 157 21.03 1.55 -18.65
CA LYS C 157 20.55 0.21 -18.25
C LYS C 157 19.27 0.28 -17.40
N SER C 158 19.12 1.30 -16.57
CA SER C 158 17.96 1.41 -15.69
C SER C 158 17.80 2.83 -15.22
N GLY C 159 16.71 3.09 -14.51
CA GLY C 159 16.40 4.42 -13.99
C GLY C 159 15.79 5.26 -15.10
N VAL C 160 16.03 6.55 -15.05
CA VAL C 160 15.42 7.50 -16.01
C VAL C 160 16.52 8.31 -16.68
N TYR C 161 16.60 8.14 -18.00
CA TYR C 161 17.60 8.79 -18.81
C TYR C 161 17.37 10.30 -18.79
N ASP C 162 18.37 11.06 -18.33
CA ASP C 162 18.27 12.52 -18.24
C ASP C 162 19.66 13.21 -18.42
N ASP C 163 20.26 13.07 -19.59
CA ASP C 163 21.65 13.49 -19.80
C ASP C 163 21.56 14.96 -20.17
N PRO C 164 22.26 15.85 -19.46
CA PRO C 164 22.09 17.30 -19.78
C PRO C 164 22.67 17.71 -21.13
N SER C 165 23.50 16.86 -21.72
CA SER C 165 24.00 17.04 -23.06
C SER C 165 22.96 16.87 -24.20
N CYS C 166 21.78 16.36 -23.87
N CYS C 166 21.79 16.36 -23.89
CA CYS C 166 20.75 16.08 -24.87
CA CYS C 166 20.79 16.12 -24.92
C CYS C 166 20.25 17.43 -25.39
C CYS C 166 20.17 17.43 -25.38
N THR C 167 19.86 17.49 -26.67
CA THR C 167 19.28 18.69 -27.28
C THR C 167 17.89 18.37 -27.84
N GLY C 168 17.21 19.39 -28.35
CA GLY C 168 15.92 19.25 -29.01
C GLY C 168 16.07 18.95 -30.49
N ASN C 169 17.30 18.76 -30.95
CA ASN C 169 17.54 18.44 -32.36
C ASN C 169 17.42 16.93 -32.51
N VAL C 170 16.25 16.51 -32.95
CA VAL C 170 15.88 15.11 -32.98
C VAL C 170 16.50 14.43 -34.21
N ASN C 171 16.67 13.14 -34.11
CA ASN C 171 17.38 12.38 -35.13
C ASN C 171 16.98 10.90 -35.23
N HIS C 172 16.19 10.40 -34.30
CA HIS C 172 15.67 9.03 -34.33
C HIS C 172 14.19 8.98 -34.00
N GLY C 173 13.46 8.15 -34.74
CA GLY C 173 12.10 7.81 -34.44
C GLY C 173 11.99 6.58 -33.54
N VAL C 174 11.14 6.67 -32.55
CA VAL C 174 10.95 5.67 -31.48
C VAL C 174 9.47 5.70 -31.08
N LEU C 175 9.04 4.79 -30.20
CA LEU C 175 7.64 4.69 -29.79
C LEU C 175 7.41 4.92 -28.29
N VAL C 176 6.56 5.88 -27.93
CA VAL C 176 6.14 6.09 -26.53
C VAL C 176 4.98 5.17 -26.22
N VAL C 177 5.20 4.19 -25.33
CA VAL C 177 4.19 3.19 -24.99
C VAL C 177 3.65 3.41 -23.58
N GLY C 178 4.10 4.44 -22.89
CA GLY C 178 3.57 4.73 -21.57
C GLY C 178 4.31 5.85 -20.88
N TYR C 179 4.02 6.02 -19.59
CA TYR C 179 4.67 7.03 -18.77
C TYR C 179 4.41 6.73 -17.33
N GLY C 180 5.21 7.32 -16.47
CA GLY C 180 4.90 7.29 -15.05
C GLY C 180 5.97 8.03 -14.27
N THR C 181 6.22 7.59 -13.06
CA THR C 181 7.21 8.22 -12.22
C THR C 181 7.99 7.12 -11.54
N LEU C 182 9.32 7.13 -11.66
CA LEU C 182 10.21 6.11 -11.10
C LEU C 182 11.16 6.77 -10.14
N ASP C 183 11.08 6.33 -8.89
CA ASP C 183 11.89 6.89 -7.83
C ASP C 183 11.83 8.43 -7.86
N GLY C 184 10.64 8.97 -8.03
CA GLY C 184 10.45 10.42 -7.96
C GLY C 184 10.72 11.16 -9.24
N LYS C 185 11.08 10.45 -10.31
CA LYS C 185 11.43 11.12 -11.59
C LYS C 185 10.42 10.72 -12.67
N ASP C 186 9.71 11.69 -13.24
CA ASP C 186 8.71 11.46 -14.26
C ASP C 186 9.45 10.95 -15.50
N TYR C 187 8.85 9.99 -16.20
CA TYR C 187 9.51 9.41 -17.37
C TYR C 187 8.47 9.13 -18.46
N TRP C 188 8.98 9.01 -19.69
CA TRP C 188 8.24 8.45 -20.83
C TRP C 188 8.80 7.05 -21.06
N LEU C 189 7.93 6.09 -21.29
CA LEU C 189 8.38 4.74 -21.53
C LEU C 189 8.52 4.58 -23.06
N VAL C 190 9.75 4.36 -23.52
CA VAL C 190 10.06 4.37 -24.92
C VAL C 190 10.55 3.01 -25.38
N LYS C 191 9.87 2.51 -26.41
CA LYS C 191 10.27 1.30 -27.14
C LYS C 191 11.18 1.65 -28.31
N ASN C 192 12.37 1.04 -28.36
CA ASN C 192 13.31 1.26 -29.46
C ASN C 192 13.30 0.05 -30.36
N SER C 193 14.16 0.10 -31.37
CA SER C 193 14.27 -0.97 -32.38
C SER C 193 15.72 -1.44 -32.54
N TRP C 194 16.40 -1.62 -31.41
CA TRP C 194 17.79 -2.08 -31.36
C TRP C 194 17.87 -3.42 -30.65
N GLY C 195 16.76 -4.14 -30.69
CA GLY C 195 16.64 -5.45 -30.05
C GLY C 195 16.59 -5.41 -28.53
N LEU C 196 16.59 -6.59 -27.93
CA LEU C 196 16.44 -6.73 -26.51
C LEU C 196 17.66 -6.32 -25.70
N ASN C 197 18.85 -6.30 -26.29
CA ASN C 197 20.06 -5.92 -25.58
C ASN C 197 20.25 -4.40 -25.44
N PHE C 198 19.41 -3.61 -26.12
CA PHE C 198 19.37 -2.18 -25.88
C PHE C 198 18.63 -1.85 -24.58
N GLY C 199 19.18 -0.91 -23.85
CA GLY C 199 18.51 -0.32 -22.68
C GLY C 199 18.06 -1.36 -21.69
N ASP C 200 16.78 -1.30 -21.30
CA ASP C 200 16.18 -2.26 -20.39
C ASP C 200 15.24 -3.16 -21.19
N GLN C 201 15.75 -4.31 -21.66
CA GLN C 201 15.02 -5.23 -22.54
C GLN C 201 14.38 -4.54 -23.77
N GLY C 202 15.08 -3.58 -24.34
CA GLY C 202 14.62 -2.92 -25.56
C GLY C 202 13.99 -1.55 -25.39
N TYR C 203 13.77 -1.18 -24.12
CA TYR C 203 13.07 0.07 -23.72
C TYR C 203 14.03 1.02 -23.00
N ILE C 204 13.69 2.31 -23.02
CA ILE C 204 14.41 3.26 -22.20
C ILE C 204 13.35 4.19 -21.60
N ARG C 205 13.52 4.55 -20.33
CA ARG C 205 12.65 5.50 -19.67
C ARG C 205 13.35 6.84 -19.82
N MET C 206 12.69 7.77 -20.47
CA MET C 206 13.28 9.06 -20.74
C MET C 206 12.64 10.16 -19.95
N ALA C 207 13.44 11.09 -19.48
CA ALA C 207 12.92 12.17 -18.60
C ALA C 207 11.67 12.84 -19.20
N ARG C 208 10.63 12.97 -18.38
CA ARG C 208 9.37 13.62 -18.72
C ARG C 208 9.19 14.86 -17.86
N ASN C 209 8.56 15.89 -18.45
CA ASN C 209 8.28 17.16 -17.82
C ASN C 209 9.56 17.94 -17.49
N ASN C 210 10.66 17.61 -18.16
CA ASN C 210 11.91 18.34 -18.01
C ASN C 210 12.22 19.15 -19.25
N LYS C 211 11.37 20.14 -19.50
CA LYS C 211 11.52 21.11 -20.61
C LYS C 211 11.77 20.38 -21.96
N ASN C 212 10.91 19.43 -22.28
CA ASN C 212 10.94 18.73 -23.57
C ASN C 212 12.31 18.14 -23.86
N HIS C 213 12.79 17.41 -22.88
CA HIS C 213 14.07 16.83 -22.94
C HIS C 213 14.25 15.83 -24.11
N CYS C 214 15.38 15.98 -24.81
CA CYS C 214 15.73 15.24 -26.05
C CYS C 214 14.76 15.49 -27.20
N GLY C 215 13.93 16.52 -27.06
CA GLY C 215 12.96 16.87 -28.07
C GLY C 215 11.83 15.86 -28.14
N ILE C 216 11.61 15.12 -27.07
CA ILE C 216 10.66 14.01 -27.12
C ILE C 216 9.20 14.36 -27.50
N ALA C 217 8.75 15.58 -27.18
CA ALA C 217 7.41 16.04 -27.53
C ALA C 217 7.42 17.04 -28.70
N SER C 218 8.50 17.13 -29.46
CA SER C 218 8.58 18.06 -30.59
C SER C 218 7.78 17.61 -31.78
N TYR C 219 7.86 16.33 -32.15
CA TYR C 219 7.26 15.81 -33.41
C TYR C 219 6.52 14.48 -33.21
N CYS C 220 5.41 14.54 -32.49
CA CYS C 220 4.63 13.37 -32.09
C CYS C 220 3.50 13.14 -33.08
N SER C 221 3.24 11.90 -33.41
CA SER C 221 2.10 11.56 -34.30
C SER C 221 1.55 10.18 -34.00
N TYR C 222 0.28 9.92 -34.33
CA TYR C 222 -0.25 8.58 -34.22
C TYR C 222 -1.27 8.38 -35.34
N PRO C 223 -1.46 7.12 -35.74
CA PRO C 223 -2.38 6.87 -36.84
C PRO C 223 -3.74 6.54 -36.29
N GLU C 224 -4.74 6.70 -37.13
CA GLU C 224 -6.07 6.26 -36.83
C GLU C 224 -6.43 5.25 -37.89
N ILE C 225 -6.90 4.09 -37.45
CA ILE C 225 -7.38 3.09 -38.37
C ILE C 225 -8.74 3.61 -38.82
N THR D 7 -37.17 37.75 34.06
CA THR D 7 -35.97 37.33 34.85
C THR D 7 -35.27 36.16 34.14
N LEU D 8 -33.98 36.32 33.90
CA LEU D 8 -33.21 35.32 33.18
C LEU D 8 -32.54 34.39 34.18
N PRO D 9 -32.31 33.14 33.78
CA PRO D 9 -31.60 32.25 34.69
C PRO D 9 -30.17 32.72 34.93
N ASP D 10 -29.63 32.39 36.09
CA ASP D 10 -28.26 32.73 36.43
C ASP D 10 -27.28 31.88 35.66
N THR D 11 -27.69 30.67 35.30
CA THR D 11 -26.80 29.76 34.62
C THR D 11 -27.57 29.10 33.53
N VAL D 12 -26.93 28.92 32.37
CA VAL D 12 -27.48 28.27 31.20
C VAL D 12 -26.38 27.37 30.61
N ASP D 13 -26.77 26.20 30.16
CA ASP D 13 -25.87 25.25 29.48
C ASP D 13 -26.69 24.38 28.55
N TRP D 14 -26.65 24.72 27.26
CA TRP D 14 -27.44 24.00 26.25
C TRP D 14 -27.05 22.54 26.08
N ARG D 15 -25.86 22.17 26.53
CA ARG D 15 -25.44 20.79 26.52
C ARG D 15 -26.39 19.93 27.35
N GLU D 16 -26.89 20.50 28.46
CA GLU D 16 -27.81 19.82 29.34
C GLU D 16 -29.16 19.47 28.71
N LYS D 17 -29.57 20.28 27.73
CA LYS D 17 -30.84 20.16 27.02
C LYS D 17 -30.71 19.35 25.74
N GLY D 18 -29.51 18.81 25.49
CA GLY D 18 -29.24 17.98 24.34
C GLY D 18 -29.21 18.73 23.05
N CYS D 19 -28.80 20.00 23.12
CA CYS D 19 -28.87 20.88 21.98
C CYS D 19 -27.53 21.13 21.30
N VAL D 20 -26.49 20.46 21.78
CA VAL D 20 -25.12 20.68 21.37
C VAL D 20 -24.50 19.38 20.92
N THR D 21 -23.99 19.40 19.70
CA THR D 21 -23.37 18.19 19.13
C THR D 21 -21.96 17.98 19.65
N GLU D 22 -21.36 16.84 19.29
CA GLU D 22 -19.96 16.59 19.63
C GLU D 22 -19.06 17.73 19.18
N VAL D 23 -17.98 17.93 19.92
CA VAL D 23 -16.98 18.88 19.53
C VAL D 23 -16.24 18.33 18.30
N LYS D 24 -16.01 19.20 17.35
CA LYS D 24 -15.35 18.86 16.10
C LYS D 24 -13.92 19.36 16.04
N TYR D 25 -13.17 18.88 15.05
CA TYR D 25 -11.77 19.22 14.88
C TYR D 25 -11.52 19.78 13.46
N GLN D 26 -11.27 21.09 13.35
CA GLN D 26 -11.13 21.72 12.06
C GLN D 26 -9.81 21.42 11.35
N GLY D 27 -8.77 21.01 12.07
CA GLY D 27 -7.47 20.76 11.45
C GLY D 27 -6.84 22.03 10.92
N SER D 28 -6.21 21.92 9.74
N SER D 28 -6.19 21.94 9.76
CA SER D 28 -5.43 23.02 9.17
CA SER D 28 -5.42 23.08 9.25
C SER D 28 -6.24 23.89 8.24
C SER D 28 -6.24 23.93 8.29
N CYS D 29 -7.54 23.67 8.19
CA CYS D 29 -8.41 24.40 7.32
C CYS D 29 -9.06 25.47 8.16
N GLY D 30 -9.01 26.72 7.74
CA GLY D 30 -9.65 27.78 8.51
C GLY D 30 -11.17 27.82 8.43
N ALA D 31 -11.78 26.76 8.93
CA ALA D 31 -13.22 26.53 8.85
C ALA D 31 -13.96 26.86 10.16
N CYS D 32 -13.32 27.56 11.10
CA CYS D 32 -13.96 27.94 12.39
C CYS D 32 -15.34 28.60 12.20
N TRP D 33 -15.47 29.52 11.23
CA TRP D 33 -16.76 30.11 10.93
C TRP D 33 -17.84 29.12 10.56
N ALA D 34 -17.50 28.09 9.80
CA ALA D 34 -18.43 27.05 9.38
C ALA D 34 -18.89 26.14 10.53
N PHE D 35 -17.99 25.83 11.46
CA PHE D 35 -18.37 25.08 12.62
C PHE D 35 -19.27 25.90 13.52
N SER D 36 -18.98 27.19 13.63
CA SER D 36 -19.75 28.09 14.48
C SER D 36 -21.19 28.14 13.95
N ALA D 37 -21.31 28.31 12.63
CA ALA D 37 -22.64 28.43 12.01
C ALA D 37 -23.42 27.15 12.10
N VAL D 38 -22.83 26.02 11.75
CA VAL D 38 -23.59 24.78 11.84
C VAL D 38 -23.96 24.50 13.31
N GLY D 39 -23.14 24.96 14.24
CA GLY D 39 -23.38 24.73 15.68
C GLY D 39 -24.60 25.45 16.13
N ALA D 40 -24.74 26.68 15.65
CA ALA D 40 -25.91 27.43 15.99
C ALA D 40 -27.14 26.82 15.35
N LEU D 41 -27.01 26.35 14.11
CA LEU D 41 -28.17 25.83 13.41
C LEU D 41 -28.59 24.49 14.00
N GLU D 42 -27.62 23.71 14.47
CA GLU D 42 -27.84 22.38 15.11
C GLU D 42 -28.72 22.58 16.37
N GLY D 43 -28.38 23.62 17.13
CA GLY D 43 -29.14 23.96 18.30
C GLY D 43 -30.60 24.24 17.98
N GLN D 44 -30.85 25.11 17.00
CA GLN D 44 -32.21 25.43 16.53
C GLN D 44 -32.98 24.20 15.97
N LEU D 45 -32.30 23.31 15.25
CA LEU D 45 -32.90 22.13 14.70
C LEU D 45 -33.35 21.23 15.84
N LYS D 46 -32.52 21.09 16.88
CA LYS D 46 -32.93 20.25 18.01
C LYS D 46 -34.14 20.88 18.68
N LEU D 47 -34.12 22.18 18.88
CA LEU D 47 -35.25 22.83 19.59
C LEU D 47 -36.57 22.71 18.82
N LYS D 48 -36.50 22.68 17.49
CA LYS D 48 -37.71 22.54 16.68
C LYS D 48 -38.15 21.10 16.48
N THR D 49 -37.23 20.24 16.04
CA THR D 49 -37.61 18.87 15.68
C THR D 49 -37.41 17.89 16.79
N GLY D 50 -36.56 18.21 17.73
CA GLY D 50 -36.27 17.27 18.80
C GLY D 50 -35.10 16.35 18.49
N LYS D 51 -34.53 16.49 17.31
CA LYS D 51 -33.39 15.67 16.87
C LYS D 51 -32.10 16.42 16.90
N LEU D 52 -31.08 15.80 17.46
CA LEU D 52 -29.77 16.43 17.45
C LEU D 52 -28.92 15.75 16.36
N ILE D 53 -28.50 16.53 15.38
CA ILE D 53 -27.82 16.02 14.17
C ILE D 53 -26.65 16.92 13.83
N SER D 54 -25.46 16.36 13.67
CA SER D 54 -24.33 17.22 13.23
C SER D 54 -24.54 17.62 11.78
N LEU D 55 -24.48 18.92 11.51
CA LEU D 55 -24.65 19.44 10.16
C LEU D 55 -23.29 19.62 9.49
N SER D 56 -23.32 19.76 8.17
CA SER D 56 -22.09 19.72 7.37
C SER D 56 -21.35 21.04 7.30
N ALA D 57 -20.26 21.18 8.05
CA ALA D 57 -19.40 22.38 7.83
C ALA D 57 -18.74 22.32 6.42
N GLN D 58 -18.44 21.12 5.96
CA GLN D 58 -17.86 20.94 4.61
C GLN D 58 -18.74 21.54 3.53
N ASN D 59 -20.05 21.34 3.63
CA ASN D 59 -21.01 21.93 2.67
C ASN D 59 -20.85 23.43 2.64
N LEU D 60 -20.67 24.06 3.80
CA LEU D 60 -20.48 25.53 3.78
C LEU D 60 -19.13 25.95 3.18
N VAL D 61 -18.09 25.23 3.59
CA VAL D 61 -16.73 25.48 3.11
C VAL D 61 -16.66 25.38 1.56
N ASP D 62 -17.23 24.32 1.01
CA ASP D 62 -17.18 24.05 -0.47
C ASP D 62 -18.08 24.94 -1.28
N CYS D 63 -19.25 25.26 -0.76
CA CYS D 63 -20.31 25.85 -1.61
C CYS D 63 -20.57 27.32 -1.43
N SER D 64 -19.95 27.95 -0.44
CA SER D 64 -20.13 29.39 -0.21
C SER D 64 -18.84 30.22 -0.51
N ASN D 65 -17.89 29.61 -1.22
CA ASN D 65 -16.58 30.21 -1.47
C ASN D 65 -16.63 31.03 -2.76
N GLU D 66 -17.36 32.14 -2.70
CA GLU D 66 -17.56 33.00 -3.85
C GLU D 66 -17.88 34.38 -3.34
N GLU D 67 -17.74 35.40 -4.19
CA GLU D 67 -17.86 36.76 -3.70
C GLU D 67 -19.27 37.08 -3.24
N LYS D 68 -20.27 36.38 -3.78
CA LYS D 68 -21.66 36.52 -3.33
C LYS D 68 -21.72 36.52 -1.79
N TYR D 69 -20.98 35.59 -1.18
CA TYR D 69 -21.00 35.42 0.28
C TYR D 69 -19.82 36.06 0.99
N GLY D 70 -18.66 36.03 0.35
CA GLY D 70 -17.46 36.57 0.97
C GLY D 70 -16.74 35.57 1.84
N ASN D 71 -17.23 34.34 1.85
CA ASN D 71 -16.54 33.27 2.53
C ASN D 71 -15.41 32.80 1.60
N LYS D 72 -14.36 32.22 2.19
CA LYS D 72 -13.13 31.85 1.48
C LYS D 72 -12.73 30.40 1.77
N GLY D 73 -13.72 29.56 2.00
CA GLY D 73 -13.51 28.17 2.43
C GLY D 73 -12.56 28.07 3.60
N CYS D 74 -11.47 27.33 3.37
CA CYS D 74 -10.41 27.14 4.33
C CYS D 74 -9.57 28.39 4.56
N GLY D 75 -9.83 29.47 3.81
CA GLY D 75 -9.20 30.75 4.06
C GLY D 75 -9.93 31.65 5.04
N GLY D 76 -11.04 31.17 5.59
CA GLY D 76 -11.86 31.96 6.49
C GLY D 76 -13.20 32.36 5.95
N GLY D 77 -14.05 32.89 6.84
CA GLY D 77 -15.42 33.20 6.44
C GLY D 77 -16.22 33.77 7.58
N TYR D 78 -17.51 33.90 7.33
CA TYR D 78 -18.41 34.62 8.25
C TYR D 78 -19.65 33.79 8.52
N MET D 79 -20.06 33.76 9.78
CA MET D 79 -21.19 32.97 10.16
C MET D 79 -22.48 33.49 9.57
N THR D 80 -22.64 34.82 9.48
CA THR D 80 -23.90 35.34 8.92
C THR D 80 -24.00 34.93 7.45
N GLU D 81 -22.87 34.92 6.75
CA GLU D 81 -22.86 34.61 5.30
C GLU D 81 -23.08 33.13 5.11
N ALA D 82 -22.60 32.31 6.05
CA ALA D 82 -22.99 30.92 6.04
C ALA D 82 -24.51 30.75 6.14
N PHE D 83 -25.14 31.42 7.09
CA PHE D 83 -26.59 31.34 7.21
C PHE D 83 -27.25 31.76 5.90
N GLN D 84 -26.78 32.86 5.34
CA GLN D 84 -27.32 33.33 4.06
C GLN D 84 -27.21 32.32 2.94
N TYR D 85 -26.08 31.63 2.87
CA TYR D 85 -25.95 30.57 1.91
C TYR D 85 -27.02 29.52 2.14
N ILE D 86 -27.23 29.09 3.40
CA ILE D 86 -28.17 28.02 3.66
C ILE D 86 -29.58 28.44 3.22
N ILE D 87 -29.94 29.69 3.53
CA ILE D 87 -31.20 30.31 3.18
C ILE D 87 -31.36 30.26 1.65
N ASP D 88 -30.41 30.84 0.94
CA ASP D 88 -30.47 30.93 -0.54
C ASP D 88 -30.52 29.56 -1.21
N ASN D 89 -29.74 28.62 -0.68
CA ASN D 89 -29.60 27.28 -1.20
C ASN D 89 -30.77 26.35 -0.91
N GLY D 90 -31.60 26.73 0.07
CA GLY D 90 -32.73 25.94 0.49
C GLY D 90 -32.39 24.75 1.35
N GLY D 91 -31.21 24.75 1.98
CA GLY D 91 -30.85 23.66 2.85
C GLY D 91 -29.35 23.46 3.07
N ILE D 92 -29.05 22.50 3.94
CA ILE D 92 -27.70 22.09 4.23
C ILE D 92 -27.82 20.61 4.54
N GLU D 93 -26.82 19.85 4.15
CA GLU D 93 -26.74 18.44 4.46
C GLU D 93 -26.26 18.20 5.89
N ALA D 94 -26.56 17.03 6.41
CA ALA D 94 -25.88 16.49 7.58
C ALA D 94 -24.40 16.19 7.31
N ASP D 95 -23.60 16.32 8.36
CA ASP D 95 -22.21 15.84 8.32
C ASP D 95 -22.08 14.39 7.81
N ALA D 96 -23.00 13.53 8.23
CA ALA D 96 -22.96 12.11 7.88
C ALA D 96 -22.93 11.90 6.36
N SER D 97 -23.74 12.65 5.59
CA SER D 97 -23.73 12.49 4.13
C SER D 97 -22.77 13.44 3.38
N TYR D 98 -22.20 14.43 4.07
CA TYR D 98 -21.32 15.41 3.46
C TYR D 98 -20.22 15.71 4.51
N PRO D 99 -19.29 14.76 4.67
CA PRO D 99 -18.37 14.78 5.79
C PRO D 99 -17.24 15.80 5.64
N TYR D 100 -16.58 16.09 6.74
CA TYR D 100 -15.56 17.15 6.75
C TYR D 100 -14.22 16.60 6.28
N LYS D 101 -13.63 17.28 5.32
CA LYS D 101 -12.35 16.87 4.71
C LYS D 101 -11.18 17.80 5.11
N ALA D 102 -11.49 18.97 5.65
CA ALA D 102 -10.49 19.98 6.00
C ALA D 102 -9.69 20.44 4.76
N MET D 103 -10.38 20.59 3.63
N MET D 103 -10.39 20.59 3.64
CA MET D 103 -9.78 21.03 2.38
CA MET D 103 -9.79 21.02 2.38
C MET D 103 -10.88 21.67 1.54
C MET D 103 -10.87 21.69 1.55
N ASP D 104 -10.49 22.59 0.66
CA ASP D 104 -11.46 23.21 -0.25
C ASP D 104 -11.77 22.22 -1.36
N GLU D 105 -13.06 21.92 -1.55
CA GLU D 105 -13.44 20.94 -2.59
C GLU D 105 -14.58 21.49 -3.42
N LYS D 106 -14.84 20.84 -4.54
CA LYS D 106 -15.92 21.24 -5.45
C LYS D 106 -17.25 20.97 -4.73
N CYS D 107 -18.15 21.94 -4.78
CA CYS D 107 -19.48 21.77 -4.16
C CYS D 107 -20.23 20.57 -4.71
N HIS D 108 -20.65 19.65 -3.86
CA HIS D 108 -21.53 18.56 -4.28
C HIS D 108 -22.76 18.41 -3.39
N TYR D 109 -23.43 19.53 -3.15
CA TYR D 109 -24.67 19.52 -2.41
C TYR D 109 -25.75 18.79 -3.22
N ASN D 110 -26.54 18.00 -2.50
CA ASN D 110 -27.64 17.23 -3.03
C ASN D 110 -28.88 17.47 -2.15
N SER D 111 -29.87 18.14 -2.70
CA SER D 111 -31.08 18.52 -1.97
C SER D 111 -31.86 17.31 -1.47
N LYS D 112 -31.63 16.15 -2.07
CA LYS D 112 -32.22 14.91 -1.55
C LYS D 112 -31.67 14.53 -0.18
N ASN D 113 -30.50 15.07 0.18
CA ASN D 113 -29.92 14.85 1.50
C ASN D 113 -30.06 16.04 2.46
N ARG D 114 -30.96 16.96 2.16
CA ARG D 114 -31.22 18.08 3.05
C ARG D 114 -31.50 17.55 4.47
N ALA D 115 -30.79 18.13 5.46
CA ALA D 115 -30.98 17.80 6.88
C ALA D 115 -31.52 18.96 7.70
N ALA D 116 -31.47 20.17 7.15
CA ALA D 116 -31.92 21.34 7.87
C ALA D 116 -32.10 22.45 6.87
N THR D 117 -32.88 23.44 7.27
CA THR D 117 -33.06 24.67 6.55
C THR D 117 -32.91 25.89 7.44
N CYS D 118 -32.87 27.05 6.82
CA CYS D 118 -32.76 28.31 7.53
C CYS D 118 -33.59 29.30 6.76
N SER D 119 -34.39 30.11 7.48
CA SER D 119 -35.26 31.11 6.86
C SER D 119 -34.71 32.52 6.96
N ARG D 120 -33.96 32.79 8.04
CA ARG D 120 -33.48 34.11 8.34
C ARG D 120 -32.45 33.99 9.45
N TYR D 121 -31.74 35.06 9.72
CA TYR D 121 -30.82 35.05 10.89
C TYR D 121 -30.96 36.35 11.63
N ILE D 122 -30.60 36.33 12.92
CA ILE D 122 -30.71 37.50 13.78
C ILE D 122 -29.31 37.94 14.21
N GLN D 123 -29.04 39.22 14.10
CA GLN D 123 -27.79 39.83 14.60
C GLN D 123 -28.08 40.62 15.88
N LEU D 124 -27.23 40.48 16.91
CA LEU D 124 -27.41 41.23 18.15
C LEU D 124 -26.66 42.56 18.13
N PRO D 125 -27.09 43.52 18.97
CA PRO D 125 -26.40 44.80 19.02
C PRO D 125 -24.89 44.67 19.34
N PHE D 126 -24.09 45.46 18.66
CA PHE D 126 -22.63 45.48 18.85
C PHE D 126 -22.26 45.69 20.31
N GLY D 127 -21.53 44.72 20.86
CA GLY D 127 -20.89 44.83 22.17
C GLY D 127 -21.81 44.69 23.38
N ASP D 128 -23.05 44.29 23.13
CA ASP D 128 -24.06 44.24 24.18
C ASP D 128 -24.12 42.83 24.80
N GLU D 129 -23.42 42.66 25.91
CA GLU D 129 -23.43 41.34 26.62
C GLU D 129 -24.76 41.01 27.28
N ASP D 130 -25.55 42.05 27.60
CA ASP D 130 -26.87 41.85 28.13
C ASP D 130 -27.77 41.24 27.07
N ALA D 131 -27.72 41.77 25.84
CA ALA D 131 -28.44 41.18 24.72
C ALA D 131 -27.98 39.77 24.39
N LEU D 132 -26.68 39.51 24.45
CA LEU D 132 -26.16 38.11 24.31
C LEU D 132 -26.67 37.18 25.41
N LYS D 133 -26.73 37.67 26.64
CA LYS D 133 -27.18 36.81 27.76
C LYS D 133 -28.65 36.41 27.46
N GLU D 134 -29.46 37.37 27.04
CA GLU D 134 -30.91 37.15 26.71
C GLU D 134 -31.07 36.14 25.57
N ALA D 135 -30.25 36.30 24.52
CA ALA D 135 -30.30 35.43 23.36
C ALA D 135 -29.90 34.02 23.77
N VAL D 136 -28.80 33.89 24.49
CA VAL D 136 -28.39 32.55 24.95
C VAL D 136 -29.44 31.87 25.87
N ALA D 137 -30.02 32.62 26.82
CA ALA D 137 -31.04 32.12 27.70
C ALA D 137 -32.34 31.65 26.98
N THR D 138 -32.76 32.44 26.01
CA THR D 138 -34.12 32.33 25.46
C THR D 138 -34.21 31.80 24.01
N LYS D 139 -33.11 31.79 23.27
CA LYS D 139 -33.14 31.41 21.87
C LYS D 139 -32.35 30.15 21.63
N GLY D 140 -31.13 30.09 22.17
CA GLY D 140 -30.29 28.93 21.97
C GLY D 140 -28.83 29.31 21.85
N PRO D 141 -27.97 28.34 21.43
CA PRO D 141 -26.60 28.66 21.18
C PRO D 141 -26.46 29.79 20.15
N VAL D 142 -25.45 30.63 20.31
CA VAL D 142 -25.26 31.88 19.51
C VAL D 142 -23.86 31.92 18.92
N SER D 143 -23.77 32.12 17.63
CA SER D 143 -22.50 32.29 16.95
C SER D 143 -21.86 33.64 17.27
N VAL D 144 -20.58 33.62 17.62
CA VAL D 144 -19.82 34.83 17.97
C VAL D 144 -18.42 34.88 17.41
N GLY D 145 -17.91 36.11 17.22
CA GLY D 145 -16.53 36.30 16.97
C GLY D 145 -15.71 36.68 18.17
N ILE D 146 -14.50 36.14 18.27
CA ILE D 146 -13.63 36.47 19.42
C ILE D 146 -12.23 36.66 19.00
N ASP D 147 -11.49 37.47 19.78
CA ASP D 147 -10.04 37.54 19.62
C ASP D 147 -9.40 36.31 20.25
N ALA D 148 -9.04 35.33 19.42
CA ALA D 148 -8.48 34.07 19.95
C ALA D 148 -7.04 33.93 19.45
N SER D 149 -6.35 35.05 19.36
CA SER D 149 -5.00 35.09 18.78
C SER D 149 -3.84 35.02 19.79
N HIS D 150 -4.13 34.92 21.08
CA HIS D 150 -3.12 34.97 22.11
C HIS D 150 -2.83 33.59 22.57
N SER D 151 -1.56 33.29 22.79
CA SER D 151 -1.16 31.95 23.17
C SER D 151 -1.84 31.43 24.44
N SER D 152 -2.13 32.34 25.36
CA SER D 152 -2.90 32.07 26.56
C SER D 152 -4.20 31.33 26.28
N PHE D 153 -4.84 31.65 25.14
CA PHE D 153 -6.07 30.93 24.74
C PHE D 153 -5.85 29.41 24.66
N PHE D 154 -4.68 28.99 24.23
CA PHE D 154 -4.43 27.58 24.06
C PHE D 154 -3.73 26.96 25.28
N PHE D 155 -3.34 27.79 26.23
CA PHE D 155 -2.78 27.31 27.52
C PHE D 155 -3.90 27.11 28.55
N TYR D 156 -5.06 27.71 28.31
CA TYR D 156 -6.24 27.53 29.18
C TYR D 156 -6.63 26.06 29.39
N LYS D 157 -6.83 25.69 30.65
CA LYS D 157 -7.31 24.38 31.06
C LYS D 157 -8.57 24.42 31.97
N SER D 158 -8.72 25.47 32.77
CA SER D 158 -9.82 25.55 33.73
C SER D 158 -9.97 26.99 34.23
N GLY D 159 -11.02 27.26 35.01
CA GLY D 159 -11.30 28.61 35.47
C GLY D 159 -11.92 29.42 34.37
N VAL D 160 -11.68 30.72 34.38
CA VAL D 160 -12.31 31.63 33.41
C VAL D 160 -11.20 32.39 32.74
N TYR D 161 -11.18 32.29 31.41
CA TYR D 161 -10.12 32.86 30.60
C TYR D 161 -10.34 34.34 30.63
N ASP D 162 -9.33 35.07 31.10
CA ASP D 162 -9.43 36.53 31.20
C ASP D 162 -8.01 37.11 31.10
N ASP D 163 -7.45 37.08 29.89
CA ASP D 163 -6.12 37.60 29.63
C ASP D 163 -6.23 39.08 29.27
N PRO D 164 -5.55 39.97 30.03
CA PRO D 164 -5.59 41.40 29.74
C PRO D 164 -5.05 41.79 28.38
N SER D 165 -4.22 40.94 27.78
CA SER D 165 -3.73 41.20 26.42
C SER D 165 -4.80 41.06 25.31
N CYS D 166 -5.95 40.48 25.64
N CYS D 166 -5.97 40.50 25.63
CA CYS D 166 -7.04 40.28 24.65
CA CYS D 166 -6.98 40.31 24.60
C CYS D 166 -7.52 41.64 24.16
C CYS D 166 -7.63 41.62 24.19
N THR D 167 -7.96 41.70 22.91
CA THR D 167 -8.51 42.95 22.32
C THR D 167 -9.91 42.65 21.75
N GLY D 168 -10.56 43.69 21.25
CA GLY D 168 -11.84 43.57 20.55
C GLY D 168 -11.71 43.33 19.05
N ASN D 169 -10.50 43.17 18.56
CA ASN D 169 -10.26 42.86 17.15
C ASN D 169 -10.40 41.36 16.98
N VAL D 170 -11.58 40.92 16.54
CA VAL D 170 -11.90 39.50 16.55
C VAL D 170 -11.26 38.83 15.31
N ASN D 171 -11.09 37.53 15.39
CA ASN D 171 -10.39 36.78 14.33
C ASN D 171 -10.82 35.34 14.21
N HIS D 172 -11.58 34.82 15.17
CA HIS D 172 -12.17 33.48 15.05
C HIS D 172 -13.64 33.42 15.44
N GLY D 173 -14.41 32.61 14.70
CA GLY D 173 -15.74 32.26 15.01
C GLY D 173 -15.86 31.05 15.93
N VAL D 174 -16.69 31.19 16.96
CA VAL D 174 -16.94 30.14 17.93
C VAL D 174 -18.44 30.14 18.33
N LEU D 175 -18.83 29.28 19.26
CA LEU D 175 -20.24 29.16 19.59
C LEU D 175 -20.46 29.33 21.08
N VAL D 176 -21.29 30.26 21.46
CA VAL D 176 -21.68 30.36 22.90
C VAL D 176 -22.85 29.45 23.19
N VAL D 177 -22.63 28.44 24.06
CA VAL D 177 -23.65 27.49 24.42
C VAL D 177 -24.13 27.70 25.85
N GLY D 178 -23.67 28.72 26.53
CA GLY D 178 -24.15 28.94 27.90
C GLY D 178 -23.39 30.06 28.58
N TYR D 179 -23.72 30.24 29.87
CA TYR D 179 -23.06 31.23 30.70
C TYR D 179 -23.26 30.85 32.14
N GLY D 180 -22.48 31.46 32.99
CA GLY D 180 -22.75 31.36 34.41
C GLY D 180 -21.69 32.12 35.17
N THR D 181 -21.47 31.69 36.39
CA THR D 181 -20.48 32.28 37.26
C THR D 181 -19.69 31.17 37.92
N LEU D 182 -18.37 31.23 37.86
CA LEU D 182 -17.53 30.16 38.41
C LEU D 182 -16.57 30.81 39.38
N ASP D 183 -16.68 30.40 40.64
CA ASP D 183 -15.84 30.95 41.69
C ASP D 183 -15.84 32.49 41.69
N GLY D 184 -17.02 33.07 41.48
CA GLY D 184 -17.21 34.50 41.55
C GLY D 184 -16.99 35.25 40.25
N LYS D 185 -16.60 34.56 39.18
CA LYS D 185 -16.24 35.22 37.92
C LYS D 185 -17.26 34.81 36.83
N ASP D 186 -17.95 35.79 36.25
CA ASP D 186 -18.96 35.58 35.23
C ASP D 186 -18.26 35.06 33.98
N TYR D 187 -18.86 34.05 33.32
CA TYR D 187 -18.26 33.51 32.13
C TYR D 187 -19.33 33.30 31.03
N TRP D 188 -18.84 33.22 29.81
CA TRP D 188 -19.53 32.64 28.66
C TRP D 188 -18.93 31.26 28.40
N LEU D 189 -19.80 30.30 28.13
CA LEU D 189 -19.38 28.95 27.90
C LEU D 189 -19.28 28.80 26.38
N VAL D 190 -18.06 28.68 25.90
CA VAL D 190 -17.78 28.67 24.47
C VAL D 190 -17.31 27.31 23.96
N LYS D 191 -18.03 26.83 22.96
CA LYS D 191 -17.66 25.63 22.17
C LYS D 191 -16.72 25.99 21.04
N ASN D 192 -15.54 25.37 21.00
CA ASN D 192 -14.60 25.61 19.89
C ASN D 192 -14.62 24.47 18.92
N SER D 193 -13.76 24.53 17.89
CA SER D 193 -13.65 23.49 16.88
C SER D 193 -12.22 23.01 16.72
N TRP D 194 -11.54 22.78 17.87
CA TRP D 194 -10.16 22.32 17.93
C TRP D 194 -10.13 20.92 18.59
N GLY D 195 -11.25 20.25 18.55
CA GLY D 195 -11.32 18.88 19.13
C GLY D 195 -11.37 18.85 20.64
N LEU D 196 -11.39 17.64 21.18
CA LEU D 196 -11.61 17.49 22.57
C LEU D 196 -10.38 17.78 23.42
N ASN D 197 -9.20 17.87 22.79
CA ASN D 197 -7.96 18.18 23.48
C ASN D 197 -7.77 19.67 23.73
N PHE D 198 -8.63 20.48 23.13
CA PHE D 198 -8.57 21.91 23.42
C PHE D 198 -9.33 22.28 24.68
N GLY D 199 -8.79 23.23 25.45
CA GLY D 199 -9.49 23.70 26.63
C GLY D 199 -9.97 22.58 27.57
N ASP D 200 -11.21 22.70 28.06
CA ASP D 200 -11.86 21.71 28.91
C ASP D 200 -12.84 20.90 28.04
N GLN D 201 -12.37 19.74 27.52
CA GLN D 201 -13.20 18.86 26.66
C GLN D 201 -13.70 19.59 25.42
N GLY D 202 -12.91 20.55 24.95
CA GLY D 202 -13.24 21.28 23.70
C GLY D 202 -13.85 22.65 23.86
N TYR D 203 -14.07 23.02 25.13
CA TYR D 203 -14.73 24.23 25.60
C TYR D 203 -13.79 25.16 26.38
N ILE D 204 -14.11 26.45 26.34
CA ILE D 204 -13.38 27.41 27.13
C ILE D 204 -14.43 28.35 27.76
N ARG D 205 -14.25 28.68 29.03
CA ARG D 205 -15.08 29.64 29.69
C ARG D 205 -14.38 30.97 29.60
N MET D 206 -15.02 31.91 28.94
CA MET D 206 -14.44 33.22 28.73
C MET D 206 -15.12 34.31 29.54
N ALA D 207 -14.34 35.29 29.97
CA ALA D 207 -14.84 36.32 30.87
C ALA D 207 -16.08 37.01 30.31
N ARG D 208 -17.13 37.07 31.12
CA ARG D 208 -18.38 37.77 30.85
C ARG D 208 -18.57 39.01 31.73
N ASN D 209 -19.14 40.04 31.14
CA ASN D 209 -19.41 41.32 31.75
C ASN D 209 -18.14 42.13 32.07
N ASN D 210 -17.04 41.80 31.40
CA ASN D 210 -15.78 42.50 31.60
C ASN D 210 -15.53 43.35 30.37
N LYS D 211 -16.42 44.28 30.11
CA LYS D 211 -16.22 45.26 29.03
C LYS D 211 -16.01 44.61 27.66
N ASN D 212 -16.87 43.65 27.33
CA ASN D 212 -16.82 42.95 26.06
C ASN D 212 -15.41 42.40 25.77
N HIS D 213 -14.94 41.56 26.67
CA HIS D 213 -13.60 41.03 26.61
C HIS D 213 -13.44 40.08 25.44
N CYS D 214 -12.32 40.23 24.73
CA CYS D 214 -12.01 39.50 23.48
C CYS D 214 -13.03 39.75 22.37
N GLY D 215 -13.83 40.81 22.50
CA GLY D 215 -14.86 41.15 21.54
C GLY D 215 -16.03 40.20 21.40
N ILE D 216 -16.25 39.39 22.44
CA ILE D 216 -17.16 38.27 22.35
C ILE D 216 -18.61 38.64 22.02
N ALA D 217 -19.03 39.86 22.36
CA ALA D 217 -20.37 40.35 22.05
C ALA D 217 -20.42 41.35 20.89
N SER D 218 -19.35 41.44 20.13
CA SER D 218 -19.24 42.39 19.01
C SER D 218 -20.04 41.95 17.79
N TYR D 219 -19.96 40.68 17.43
CA TYR D 219 -20.57 40.16 16.20
C TYR D 219 -21.33 38.84 16.47
N CYS D 220 -22.45 38.93 17.14
CA CYS D 220 -23.21 37.75 17.57
C CYS D 220 -24.36 37.53 16.60
N SER D 221 -24.61 36.30 16.20
CA SER D 221 -25.76 36.02 15.36
C SER D 221 -26.31 34.65 15.59
N TYR D 222 -27.56 34.43 15.19
CA TYR D 222 -28.10 33.10 15.28
C TYR D 222 -29.17 32.94 14.20
N PRO D 223 -29.33 31.71 13.72
CA PRO D 223 -30.29 31.47 12.68
C PRO D 223 -31.67 31.11 13.19
N GLU D 224 -32.68 31.31 12.32
CA GLU D 224 -34.03 30.81 12.55
C GLU D 224 -34.33 29.84 11.46
N ILE D 225 -34.70 28.64 11.83
CA ILE D 225 -35.30 27.69 10.93
C ILE D 225 -36.68 28.24 10.62
N THR E 7 -35.21 -38.16 -25.07
CA THR E 7 -33.87 -38.06 -25.74
C THR E 7 -33.07 -36.89 -25.15
N LEU E 8 -31.75 -36.97 -25.27
CA LEU E 8 -30.88 -35.87 -24.83
C LEU E 8 -30.52 -34.96 -26.01
N PRO E 9 -30.19 -33.70 -25.72
CA PRO E 9 -29.76 -32.79 -26.78
C PRO E 9 -28.42 -33.22 -27.39
N ASP E 10 -28.25 -33.03 -28.69
CA ASP E 10 -26.95 -33.28 -29.34
C ASP E 10 -25.80 -32.39 -28.81
N THR E 11 -26.13 -31.17 -28.36
CA THR E 11 -25.14 -30.21 -27.89
C THR E 11 -25.58 -29.57 -26.56
N VAL E 12 -24.64 -29.44 -25.62
CA VAL E 12 -24.87 -28.73 -24.36
C VAL E 12 -23.69 -27.80 -24.06
N ASP E 13 -23.99 -26.59 -23.58
CA ASP E 13 -22.96 -25.66 -23.14
C ASP E 13 -23.48 -24.87 -21.98
N TRP E 14 -23.11 -25.26 -20.76
CA TRP E 14 -23.64 -24.57 -19.58
C TRP E 14 -23.21 -23.10 -19.43
N ARG E 15 -22.20 -22.69 -20.19
CA ARG E 15 -21.80 -21.28 -20.26
C ARG E 15 -22.91 -20.43 -20.86
N GLU E 16 -23.58 -20.97 -21.87
CA GLU E 16 -24.72 -20.31 -22.54
C GLU E 16 -25.92 -20.05 -21.60
N LYS E 17 -26.08 -20.87 -20.55
CA LYS E 17 -27.17 -20.72 -19.56
C LYS E 17 -26.72 -19.89 -18.35
N GLY E 18 -25.54 -19.29 -18.46
CA GLY E 18 -24.97 -18.51 -17.37
C GLY E 18 -24.65 -19.30 -16.13
N CYS E 19 -24.34 -20.59 -16.27
CA CYS E 19 -24.02 -21.42 -15.10
C CYS E 19 -22.54 -21.65 -14.84
N VAL E 20 -21.69 -20.97 -15.59
CA VAL E 20 -20.24 -21.15 -15.44
C VAL E 20 -19.56 -19.83 -15.17
N THR E 21 -18.77 -19.78 -14.11
CA THR E 21 -18.05 -18.55 -13.75
C THR E 21 -16.82 -18.37 -14.61
N GLU E 22 -16.19 -17.22 -14.46
CA GLU E 22 -14.94 -16.89 -15.15
C GLU E 22 -13.91 -17.98 -14.88
N VAL E 23 -13.08 -18.25 -15.88
CA VAL E 23 -11.97 -19.19 -15.73
C VAL E 23 -11.01 -18.67 -14.69
N LYS E 24 -10.52 -19.54 -13.80
CA LYS E 24 -9.59 -19.12 -12.74
C LYS E 24 -8.18 -19.54 -13.11
N TYR E 25 -7.19 -19.09 -12.33
CA TYR E 25 -5.77 -19.47 -12.53
C TYR E 25 -5.18 -20.00 -11.21
N GLN E 26 -4.85 -21.30 -11.17
CA GLN E 26 -4.45 -21.95 -9.94
C GLN E 26 -2.98 -21.68 -9.50
N GLY E 27 -2.15 -21.16 -10.41
CA GLY E 27 -0.75 -20.86 -10.10
C GLY E 27 0.04 -22.12 -9.85
N SER E 28 1.06 -22.05 -9.00
N SER E 28 1.04 -22.03 -8.98
CA SER E 28 1.87 -23.23 -8.67
CA SER E 28 1.89 -23.17 -8.63
C SER E 28 1.28 -24.08 -7.55
C SER E 28 1.29 -24.05 -7.53
N CYS E 29 0.09 -23.70 -7.07
CA CYS E 29 -0.63 -24.49 -6.05
C CYS E 29 -1.47 -25.59 -6.74
N GLY E 30 -1.31 -26.84 -6.27
CA GLY E 30 -2.05 -28.02 -6.77
C GLY E 30 -3.50 -28.03 -6.30
N ALA E 31 -4.28 -27.04 -6.76
CA ALA E 31 -5.67 -26.83 -6.33
C ALA E 31 -6.71 -27.13 -7.42
N CYS E 32 -6.30 -27.78 -8.51
CA CYS E 32 -7.24 -28.16 -9.59
C CYS E 32 -8.52 -28.83 -9.04
N TRP E 33 -8.34 -29.72 -8.07
CA TRP E 33 -9.46 -30.41 -7.43
C TRP E 33 -10.46 -29.46 -6.77
N ALA E 34 -9.98 -28.33 -6.24
CA ALA E 34 -10.82 -27.38 -5.55
C ALA E 34 -11.57 -26.53 -6.56
N PHE E 35 -10.92 -26.26 -7.68
CA PHE E 35 -11.53 -25.45 -8.73
C PHE E 35 -12.61 -26.24 -9.41
N SER E 36 -12.38 -27.54 -9.60
CA SER E 36 -13.38 -28.47 -10.14
C SER E 36 -14.61 -28.47 -9.22
N ALA E 37 -14.37 -28.74 -7.94
CA ALA E 37 -15.45 -28.81 -6.94
C ALA E 37 -16.32 -27.56 -6.90
N VAL E 38 -15.70 -26.39 -6.72
CA VAL E 38 -16.50 -25.15 -6.65
C VAL E 38 -17.21 -24.83 -7.97
N GLY E 39 -16.57 -25.18 -9.08
CA GLY E 39 -17.20 -25.06 -10.38
C GLY E 39 -18.51 -25.82 -10.42
N ALA E 40 -18.53 -27.03 -9.88
CA ALA E 40 -19.72 -27.87 -9.93
C ALA E 40 -20.82 -27.25 -9.06
N LEU E 41 -20.42 -26.65 -7.94
CA LEU E 41 -21.37 -26.06 -6.98
C LEU E 41 -21.86 -24.68 -7.42
N GLU E 42 -21.01 -23.97 -8.14
CA GLU E 42 -21.36 -22.72 -8.77
C GLU E 42 -22.53 -22.94 -9.74
N GLY E 43 -22.41 -23.97 -10.56
CA GLY E 43 -23.49 -24.36 -11.46
C GLY E 43 -24.82 -24.63 -10.76
N GLN E 44 -24.77 -25.41 -9.68
CA GLN E 44 -25.99 -25.80 -8.97
C GLN E 44 -26.59 -24.59 -8.27
N LEU E 45 -25.71 -23.80 -7.63
CA LEU E 45 -26.15 -22.54 -7.00
C LEU E 45 -26.89 -21.66 -8.01
N LYS E 46 -26.41 -21.57 -9.26
CA LYS E 46 -27.07 -20.74 -10.29
C LYS E 46 -28.40 -21.35 -10.71
N LEU E 47 -28.41 -22.66 -10.95
CA LEU E 47 -29.64 -23.36 -11.36
C LEU E 47 -30.77 -23.25 -10.32
N LYS E 48 -30.41 -23.12 -9.05
CA LYS E 48 -31.40 -23.01 -7.97
C LYS E 48 -31.78 -21.56 -7.65
N THR E 49 -30.80 -20.66 -7.55
CA THR E 49 -31.07 -19.28 -7.11
C THR E 49 -31.20 -18.25 -8.22
N GLY E 50 -30.62 -18.56 -9.38
CA GLY E 50 -30.56 -17.62 -10.50
C GLY E 50 -29.36 -16.69 -10.48
N LYS E 51 -28.50 -16.82 -9.47
CA LYS E 51 -27.36 -15.92 -9.29
C LYS E 51 -26.07 -16.69 -9.42
N LEU E 52 -25.20 -16.21 -10.29
CA LEU E 52 -23.92 -16.83 -10.59
C LEU E 52 -22.86 -16.18 -9.74
N ILE E 53 -22.24 -16.96 -8.87
CA ILE E 53 -21.26 -16.43 -7.93
C ILE E 53 -20.06 -17.36 -7.88
N SER E 54 -18.85 -16.81 -8.05
CA SER E 54 -17.61 -17.58 -7.86
C SER E 54 -17.44 -17.96 -6.39
N LEU E 55 -17.26 -19.25 -6.13
CA LEU E 55 -17.15 -19.80 -4.77
C LEU E 55 -15.69 -20.09 -4.40
N SER E 56 -15.39 -20.09 -3.10
CA SER E 56 -13.99 -20.01 -2.64
C SER E 56 -13.24 -21.34 -2.67
N ALA E 57 -12.34 -21.50 -3.63
CA ALA E 57 -11.47 -22.68 -3.67
C ALA E 57 -10.47 -22.67 -2.52
N GLN E 58 -10.09 -21.48 -2.07
CA GLN E 58 -9.13 -21.35 -0.95
C GLN E 58 -9.70 -21.97 0.33
N ASN E 59 -10.99 -21.71 0.55
CA ASN E 59 -11.80 -22.41 1.57
C ASN E 59 -11.57 -23.93 1.60
N LEU E 60 -11.57 -24.55 0.43
CA LEU E 60 -11.39 -26.00 0.33
C LEU E 60 -9.92 -26.39 0.51
N VAL E 61 -9.02 -25.54 0.02
CA VAL E 61 -7.58 -25.73 0.21
C VAL E 61 -7.18 -25.54 1.68
N ASP E 62 -7.58 -24.42 2.29
CA ASP E 62 -7.24 -24.12 3.70
C ASP E 62 -7.87 -25.08 4.71
N CYS E 63 -9.11 -25.53 4.48
CA CYS E 63 -9.97 -26.11 5.57
C CYS E 63 -10.29 -27.61 5.50
N SER E 64 -10.07 -28.27 4.37
CA SER E 64 -10.31 -29.73 4.29
C SER E 64 -8.97 -30.46 4.28
N ASN E 65 -7.90 -29.72 4.59
CA ASN E 65 -6.53 -30.25 4.63
C ASN E 65 -6.34 -31.13 5.86
N GLU E 66 -6.84 -32.36 5.80
CA GLU E 66 -6.78 -33.28 6.95
C GLU E 66 -7.12 -34.72 6.58
N GLU E 67 -6.94 -35.62 7.55
CA GLU E 67 -7.00 -37.07 7.31
C GLU E 67 -8.43 -37.61 7.23
N LYS E 68 -9.40 -36.82 7.66
CA LYS E 68 -10.81 -37.21 7.58
C LYS E 68 -11.30 -37.24 6.12
N TYR E 69 -10.68 -36.44 5.27
CA TYR E 69 -11.06 -36.31 3.86
C TYR E 69 -10.03 -36.99 2.92
N GLY E 70 -8.77 -36.60 3.05
CA GLY E 70 -7.70 -37.13 2.20
C GLY E 70 -7.11 -36.07 1.28
N ASN E 71 -7.57 -34.84 1.46
CA ASN E 71 -7.07 -33.70 0.71
C ASN E 71 -5.83 -33.13 1.38
N LYS E 72 -4.81 -32.86 0.57
CA LYS E 72 -3.54 -32.35 1.08
C LYS E 72 -3.25 -30.99 0.50
N GLY E 73 -4.27 -30.12 0.46
CA GLY E 73 -4.12 -28.72 0.05
C GLY E 73 -3.57 -28.45 -1.35
N CYS E 74 -2.44 -27.75 -1.38
CA CYS E 74 -1.72 -27.49 -2.63
C CYS E 74 -0.96 -28.73 -3.10
N GLY E 75 -0.94 -29.79 -2.28
CA GLY E 75 -0.39 -31.08 -2.69
C GLY E 75 -1.30 -31.93 -3.57
N GLY E 76 -2.59 -31.57 -3.61
CA GLY E 76 -3.62 -32.32 -4.36
C GLY E 76 -4.81 -32.67 -3.46
N GLY E 77 -5.82 -33.30 -4.04
CA GLY E 77 -7.11 -33.52 -3.39
C GLY E 77 -8.14 -34.15 -4.32
N TYR E 78 -9.30 -34.46 -3.74
CA TYR E 78 -10.39 -35.12 -4.45
C TYR E 78 -11.63 -34.21 -4.39
N MET E 79 -12.36 -34.14 -5.49
CA MET E 79 -13.59 -33.35 -5.56
C MET E 79 -14.66 -33.96 -4.64
N THR E 80 -14.75 -35.29 -4.63
CA THR E 80 -15.72 -35.99 -3.77
C THR E 80 -15.50 -35.64 -2.32
N GLU E 81 -14.25 -35.74 -1.89
CA GLU E 81 -13.91 -35.45 -0.49
C GLU E 81 -14.10 -33.97 -0.20
N ALA E 82 -13.95 -33.12 -1.22
CA ALA E 82 -14.24 -31.70 -1.07
C ALA E 82 -15.74 -31.41 -0.82
N PHE E 83 -16.61 -32.07 -1.59
CA PHE E 83 -18.08 -31.98 -1.38
C PHE E 83 -18.44 -32.37 0.05
N GLN E 84 -18.04 -33.61 0.42
CA GLN E 84 -18.23 -34.18 1.77
C GLN E 84 -17.71 -33.29 2.91
N TYR E 85 -16.75 -32.42 2.62
CA TYR E 85 -16.36 -31.39 3.56
C TYR E 85 -17.38 -30.27 3.65
N ILE E 86 -17.95 -29.85 2.51
CA ILE E 86 -18.95 -28.76 2.52
C ILE E 86 -20.22 -29.18 3.26
N ILE E 87 -20.55 -30.48 3.15
CA ILE E 87 -21.68 -31.07 3.86
C ILE E 87 -21.44 -31.04 5.38
N ASP E 88 -20.18 -31.25 5.79
CA ASP E 88 -19.81 -31.27 7.21
C ASP E 88 -19.68 -29.89 7.78
N ASN E 89 -19.08 -28.98 7.01
CA ASN E 89 -18.89 -27.60 7.44
C ASN E 89 -20.23 -26.83 7.58
N GLY E 90 -21.22 -27.19 6.77
CA GLY E 90 -22.48 -26.46 6.67
C GLY E 90 -22.41 -25.32 5.66
N GLY E 91 -21.44 -25.38 4.75
CA GLY E 91 -21.35 -24.41 3.64
C GLY E 91 -19.95 -23.96 3.23
N ILE E 92 -19.92 -22.88 2.43
CA ILE E 92 -18.69 -22.36 1.83
C ILE E 92 -18.87 -20.89 1.47
N GLU E 93 -17.79 -20.12 1.60
CA GLU E 93 -17.84 -18.69 1.28
C GLU E 93 -17.72 -18.42 -0.21
N ALA E 94 -18.13 -17.22 -0.61
CA ALA E 94 -17.83 -16.72 -1.94
C ALA E 94 -16.33 -16.36 -2.02
N ASP E 95 -15.79 -16.41 -3.22
CA ASP E 95 -14.38 -16.06 -3.47
C ASP E 95 -14.12 -14.61 -3.05
N ALA E 96 -15.10 -13.74 -3.28
CA ALA E 96 -14.97 -12.30 -2.97
C ALA E 96 -14.58 -12.02 -1.50
N SER E 97 -15.06 -12.84 -0.56
CA SER E 97 -14.76 -12.64 0.86
C SER E 97 -13.79 -13.68 1.42
N TYR E 98 -13.39 -14.64 0.59
CA TYR E 98 -12.39 -15.62 0.97
C TYR E 98 -11.53 -15.90 -0.28
N PRO E 99 -10.72 -14.91 -0.68
CA PRO E 99 -10.03 -14.95 -1.98
C PRO E 99 -8.97 -16.06 -2.11
N TYR E 100 -8.50 -16.25 -3.34
CA TYR E 100 -7.56 -17.31 -3.65
C TYR E 100 -6.14 -16.78 -3.42
N LYS E 101 -5.30 -17.58 -2.79
CA LYS E 101 -3.94 -17.14 -2.45
C LYS E 101 -2.85 -17.97 -3.16
N ALA E 102 -3.22 -19.16 -3.65
CA ALA E 102 -2.30 -20.12 -4.28
C ALA E 102 -1.22 -20.59 -3.30
N MET E 103 -1.59 -20.67 -2.02
N MET E 103 -1.57 -20.68 -2.02
CA MET E 103 -0.70 -21.12 -0.95
CA MET E 103 -0.67 -21.19 -1.00
C MET E 103 -1.53 -21.89 0.08
C MET E 103 -1.48 -21.86 0.10
N ASP E 104 -0.90 -22.87 0.75
CA ASP E 104 -1.51 -23.52 1.91
C ASP E 104 -1.53 -22.49 3.05
N GLU E 105 -2.70 -22.16 3.57
CA GLU E 105 -2.85 -21.16 4.66
C GLU E 105 -3.76 -21.68 5.79
N LYS E 106 -3.90 -20.90 6.87
CA LYS E 106 -4.75 -21.33 7.99
C LYS E 106 -6.24 -21.02 7.74
N CYS E 107 -7.11 -21.98 8.04
CA CYS E 107 -8.56 -21.85 7.80
C CYS E 107 -9.20 -20.73 8.61
N HIS E 108 -9.81 -19.76 7.93
CA HIS E 108 -10.59 -18.70 8.59
C HIS E 108 -12.03 -18.61 8.06
N TYR E 109 -12.68 -19.77 7.98
CA TYR E 109 -14.10 -19.84 7.58
C TYR E 109 -15.06 -19.12 8.53
N ASN E 110 -15.87 -18.23 7.97
CA ASN E 110 -16.87 -17.48 8.73
C ASN E 110 -18.27 -17.70 8.14
N SER E 111 -19.15 -18.36 8.90
CA SER E 111 -20.50 -18.68 8.41
C SER E 111 -21.37 -17.43 8.19
N LYS E 112 -21.03 -16.31 8.82
CA LYS E 112 -21.71 -15.03 8.53
C LYS E 112 -21.49 -14.61 7.06
N ASN E 113 -20.51 -15.23 6.40
CA ASN E 113 -20.22 -14.98 4.98
C ASN E 113 -20.62 -16.14 4.05
N ARG E 114 -21.20 -17.19 4.62
CA ARG E 114 -21.63 -18.37 3.84
C ARG E 114 -22.42 -17.97 2.59
N ALA E 115 -22.07 -18.59 1.46
CA ALA E 115 -22.69 -18.22 0.18
C ALA E 115 -23.31 -19.40 -0.56
N ALA E 116 -23.04 -20.61 -0.10
CA ALA E 116 -23.55 -21.82 -0.74
C ALA E 116 -23.44 -22.95 0.25
N THR E 117 -24.30 -23.95 0.08
CA THR E 117 -24.23 -25.20 0.84
C THR E 117 -24.29 -26.39 -0.09
N CYS E 118 -24.08 -27.57 0.48
CA CYS E 118 -24.16 -28.82 -0.23
C CYS E 118 -24.79 -29.81 0.72
N SER E 119 -25.76 -30.59 0.24
CA SER E 119 -26.49 -31.53 1.10
C SER E 119 -26.14 -32.99 0.81
N ARG E 120 -25.86 -33.32 -0.44
CA ARG E 120 -25.40 -34.63 -0.85
C ARG E 120 -24.58 -34.49 -2.13
N TYR E 121 -23.90 -35.56 -2.53
CA TYR E 121 -23.29 -35.62 -3.88
C TYR E 121 -23.52 -36.96 -4.55
N ILE E 122 -23.38 -36.98 -5.88
CA ILE E 122 -23.69 -38.12 -6.70
C ILE E 122 -22.44 -38.57 -7.44
N GLN E 123 -22.19 -39.86 -7.43
CA GLN E 123 -21.04 -40.42 -8.14
C GLN E 123 -21.55 -41.28 -9.29
N LEU E 124 -21.13 -40.95 -10.52
CA LEU E 124 -21.61 -41.67 -11.69
C LEU E 124 -20.84 -42.99 -11.91
N PRO E 125 -21.43 -43.96 -12.61
CA PRO E 125 -20.73 -45.25 -12.76
C PRO E 125 -19.36 -45.11 -13.44
N PHE E 126 -18.39 -45.92 -13.02
CA PHE E 126 -17.03 -45.88 -13.56
C PHE E 126 -16.97 -46.09 -15.07
N GLY E 127 -16.36 -45.13 -15.77
CA GLY E 127 -16.10 -45.25 -17.20
C GLY E 127 -17.30 -45.10 -18.11
N ASP E 128 -18.46 -44.75 -17.54
CA ASP E 128 -19.72 -44.73 -18.31
C ASP E 128 -19.97 -43.33 -18.91
N GLU E 129 -19.55 -43.17 -20.16
CA GLU E 129 -19.66 -41.89 -20.85
C GLU E 129 -21.12 -41.58 -21.19
N ASP E 130 -21.97 -42.62 -21.32
CA ASP E 130 -23.42 -42.39 -21.57
C ASP E 130 -24.07 -41.77 -20.32
N ALA E 131 -23.65 -42.25 -19.15
CA ALA E 131 -24.10 -41.66 -17.88
C ALA E 131 -23.64 -40.21 -17.73
N LEU E 132 -22.36 -39.93 -18.00
CA LEU E 132 -21.84 -38.56 -17.95
C LEU E 132 -22.60 -37.66 -18.90
N LYS E 133 -22.95 -38.15 -20.07
CA LYS E 133 -23.73 -37.30 -21.03
C LYS E 133 -25.12 -36.93 -20.44
N GLU E 134 -25.77 -37.90 -19.82
CA GLU E 134 -27.09 -37.67 -19.21
C GLU E 134 -26.99 -36.71 -18.04
N ALA E 135 -25.90 -36.79 -17.27
CA ALA E 135 -25.70 -35.92 -16.12
C ALA E 135 -25.44 -34.50 -16.60
N VAL E 136 -24.53 -34.35 -17.57
CA VAL E 136 -24.21 -33.04 -18.08
C VAL E 136 -25.46 -32.44 -18.72
N ALA E 137 -26.24 -33.24 -19.45
CA ALA E 137 -27.48 -32.71 -20.09
C ALA E 137 -28.56 -32.25 -19.09
N THR E 138 -28.76 -33.03 -18.01
CA THR E 138 -29.97 -32.90 -17.17
C THR E 138 -29.69 -32.41 -15.76
N LYS E 139 -28.43 -32.42 -15.33
CA LYS E 139 -28.10 -32.03 -13.97
C LYS E 139 -27.33 -30.73 -13.88
N GLY E 140 -26.28 -30.60 -14.69
CA GLY E 140 -25.39 -29.45 -14.66
C GLY E 140 -23.93 -29.87 -14.91
N PRO E 141 -22.99 -28.93 -14.71
CA PRO E 141 -21.58 -29.25 -14.81
C PRO E 141 -21.17 -30.34 -13.84
N VAL E 142 -20.27 -31.20 -14.30
CA VAL E 142 -19.86 -32.40 -13.57
C VAL E 142 -18.33 -32.36 -13.34
N SER E 143 -17.90 -32.64 -12.11
CA SER E 143 -16.49 -32.69 -11.77
C SER E 143 -15.95 -33.99 -12.29
N VAL E 144 -14.82 -33.93 -12.99
CA VAL E 144 -14.19 -35.16 -13.50
C VAL E 144 -12.70 -35.20 -13.23
N GLY E 145 -12.15 -36.41 -13.29
CA GLY E 145 -10.70 -36.61 -13.31
C GLY E 145 -10.21 -36.97 -14.69
N ILE E 146 -9.08 -36.41 -15.10
CA ILE E 146 -8.50 -36.75 -16.43
C ILE E 146 -7.00 -36.94 -16.37
N ASP E 147 -6.47 -37.71 -17.33
CA ASP E 147 -5.03 -37.75 -17.56
C ASP E 147 -4.62 -36.49 -18.35
N ALA E 148 -4.06 -35.50 -17.65
CA ALA E 148 -3.63 -34.23 -18.25
C ALA E 148 -2.11 -34.08 -18.10
N SER E 149 -1.40 -35.18 -18.25
CA SER E 149 0.03 -35.23 -17.94
C SER E 149 0.89 -35.24 -19.21
N HIS E 150 0.24 -35.09 -20.36
CA HIS E 150 0.95 -35.19 -21.64
C HIS E 150 1.04 -33.78 -22.18
N SER E 151 2.18 -33.45 -22.78
CA SER E 151 2.46 -32.05 -23.15
C SER E 151 1.48 -31.51 -24.21
N SER E 152 1.00 -32.40 -25.08
CA SER E 152 -0.03 -32.09 -26.09
C SER E 152 -1.28 -31.40 -25.51
N PHE E 153 -1.63 -31.76 -24.27
CA PHE E 153 -2.74 -31.11 -23.55
C PHE E 153 -2.53 -29.60 -23.47
N PHE E 154 -1.27 -29.18 -23.32
CA PHE E 154 -0.92 -27.75 -23.26
C PHE E 154 -0.59 -27.12 -24.62
N PHE E 155 -0.50 -27.94 -25.67
CA PHE E 155 -0.36 -27.44 -27.04
C PHE E 155 -1.71 -27.18 -27.69
N TYR E 156 -2.76 -27.86 -27.20
CA TYR E 156 -4.14 -27.64 -27.68
C TYR E 156 -4.52 -26.16 -27.83
N LYS E 157 -5.07 -25.81 -29.00
CA LYS E 157 -5.63 -24.48 -29.25
C LYS E 157 -7.05 -24.52 -29.80
N SER E 158 -7.37 -25.52 -30.63
CA SER E 158 -8.73 -25.67 -31.17
C SER E 158 -8.92 -27.11 -31.64
N GLY E 159 -10.12 -27.42 -32.14
CA GLY E 159 -10.48 -28.78 -32.51
C GLY E 159 -10.80 -29.62 -31.30
N VAL E 160 -10.48 -30.92 -31.39
CA VAL E 160 -10.81 -31.87 -30.32
C VAL E 160 -9.56 -32.64 -29.92
N TYR E 161 -9.17 -32.50 -28.67
CA TYR E 161 -7.95 -33.12 -28.17
C TYR E 161 -8.18 -34.63 -28.13
N ASP E 162 -7.31 -35.38 -28.80
CA ASP E 162 -7.44 -36.83 -28.92
C ASP E 162 -6.06 -37.43 -29.14
N ASP E 163 -5.21 -37.34 -28.13
CA ASP E 163 -3.84 -37.84 -28.22
C ASP E 163 -3.81 -39.33 -27.85
N PRO E 164 -3.31 -40.20 -28.75
CA PRO E 164 -3.31 -41.64 -28.48
C PRO E 164 -2.45 -42.07 -27.31
N SER E 165 -1.48 -41.25 -26.93
CA SER E 165 -0.66 -41.50 -25.75
C SER E 165 -1.37 -41.32 -24.40
N CYS E 166 -2.59 -40.76 -24.40
N CYS E 166 -2.56 -40.75 -24.38
CA CYS E 166 -3.34 -40.51 -23.18
CA CYS E 166 -3.25 -40.53 -23.12
C CYS E 166 -3.70 -41.86 -22.55
C CYS E 166 -3.74 -41.85 -22.56
N THR E 167 -3.82 -41.90 -21.23
CA THR E 167 -4.19 -43.13 -20.51
C THR E 167 -5.41 -42.93 -19.63
N GLY E 168 -5.85 -44.02 -19.01
CA GLY E 168 -6.86 -43.98 -17.97
C GLY E 168 -6.34 -43.62 -16.59
N ASN E 169 -5.04 -43.33 -16.47
CA ASN E 169 -4.47 -42.98 -15.16
C ASN E 169 -4.60 -41.49 -14.96
N VAL E 170 -5.67 -41.12 -14.27
CA VAL E 170 -6.02 -39.71 -14.10
C VAL E 170 -5.15 -39.01 -13.04
N ASN E 171 -4.91 -37.72 -13.23
CA ASN E 171 -4.02 -36.94 -12.36
C ASN E 171 -4.47 -35.52 -12.09
N HIS E 172 -5.53 -35.09 -12.80
CA HIS E 172 -6.08 -33.74 -12.71
C HIS E 172 -7.62 -33.71 -12.71
N GLY E 173 -8.13 -32.88 -11.80
CA GLY E 173 -9.54 -32.58 -11.69
C GLY E 173 -9.90 -31.32 -12.46
N VAL E 174 -10.92 -31.45 -13.30
CA VAL E 174 -11.42 -30.39 -14.16
C VAL E 174 -12.95 -30.49 -14.21
N LEU E 175 -13.60 -29.59 -14.93
CA LEU E 175 -15.05 -29.52 -14.92
C LEU E 175 -15.61 -29.64 -16.32
N VAL E 176 -16.51 -30.58 -16.50
CA VAL E 176 -17.19 -30.77 -17.80
C VAL E 176 -18.43 -29.86 -17.82
N VAL E 177 -18.45 -28.90 -18.74
CA VAL E 177 -19.53 -27.91 -18.77
C VAL E 177 -20.41 -28.12 -19.98
N GLY E 178 -20.18 -29.18 -20.74
CA GLY E 178 -21.03 -29.45 -21.88
C GLY E 178 -20.39 -30.46 -22.78
N TYR E 179 -21.00 -30.67 -23.94
CA TYR E 179 -20.51 -31.63 -24.93
C TYR E 179 -21.06 -31.26 -26.29
N GLY E 180 -20.52 -31.88 -27.34
CA GLY E 180 -21.11 -31.83 -28.66
C GLY E 180 -20.28 -32.59 -29.67
N THR E 181 -20.29 -32.10 -30.91
CA THR E 181 -19.50 -32.71 -31.99
C THR E 181 -18.92 -31.59 -32.81
N LEU E 182 -17.62 -31.67 -33.08
CA LEU E 182 -16.90 -30.66 -33.83
C LEU E 182 -16.09 -31.37 -34.91
N ASP E 183 -16.34 -31.00 -36.16
CA ASP E 183 -15.61 -31.54 -37.32
C ASP E 183 -15.67 -33.07 -37.34
N GLY E 184 -16.85 -33.59 -37.01
CA GLY E 184 -17.12 -35.01 -37.05
C GLY E 184 -16.64 -35.76 -35.81
N LYS E 185 -16.08 -35.06 -34.82
CA LYS E 185 -15.57 -35.71 -33.58
C LYS E 185 -16.37 -35.31 -32.34
N ASP E 186 -16.93 -36.29 -31.62
CA ASP E 186 -17.63 -36.02 -30.38
C ASP E 186 -16.63 -35.46 -29.37
N TYR E 187 -17.05 -34.51 -28.55
CA TYR E 187 -16.20 -33.95 -27.55
C TYR E 187 -16.97 -33.65 -26.27
N TRP E 188 -16.20 -33.54 -25.18
CA TRP E 188 -16.62 -33.02 -23.90
C TRP E 188 -15.99 -31.63 -23.80
N LEU E 189 -16.76 -30.67 -23.29
CA LEU E 189 -16.28 -29.32 -23.15
C LEU E 189 -15.79 -29.17 -21.71
N VAL E 190 -14.49 -28.96 -21.56
CA VAL E 190 -13.84 -28.96 -20.25
C VAL E 190 -13.28 -27.61 -19.84
N LYS E 191 -13.74 -27.11 -18.69
CA LYS E 191 -13.22 -25.91 -18.06
C LYS E 191 -12.00 -26.29 -17.24
N ASN E 192 -10.86 -25.67 -17.52
CA ASN E 192 -9.69 -25.89 -16.66
C ASN E 192 -9.44 -24.73 -15.72
N SER E 193 -8.36 -24.81 -14.93
CA SER E 193 -8.00 -23.80 -13.94
C SER E 193 -6.55 -23.28 -14.12
N TRP E 194 -6.16 -23.09 -15.38
CA TRP E 194 -4.90 -22.46 -15.77
C TRP E 194 -5.11 -21.12 -16.49
N GLY E 195 -6.14 -20.38 -16.11
CA GLY E 195 -6.43 -19.10 -16.76
C GLY E 195 -6.85 -19.13 -18.22
N LEU E 196 -7.03 -17.93 -18.77
CA LEU E 196 -7.53 -17.75 -20.13
C LEU E 196 -6.52 -18.07 -21.22
N ASN E 197 -5.24 -18.12 -20.85
CA ASN E 197 -4.22 -18.41 -21.88
C ASN E 197 -4.16 -19.90 -22.20
N PHE E 198 -4.65 -20.73 -21.29
CA PHE E 198 -4.75 -22.16 -21.58
C PHE E 198 -5.78 -22.44 -22.68
N GLY E 199 -5.42 -23.34 -23.59
CA GLY E 199 -6.39 -23.89 -24.52
C GLY E 199 -7.14 -22.82 -25.30
N ASP E 200 -8.46 -22.94 -25.33
CA ASP E 200 -9.33 -22.01 -26.05
C ASP E 200 -10.07 -21.18 -25.02
N GLN E 201 -9.48 -20.01 -24.71
N GLN E 201 -9.50 -20.02 -24.67
CA GLN E 201 -9.88 -19.13 -23.60
CA GLN E 201 -10.03 -19.16 -23.61
C GLN E 201 -10.19 -19.87 -22.30
C GLN E 201 -10.22 -19.89 -22.27
N GLY E 202 -9.37 -20.87 -21.99
CA GLY E 202 -9.45 -21.59 -20.73
C GLY E 202 -10.12 -22.95 -20.80
N TYR E 203 -10.59 -23.32 -21.98
CA TYR E 203 -11.36 -24.54 -22.18
C TYR E 203 -10.61 -25.48 -23.13
N ILE E 204 -10.85 -26.77 -22.95
CA ILE E 204 -10.32 -27.77 -23.85
C ILE E 204 -11.47 -28.69 -24.28
N ARG E 205 -11.55 -29.00 -25.57
CA ARG E 205 -12.55 -29.92 -26.05
C ARG E 205 -11.83 -31.25 -26.10
N MET E 206 -12.32 -32.20 -25.32
CA MET E 206 -11.71 -33.51 -25.23
C MET E 206 -12.56 -34.62 -25.82
N ALA E 207 -11.89 -35.60 -26.43
CA ALA E 207 -12.56 -36.68 -27.14
C ALA E 207 -13.54 -37.41 -26.27
N ARG E 208 -14.76 -37.53 -26.81
CA ARG E 208 -15.90 -38.16 -26.16
C ARG E 208 -16.30 -39.39 -26.96
N ASN E 209 -16.76 -40.43 -26.26
CA ASN E 209 -17.16 -41.70 -26.85
C ASN E 209 -16.03 -42.49 -27.48
N ASN E 210 -14.79 -42.17 -27.15
CA ASN E 210 -13.62 -42.87 -27.63
C ASN E 210 -13.00 -43.72 -26.53
N LYS E 211 -13.72 -44.76 -26.09
CA LYS E 211 -13.23 -45.69 -25.05
C LYS E 211 -12.72 -44.96 -23.81
N ASN E 212 -13.53 -44.05 -23.27
CA ASN E 212 -13.20 -43.35 -22.04
C ASN E 212 -11.81 -42.72 -22.12
N HIS E 213 -11.61 -41.90 -23.15
CA HIS E 213 -10.30 -41.32 -23.44
C HIS E 213 -9.82 -40.34 -22.34
N CYS E 214 -8.57 -40.51 -21.91
CA CYS E 214 -7.97 -39.80 -20.76
C CYS E 214 -8.68 -40.09 -19.42
N GLY E 215 -9.46 -41.17 -19.38
CA GLY E 215 -10.21 -41.53 -18.17
C GLY E 215 -11.27 -40.52 -17.77
N ILE E 216 -11.71 -39.72 -18.73
CA ILE E 216 -12.60 -38.64 -18.42
C ILE E 216 -13.92 -39.04 -17.72
N ALA E 217 -14.40 -40.28 -17.92
CA ALA E 217 -15.65 -40.73 -17.28
C ALA E 217 -15.40 -41.76 -16.15
N SER E 218 -14.14 -41.93 -15.78
CA SER E 218 -13.77 -42.82 -14.69
C SER E 218 -14.31 -42.35 -13.32
N TYR E 219 -14.04 -41.11 -12.95
CA TYR E 219 -14.40 -40.59 -11.62
C TYR E 219 -15.19 -39.27 -11.65
N CYS E 220 -16.46 -39.36 -12.05
CA CYS E 220 -17.34 -38.21 -12.16
C CYS E 220 -18.25 -38.08 -10.93
N SER E 221 -18.45 -36.84 -10.52
CA SER E 221 -19.35 -36.51 -9.39
C SER E 221 -19.92 -35.12 -9.54
N TYR E 222 -21.12 -34.90 -8.98
CA TYR E 222 -21.62 -33.57 -8.83
C TYR E 222 -22.34 -33.47 -7.50
N PRO E 223 -22.38 -32.26 -6.92
CA PRO E 223 -23.04 -32.02 -5.64
C PRO E 223 -24.51 -31.59 -5.82
N GLU E 224 -25.32 -31.91 -4.82
CA GLU E 224 -26.69 -31.41 -4.74
C GLU E 224 -26.73 -30.35 -3.62
N ILE E 225 -27.43 -29.25 -3.86
CA ILE E 225 -27.46 -28.18 -2.88
C ILE E 225 -28.30 -28.54 -1.65
N THR F 7 6.39 -15.13 17.46
CA THR F 7 6.71 -14.17 16.35
C THR F 7 7.29 -12.84 16.85
N LEU F 8 8.57 -12.89 17.21
CA LEU F 8 9.36 -11.71 17.55
C LEU F 8 9.46 -10.74 16.37
N PRO F 9 9.69 -9.44 16.64
CA PRO F 9 9.89 -8.53 15.48
C PRO F 9 11.19 -8.82 14.71
N ASP F 10 11.21 -8.44 13.44
CA ASP F 10 12.37 -8.60 12.55
C ASP F 10 13.55 -7.73 12.95
N THR F 11 13.25 -6.52 13.41
CA THR F 11 14.24 -5.51 13.77
C THR F 11 13.89 -4.85 15.10
N VAL F 12 14.90 -4.69 15.96
CA VAL F 12 14.76 -3.97 17.23
C VAL F 12 15.92 -2.97 17.28
N ASP F 13 15.63 -1.77 17.77
CA ASP F 13 16.66 -0.80 18.08
C ASP F 13 16.16 -0.06 19.29
N TRP F 14 16.67 -0.44 20.46
CA TRP F 14 16.30 0.21 21.72
C TRP F 14 16.71 1.69 21.82
N ARG F 15 17.61 2.14 20.96
CA ARG F 15 17.93 3.59 20.87
C ARG F 15 16.73 4.39 20.45
N GLU F 16 15.95 3.85 19.51
CA GLU F 16 14.77 4.55 19.03
C GLU F 16 13.72 4.65 20.11
N LYS F 17 13.83 3.83 21.16
CA LYS F 17 12.87 3.85 22.28
C LYS F 17 13.37 4.64 23.52
N GLY F 18 14.53 5.26 23.41
CA GLY F 18 15.01 6.13 24.44
C GLY F 18 15.52 5.35 25.62
N CYS F 19 15.92 4.08 25.36
CA CYS F 19 16.36 3.17 26.41
C CYS F 19 17.87 3.02 26.47
N VAL F 20 18.59 3.83 25.68
CA VAL F 20 20.04 3.75 25.65
C VAL F 20 20.63 5.13 25.90
N THR F 21 21.59 5.21 26.83
CA THR F 21 22.31 6.44 27.12
C THR F 21 23.41 6.69 26.09
N GLU F 22 24.02 7.87 26.13
CA GLU F 22 25.13 8.19 25.24
C GLU F 22 26.31 7.21 25.44
N VAL F 23 27.04 6.98 24.36
CA VAL F 23 28.24 6.16 24.36
C VAL F 23 29.31 6.79 25.23
N LYS F 24 29.88 5.97 26.09
CA LYS F 24 30.96 6.37 27.01
C LYS F 24 32.34 6.03 26.44
N TYR F 25 33.39 6.53 27.12
CA TYR F 25 34.76 6.33 26.67
C TYR F 25 35.59 5.76 27.82
N GLN F 26 35.93 4.46 27.78
CA GLN F 26 36.57 3.83 28.94
C GLN F 26 38.01 4.29 29.23
N GLY F 27 38.70 4.78 28.21
CA GLY F 27 40.10 5.21 28.34
C GLY F 27 41.03 4.03 28.62
N SER F 28 42.07 4.26 29.39
N SER F 28 42.05 4.31 29.43
CA SER F 28 43.04 3.20 29.69
CA SER F 28 43.09 3.34 29.80
C SER F 28 42.70 2.43 30.98
C SER F 28 42.65 2.32 30.87
N CYS F 29 41.42 2.45 31.36
CA CYS F 29 40.91 1.62 32.42
C CYS F 29 40.10 0.47 31.83
N GLY F 30 40.38 -0.78 32.19
CA GLY F 30 39.61 -1.90 31.68
C GLY F 30 38.23 -2.08 32.30
N ALA F 31 37.33 -1.13 32.04
CA ALA F 31 36.03 -1.12 32.69
C ALA F 31 34.87 -1.36 31.72
N CYS F 32 35.18 -1.97 30.57
CA CYS F 32 34.16 -2.45 29.61
C CYS F 32 32.98 -3.25 30.26
N TRP F 33 33.28 -4.17 31.17
CA TRP F 33 32.29 -4.88 31.90
C TRP F 33 31.36 -3.95 32.75
N ALA F 34 31.92 -2.85 33.23
CA ALA F 34 31.20 -1.95 34.12
C ALA F 34 30.26 -1.11 33.26
N PHE F 35 30.75 -0.71 32.10
CA PHE F 35 29.92 0.01 31.13
C PHE F 35 28.77 -0.85 30.57
N SER F 36 29.07 -2.11 30.25
CA SER F 36 28.05 -3.09 29.86
C SER F 36 26.96 -3.25 30.94
N ALA F 37 27.38 -3.51 32.18
CA ALA F 37 26.43 -3.70 33.25
C ALA F 37 25.52 -2.52 33.49
N VAL F 38 26.08 -1.33 33.63
CA VAL F 38 25.24 -0.16 33.85
C VAL F 38 24.35 0.11 32.63
N GLY F 39 24.85 -0.21 31.43
CA GLY F 39 24.01 -0.06 30.24
C GLY F 39 22.79 -0.94 30.25
N ALA F 40 22.91 -2.18 30.76
CA ALA F 40 21.76 -3.04 30.80
C ALA F 40 20.77 -2.50 31.85
N LEU F 41 21.30 -2.13 33.01
CA LEU F 41 20.46 -1.54 34.04
C LEU F 41 19.79 -0.22 33.63
N GLU F 42 20.46 0.59 32.80
CA GLU F 42 19.94 1.90 32.29
C GLU F 42 18.70 1.61 31.44
N GLY F 43 18.78 0.54 30.63
CA GLY F 43 17.62 0.16 29.81
C GLY F 43 16.42 -0.24 30.65
N GLN F 44 16.66 -1.08 31.67
CA GLN F 44 15.58 -1.49 32.56
C GLN F 44 15.01 -0.31 33.37
N LEU F 45 15.89 0.56 33.88
CA LEU F 45 15.42 1.74 34.64
C LEU F 45 14.47 2.60 33.78
N LYS F 46 14.80 2.75 32.49
CA LYS F 46 13.95 3.49 31.57
C LYS F 46 12.63 2.78 31.35
N LEU F 47 12.66 1.47 31.17
CA LEU F 47 11.44 0.71 30.90
C LEU F 47 10.46 0.75 32.07
N LYS F 48 10.99 0.82 33.28
CA LYS F 48 10.17 0.82 34.49
C LYS F 48 9.72 2.25 34.86
N THR F 49 10.67 3.19 34.91
CA THR F 49 10.43 4.53 35.48
C THR F 49 10.18 5.62 34.41
N GLY F 50 10.63 5.40 33.18
CA GLY F 50 10.59 6.41 32.14
C GLY F 50 11.77 7.38 32.17
N LYS F 51 12.68 7.21 33.13
CA LYS F 51 13.89 8.04 33.27
C LYS F 51 15.08 7.37 32.58
N LEU F 52 15.72 8.15 31.72
CA LEU F 52 16.97 7.75 31.09
C LEU F 52 18.10 8.40 31.85
N ILE F 53 18.88 7.60 32.57
CA ILE F 53 19.93 8.11 33.44
C ILE F 53 21.21 7.29 33.33
N SER F 54 22.33 7.95 33.00
CA SER F 54 23.64 7.26 33.04
C SER F 54 24.02 6.92 34.47
N LEU F 55 24.26 5.63 34.69
CA LEU F 55 24.58 5.08 36.01
C LEU F 55 26.08 4.92 36.14
N SER F 56 26.56 4.85 37.36
CA SER F 56 27.97 5.04 37.65
C SER F 56 28.74 3.73 37.46
N ALA F 57 29.36 3.59 36.28
CA ALA F 57 30.39 2.59 36.03
C ALA F 57 31.55 2.75 37.02
N GLN F 58 31.87 3.98 37.40
CA GLN F 58 32.90 4.17 38.47
C GLN F 58 32.57 3.52 39.81
N ASN F 59 31.29 3.50 40.19
CA ASN F 59 30.81 2.85 41.42
C ASN F 59 31.12 1.34 41.42
N LEU F 60 30.95 0.73 40.25
CA LEU F 60 31.22 -0.69 40.07
C LEU F 60 32.73 -0.92 40.12
N VAL F 61 33.49 -0.13 39.38
CA VAL F 61 34.94 -0.27 39.35
C VAL F 61 35.54 -0.25 40.78
N ASP F 62 35.14 0.75 41.57
CA ASP F 62 35.71 0.96 42.93
C ASP F 62 35.19 0.01 44.01
N CYS F 63 33.91 -0.37 43.94
CA CYS F 63 33.27 -1.00 45.09
C CYS F 63 33.03 -2.51 44.96
N SER F 64 33.26 -3.09 43.78
CA SER F 64 33.06 -4.53 43.56
C SER F 64 34.41 -5.27 43.42
N ASN F 65 35.49 -4.61 43.79
CA ASN F 65 36.85 -5.13 43.62
C ASN F 65 37.27 -5.91 44.86
N GLU F 66 36.74 -7.13 45.00
CA GLU F 66 37.02 -7.95 46.20
C GLU F 66 36.58 -9.39 45.97
N GLU F 67 37.16 -10.32 46.75
CA GLU F 67 36.96 -11.78 46.60
C GLU F 67 35.52 -12.18 46.37
N LYS F 68 34.64 -11.49 47.10
CA LYS F 68 33.22 -11.71 47.05
C LYS F 68 32.72 -11.72 45.61
N TYR F 69 33.15 -10.74 44.83
CA TYR F 69 32.66 -10.57 43.46
C TYR F 69 33.64 -11.08 42.41
N GLY F 70 34.93 -10.98 42.66
CA GLY F 70 35.93 -11.30 41.65
C GLY F 70 36.12 -10.32 40.49
N ASN F 71 35.58 -9.12 40.61
CA ASN F 71 35.94 -8.05 39.67
C ASN F 71 37.29 -7.45 40.08
N LYS F 72 37.94 -6.85 39.11
CA LYS F 72 39.32 -6.36 39.25
C LYS F 72 39.43 -4.90 38.87
N GLY F 73 38.31 -4.16 38.94
CA GLY F 73 38.33 -2.75 38.66
C GLY F 73 38.83 -2.48 37.26
N CYS F 74 39.88 -1.66 37.11
CA CYS F 74 40.40 -1.35 35.77
C CYS F 74 41.15 -2.54 35.18
N GLY F 75 41.32 -3.62 35.94
CA GLY F 75 41.91 -4.86 35.42
C GLY F 75 40.92 -5.85 34.79
N GLY F 76 39.66 -5.45 34.69
CA GLY F 76 38.64 -6.34 34.16
C GLY F 76 37.64 -6.80 35.18
N GLY F 77 36.57 -7.41 34.72
CA GLY F 77 35.49 -7.85 35.58
C GLY F 77 34.34 -8.43 34.79
N TYR F 78 33.30 -8.78 35.54
CA TYR F 78 32.14 -9.51 34.99
C TYR F 78 30.84 -8.79 35.24
N MET F 79 29.95 -8.76 34.23
CA MET F 79 28.66 -8.06 34.36
C MET F 79 27.78 -8.74 35.41
N THR F 80 27.78 -10.06 35.47
CA THR F 80 26.95 -10.75 36.46
C THR F 80 27.33 -10.36 37.87
N GLU F 81 28.63 -10.22 38.10
CA GLU F 81 29.14 -9.89 39.43
C GLU F 81 28.88 -8.43 39.75
N ALA F 82 28.93 -7.58 38.73
CA ALA F 82 28.47 -6.22 38.92
C ALA F 82 26.99 -6.18 39.38
N PHE F 83 26.10 -6.93 38.73
CA PHE F 83 24.70 -6.96 39.15
C PHE F 83 24.59 -7.51 40.59
N GLN F 84 25.34 -8.56 40.89
CA GLN F 84 25.31 -9.05 42.27
C GLN F 84 25.70 -7.98 43.30
N TYR F 85 26.72 -7.17 42.99
CA TYR F 85 27.16 -6.07 43.86
C TYR F 85 26.02 -5.06 44.08
N ILE F 86 25.38 -4.66 43.00
CA ILE F 86 24.24 -3.74 43.10
C ILE F 86 23.14 -4.35 44.00
N ILE F 87 22.85 -5.63 43.80
CA ILE F 87 21.84 -6.30 44.61
C ILE F 87 22.24 -6.23 46.11
N ASP F 88 23.42 -6.74 46.45
CA ASP F 88 23.89 -6.74 47.86
C ASP F 88 24.02 -5.33 48.42
N ASN F 89 24.48 -4.41 47.58
CA ASN F 89 24.73 -3.02 48.02
C ASN F 89 23.43 -2.27 48.33
N GLY F 90 22.33 -2.69 47.72
CA GLY F 90 21.05 -1.98 47.81
C GLY F 90 21.01 -0.76 46.92
N GLY F 91 21.91 -0.68 45.95
CA GLY F 91 21.84 0.35 44.93
C GLY F 91 23.11 0.67 44.17
N ILE F 92 23.01 1.72 43.35
CA ILE F 92 24.12 2.25 42.60
C ILE F 92 23.81 3.71 42.35
N GLU F 93 24.85 4.52 42.35
CA GLU F 93 24.70 5.93 42.04
C GLU F 93 24.61 6.17 40.54
N ALA F 94 24.06 7.34 40.20
CA ALA F 94 24.15 7.91 38.87
C ALA F 94 25.57 8.37 38.58
N ASP F 95 25.91 8.41 37.29
CA ASP F 95 27.21 8.91 36.87
C ASP F 95 27.38 10.36 37.32
N ALA F 96 26.27 11.10 37.30
CA ALA F 96 26.24 12.50 37.70
C ALA F 96 26.85 12.78 39.08
N SER F 97 26.60 11.91 40.05
CA SER F 97 27.10 12.12 41.42
C SER F 97 28.35 11.28 41.74
N TYR F 98 28.61 10.27 40.90
CA TYR F 98 29.76 9.38 41.04
C TYR F 98 30.37 9.19 39.61
N PRO F 99 31.03 10.24 39.09
CA PRO F 99 31.48 10.26 37.70
C PRO F 99 32.65 9.33 37.34
N TYR F 100 32.82 9.08 36.06
CA TYR F 100 33.87 8.16 35.61
C TYR F 100 35.25 8.84 35.58
N LYS F 101 36.20 8.27 36.32
CA LYS F 101 37.59 8.77 36.34
C LYS F 101 38.57 7.81 35.66
N ALA F 102 38.12 6.61 35.29
CA ALA F 102 38.97 5.65 34.62
C ALA F 102 40.25 5.38 35.43
N MET F 103 40.09 5.16 36.73
N MET F 103 40.07 5.20 36.75
CA MET F 103 41.18 4.64 37.56
CA MET F 103 41.15 4.74 37.64
C MET F 103 40.53 4.01 38.78
C MET F 103 40.49 3.98 38.78
N ASP F 104 41.23 3.05 39.38
CA ASP F 104 40.75 2.37 40.58
C ASP F 104 40.83 3.36 41.74
N GLU F 105 39.76 3.47 42.51
CA GLU F 105 39.74 4.36 43.67
C GLU F 105 39.07 3.66 44.81
N LYS F 106 39.34 4.16 46.02
CA LYS F 106 38.69 3.68 47.22
C LYS F 106 37.20 3.99 47.04
N CYS F 107 36.34 3.03 47.37
CA CYS F 107 34.90 3.18 47.19
C CYS F 107 34.35 4.33 48.05
N HIS F 108 33.52 5.19 47.47
CA HIS F 108 32.82 6.23 48.23
C HIS F 108 31.35 6.27 47.84
N TYR F 109 30.74 5.09 47.79
CA TYR F 109 29.29 4.98 47.54
C TYR F 109 28.56 5.66 48.68
N ASN F 110 27.56 6.45 48.31
CA ASN F 110 26.70 7.12 49.27
C ASN F 110 25.22 6.86 48.92
N SER F 111 24.54 6.06 49.75
CA SER F 111 23.15 5.65 49.49
C SER F 111 22.20 6.82 49.30
N LYS F 112 22.56 7.97 49.85
CA LYS F 112 21.78 9.20 49.66
C LYS F 112 21.72 9.64 48.20
N ASN F 113 22.65 9.13 47.38
CA ASN F 113 22.68 9.38 45.94
C ASN F 113 22.27 8.16 45.09
N ARG F 114 21.62 7.19 45.72
CA ARG F 114 21.14 6.01 45.00
C ARG F 114 20.22 6.40 43.84
N ALA F 115 20.57 5.91 42.65
CA ALA F 115 19.81 6.24 41.43
C ALA F 115 19.09 5.04 40.86
N ALA F 116 19.56 3.83 41.16
CA ALA F 116 18.87 2.66 40.68
C ALA F 116 19.18 1.55 41.62
N THR F 117 18.40 0.49 41.49
CA THR F 117 18.53 -0.71 42.27
C THR F 117 18.46 -1.94 41.37
N CYS F 118 18.83 -3.07 41.95
CA CYS F 118 18.72 -4.38 41.30
C CYS F 118 18.25 -5.40 42.37
N SER F 119 17.36 -6.30 41.96
CA SER F 119 16.90 -7.39 42.83
C SER F 119 17.41 -8.75 42.40
N ARG F 120 17.63 -8.92 41.10
CA ARG F 120 18.11 -10.19 40.56
C ARG F 120 18.68 -9.97 39.17
N TYR F 121 19.40 -10.97 38.66
CA TYR F 121 19.83 -10.95 37.26
C TYR F 121 19.59 -12.33 36.66
N ILE F 122 19.33 -12.32 35.35
CA ILE F 122 19.06 -13.49 34.55
C ILE F 122 20.22 -13.67 33.59
N GLN F 123 20.62 -14.93 33.44
CA GLN F 123 21.64 -15.36 32.50
C GLN F 123 20.96 -16.24 31.48
N LEU F 124 21.35 -16.11 30.22
CA LEU F 124 20.73 -16.84 29.13
C LEU F 124 21.47 -18.17 28.87
N PRO F 125 20.79 -19.12 28.21
CA PRO F 125 21.51 -20.38 27.97
C PRO F 125 22.75 -20.19 27.10
N PHE F 126 23.83 -20.88 27.45
CA PHE F 126 25.10 -20.77 26.73
C PHE F 126 24.98 -20.95 25.21
N GLY F 127 25.41 -19.94 24.44
CA GLY F 127 25.52 -20.03 22.98
C GLY F 127 24.20 -19.92 22.22
N ASP F 128 23.11 -19.68 22.94
CA ASP F 128 21.77 -19.68 22.32
C ASP F 128 21.37 -18.30 21.71
N GLU F 129 21.60 -18.16 20.41
CA GLU F 129 21.29 -16.89 19.69
C GLU F 129 19.80 -16.62 19.56
N ASP F 130 18.97 -17.66 19.53
CA ASP F 130 17.51 -17.50 19.54
C ASP F 130 17.06 -17.04 20.92
N ALA F 131 17.69 -17.52 21.99
CA ALA F 131 17.35 -17.02 23.32
C ALA F 131 17.76 -15.57 23.47
N LEU F 132 18.92 -15.23 22.90
CA LEU F 132 19.40 -13.84 22.96
C LEU F 132 18.48 -12.91 22.20
N LYS F 133 17.94 -13.37 21.06
CA LYS F 133 17.02 -12.51 20.27
C LYS F 133 15.75 -12.22 21.08
N GLU F 134 15.20 -13.28 21.63
CA GLU F 134 14.03 -13.22 22.47
C GLU F 134 14.20 -12.24 23.64
N ALA F 135 15.36 -12.23 24.29
CA ALA F 135 15.59 -11.35 25.45
C ALA F 135 15.71 -9.91 24.99
N VAL F 136 16.46 -9.68 23.92
CA VAL F 136 16.62 -8.31 23.39
C VAL F 136 15.26 -7.73 23.00
N ALA F 137 14.44 -8.52 22.34
CA ALA F 137 13.10 -8.11 21.91
C ALA F 137 12.12 -7.88 23.09
N THR F 138 12.13 -8.81 24.07
CA THR F 138 11.09 -8.89 25.13
C THR F 138 11.49 -8.42 26.55
N LYS F 139 12.78 -8.20 26.79
CA LYS F 139 13.28 -7.75 28.09
C LYS F 139 13.95 -6.40 28.01
N GLY F 140 14.84 -6.27 27.03
CA GLY F 140 15.57 -5.02 26.75
C GLY F 140 17.04 -5.26 26.43
N PRO F 141 17.87 -4.21 26.52
CA PRO F 141 19.30 -4.40 26.32
C PRO F 141 19.91 -5.47 27.21
N VAL F 142 20.84 -6.24 26.63
CA VAL F 142 21.41 -7.44 27.26
C VAL F 142 22.93 -7.31 27.27
N SER F 143 23.54 -7.55 28.42
CA SER F 143 24.99 -7.52 28.57
C SER F 143 25.58 -8.82 28.03
N VAL F 144 26.61 -8.73 27.23
CA VAL F 144 27.22 -9.89 26.58
C VAL F 144 28.76 -9.84 26.60
N GLY F 145 29.38 -11.01 26.43
CA GLY F 145 30.77 -11.09 26.22
C GLY F 145 31.09 -11.39 24.78
N ILE F 146 32.14 -10.76 24.26
CA ILE F 146 32.59 -10.99 22.88
C ILE F 146 34.08 -11.07 22.73
N ASP F 147 34.51 -11.71 21.65
CA ASP F 147 35.90 -11.68 21.21
C ASP F 147 36.08 -10.41 20.40
N ALA F 148 36.64 -9.39 21.03
CA ALA F 148 36.89 -8.11 20.40
C ALA F 148 38.42 -7.89 20.29
N SER F 149 39.19 -8.98 20.13
CA SER F 149 40.66 -8.87 20.16
C SER F 149 41.31 -8.72 18.77
N HIS F 150 40.51 -8.77 17.72
CA HIS F 150 41.03 -8.79 16.37
C HIS F 150 41.01 -7.38 15.79
N SER F 151 42.03 -7.07 15.02
CA SER F 151 42.29 -5.68 14.58
C SER F 151 41.16 -5.18 13.69
N SER F 152 40.50 -6.12 12.98
CA SER F 152 39.34 -5.80 12.12
C SER F 152 38.18 -5.14 12.89
N PHE F 153 38.00 -5.54 14.14
CA PHE F 153 36.98 -4.96 15.04
C PHE F 153 37.11 -3.43 15.12
N PHE F 154 38.33 -2.94 15.23
CA PHE F 154 38.61 -1.54 15.31
C PHE F 154 38.69 -0.87 13.95
N PHE F 155 38.77 -1.66 12.87
CA PHE F 155 38.65 -1.15 11.49
C PHE F 155 37.20 -0.95 11.04
N TYR F 156 36.28 -1.68 11.65
CA TYR F 156 34.85 -1.61 11.30
C TYR F 156 34.31 -0.19 11.29
N LYS F 157 33.63 0.20 10.21
CA LYS F 157 32.91 1.48 10.14
C LYS F 157 31.43 1.34 9.73
N SER F 158 31.08 0.30 8.97
CA SER F 158 29.70 0.05 8.62
C SER F 158 29.48 -1.38 8.13
N GLY F 159 28.25 -1.70 7.77
CA GLY F 159 27.90 -3.06 7.37
C GLY F 159 27.82 -3.98 8.58
N VAL F 160 28.20 -5.24 8.40
CA VAL F 160 28.12 -6.24 9.46
C VAL F 160 29.46 -6.94 9.63
N TYR F 161 29.93 -6.95 10.87
CA TYR F 161 31.24 -7.43 11.22
C TYR F 161 31.21 -8.95 11.30
N ASP F 162 32.04 -9.57 10.46
CA ASP F 162 31.98 -11.03 10.26
C ASP F 162 33.39 -11.53 9.89
N ASP F 163 34.31 -11.43 10.83
CA ASP F 163 35.69 -11.82 10.60
C ASP F 163 35.86 -13.30 10.96
N PRO F 164 36.25 -14.16 9.98
CA PRO F 164 36.39 -15.60 10.25
C PRO F 164 37.46 -15.95 11.28
N SER F 165 38.39 -15.03 11.53
CA SER F 165 39.40 -15.15 12.61
C SER F 165 38.85 -15.07 14.04
N CYS F 166 37.63 -14.55 14.17
N CYS F 166 37.64 -14.54 14.20
CA CYS F 166 37.00 -14.35 15.48
CA CYS F 166 37.12 -14.36 15.54
C CYS F 166 36.80 -15.73 16.11
C CYS F 166 36.74 -15.71 16.12
N THR F 167 36.83 -15.80 17.44
CA THR F 167 36.62 -17.08 18.14
C THR F 167 35.57 -16.92 19.23
N GLY F 168 35.25 -18.02 19.91
CA GLY F 168 34.31 -17.98 21.02
C GLY F 168 34.96 -17.79 22.38
N ASN F 169 36.24 -17.44 22.36
CA ASN F 169 36.96 -17.13 23.59
C ASN F 169 36.81 -15.64 23.80
N VAL F 170 35.88 -15.28 24.67
CA VAL F 170 35.49 -13.89 24.83
C VAL F 170 36.48 -13.13 25.72
N ASN F 171 36.54 -11.82 25.52
CA ASN F 171 37.48 -10.99 26.27
C ASN F 171 37.02 -9.55 26.55
N HIS F 172 35.84 -9.16 26.06
CA HIS F 172 35.31 -7.83 26.38
C HIS F 172 33.80 -7.88 26.62
N GLY F 173 33.33 -7.05 27.53
CA GLY F 173 31.93 -6.92 27.81
C GLY F 173 31.34 -5.75 27.06
N VAL F 174 30.26 -6.01 26.35
CA VAL F 174 29.56 -4.95 25.62
C VAL F 174 28.05 -5.14 25.79
N LEU F 175 27.27 -4.34 25.11
CA LEU F 175 25.84 -4.33 25.35
C LEU F 175 25.10 -4.49 24.06
N VAL F 176 24.24 -5.50 23.98
CA VAL F 176 23.38 -5.70 22.78
C VAL F 176 22.10 -4.88 22.97
N VAL F 177 21.89 -3.87 22.12
CA VAL F 177 20.71 -3.01 22.21
C VAL F 177 19.71 -3.21 21.05
N GLY F 178 19.97 -4.17 20.17
CA GLY F 178 19.03 -4.52 19.14
C GLY F 178 19.54 -5.53 18.14
N TYR F 179 18.83 -5.65 17.03
CA TYR F 179 19.20 -6.62 16.00
C TYR F 179 18.41 -6.35 14.76
N GLY F 180 18.83 -6.95 13.65
CA GLY F 180 18.02 -6.97 12.46
C GLY F 180 18.76 -7.61 11.30
N THR F 181 18.53 -7.12 10.10
CA THR F 181 19.21 -7.66 8.92
C THR F 181 19.68 -6.52 8.05
N LEU F 182 20.93 -6.59 7.60
CA LEU F 182 21.49 -5.54 6.79
C LEU F 182 22.21 -6.13 5.61
N ASP F 183 21.78 -5.76 4.41
CA ASP F 183 22.31 -6.31 3.15
C ASP F 183 22.36 -7.85 3.18
N GLY F 184 21.25 -8.43 3.65
CA GLY F 184 21.08 -9.88 3.64
C GLY F 184 21.70 -10.61 4.83
N LYS F 185 22.37 -9.86 5.72
CA LYS F 185 23.15 -10.47 6.81
C LYS F 185 22.56 -10.07 8.16
N ASP F 186 22.16 -11.09 8.93
CA ASP F 186 21.57 -10.86 10.23
C ASP F 186 22.66 -10.30 11.16
N TYR F 187 22.28 -9.39 12.03
CA TYR F 187 23.20 -8.77 12.94
C TYR F 187 22.59 -8.53 14.33
N TRP F 188 23.51 -8.37 15.28
CA TRP F 188 23.29 -7.83 16.60
C TRP F 188 23.82 -6.41 16.64
N LEU F 189 23.08 -5.54 17.29
CA LEU F 189 23.44 -4.14 17.37
C LEU F 189 24.11 -3.92 18.71
N VAL F 190 25.39 -3.64 18.68
CA VAL F 190 26.23 -3.60 19.86
C VAL F 190 26.78 -2.21 20.17
N LYS F 191 26.50 -1.75 21.39
CA LYS F 191 27.10 -0.56 21.96
C LYS F 191 28.44 -0.85 22.65
N ASN F 192 29.51 -0.17 22.25
CA ASN F 192 30.81 -0.29 22.98
C ASN F 192 31.03 0.93 23.85
N SER F 193 32.16 0.95 24.57
CA SER F 193 32.52 2.03 25.47
C SER F 193 33.86 2.59 25.07
N TRP F 194 34.06 2.71 23.76
CA TRP F 194 35.25 3.34 23.17
C TRP F 194 34.86 4.67 22.54
N GLY F 195 33.79 5.29 23.04
CA GLY F 195 33.41 6.60 22.54
C GLY F 195 32.91 6.59 21.11
N LEU F 196 32.56 7.78 20.61
CA LEU F 196 31.91 7.88 19.32
C LEU F 196 32.82 7.59 18.13
N ASN F 197 34.11 7.82 18.24
CA ASN F 197 35.00 7.51 17.11
C ASN F 197 35.17 6.01 16.85
N PHE F 198 34.78 5.17 17.80
CA PHE F 198 34.76 3.76 17.58
C PHE F 198 33.61 3.35 16.67
N GLY F 199 33.90 2.50 15.69
CA GLY F 199 32.84 1.88 14.91
C GLY F 199 31.96 2.91 14.27
N ASP F 200 30.65 2.69 14.34
CA ASP F 200 29.63 3.57 13.79
C ASP F 200 28.97 4.36 14.93
N GLN F 201 29.48 5.57 15.18
CA GLN F 201 29.06 6.42 16.33
C GLN F 201 29.04 5.64 17.64
N GLY F 202 30.06 4.81 17.81
CA GLY F 202 30.20 4.03 19.04
C GLY F 202 29.62 2.63 19.07
N TYR F 203 28.97 2.25 17.96
CA TYR F 203 28.26 0.96 17.82
C TYR F 203 28.91 0.09 16.75
N ILE F 204 28.61 -1.19 16.80
CA ILE F 204 29.07 -2.12 15.77
C ILE F 204 28.00 -3.18 15.60
N ARG F 205 27.69 -3.49 14.35
CA ARG F 205 26.76 -4.53 14.02
C ARG F 205 27.56 -5.81 13.84
N MET F 206 27.25 -6.79 14.67
CA MET F 206 27.97 -8.06 14.71
C MET F 206 27.15 -9.24 14.20
N ALA F 207 27.80 -10.13 13.47
CA ALA F 207 27.09 -11.21 12.82
C ALA F 207 26.22 -12.01 13.78
N ARG F 208 24.97 -12.21 13.36
CA ARG F 208 23.98 -12.92 14.10
C ARG F 208 23.57 -14.22 13.35
N ASN F 209 23.25 -15.26 14.14
CA ASN F 209 22.91 -16.62 13.67
C ASN F 209 24.01 -17.29 12.87
N ASN F 210 25.27 -16.89 13.06
CA ASN F 210 26.40 -17.45 12.34
C ASN F 210 27.30 -18.20 13.31
N LYS F 211 26.72 -19.27 13.86
CA LYS F 211 27.42 -20.19 14.77
C LYS F 211 28.04 -19.47 15.97
N ASN F 212 27.25 -18.57 16.57
CA ASN F 212 27.69 -17.86 17.79
C ASN F 212 29.02 -17.15 17.54
N HIS F 213 28.99 -16.36 16.49
CA HIS F 213 30.17 -15.68 16.04
C HIS F 213 30.70 -14.73 17.11
N CYS F 214 32.01 -14.81 17.37
CA CYS F 214 32.72 -13.99 18.39
C CYS F 214 32.22 -14.27 19.80
N GLY F 215 31.47 -15.36 19.94
CA GLY F 215 30.98 -15.83 21.21
C GLY F 215 29.93 -14.95 21.79
N ILE F 216 29.27 -14.18 20.94
CA ILE F 216 28.35 -13.13 21.42
C ILE F 216 27.19 -13.64 22.26
N ALA F 217 26.76 -14.89 22.05
CA ALA F 217 25.62 -15.44 22.79
C ALA F 217 26.05 -16.39 23.92
N SER F 218 27.32 -16.35 24.28
CA SER F 218 27.90 -17.32 25.22
C SER F 218 27.55 -17.02 26.66
N TYR F 219 27.73 -15.76 27.00
CA TYR F 219 27.59 -15.24 28.37
C TYR F 219 26.73 -13.98 28.45
N CYS F 220 25.41 -14.18 28.28
CA CYS F 220 24.48 -13.07 28.21
C CYS F 220 23.72 -12.96 29.50
N SER F 221 23.54 -11.73 29.96
CA SER F 221 22.83 -11.54 31.21
C SER F 221 22.08 -10.22 31.20
N TYR F 222 21.07 -10.13 32.05
CA TYR F 222 20.44 -8.83 32.28
C TYR F 222 19.82 -8.73 33.67
N PRO F 223 19.73 -7.52 34.19
CA PRO F 223 19.20 -7.25 35.53
C PRO F 223 17.69 -7.01 35.49
N GLU F 224 17.05 -7.29 36.62
CA GLU F 224 15.65 -6.99 36.84
C GLU F 224 15.64 -6.04 38.03
N ILE F 225 14.92 -4.93 37.91
CA ILE F 225 14.88 -3.96 39.00
C ILE F 225 13.91 -4.45 40.05
N THR G 7 1.84 -12.83 1.87
CA THR G 7 3.29 -12.80 2.24
C THR G 7 4.00 -14.09 1.81
N LEU G 8 5.27 -13.96 1.45
CA LEU G 8 6.03 -15.08 0.86
C LEU G 8 6.69 -15.97 1.92
N PRO G 9 6.95 -17.23 1.56
CA PRO G 9 7.65 -18.12 2.47
C PRO G 9 9.08 -17.65 2.73
N ASP G 10 9.57 -17.83 3.95
CA ASP G 10 10.97 -17.53 4.25
C ASP G 10 11.96 -18.42 3.43
N THR G 11 11.52 -19.61 3.04
CA THR G 11 12.40 -20.57 2.36
C THR G 11 11.67 -21.26 1.23
N VAL G 12 12.32 -21.36 0.06
CA VAL G 12 11.80 -22.10 -1.10
C VAL G 12 12.91 -23.01 -1.66
N ASP G 13 12.52 -24.20 -2.09
CA ASP G 13 13.42 -25.14 -2.79
C ASP G 13 12.60 -25.96 -3.76
N TRP G 14 12.64 -25.59 -5.04
CA TRP G 14 11.83 -26.28 -6.04
C TRP G 14 12.25 -27.75 -6.26
N ARG G 15 13.44 -28.12 -5.82
CA ARG G 15 13.88 -29.54 -5.85
C ARG G 15 12.98 -30.42 -5.00
N GLU G 16 12.56 -29.89 -3.86
CA GLU G 16 11.62 -30.57 -2.95
C GLU G 16 10.23 -30.82 -3.56
N LYS G 17 9.80 -29.96 -4.50
CA LYS G 17 8.49 -30.14 -5.15
C LYS G 17 8.65 -30.99 -6.42
N GLY G 18 9.82 -31.61 -6.59
CA GLY G 18 10.10 -32.41 -7.75
C GLY G 18 10.13 -31.63 -9.05
N CYS G 19 10.43 -30.33 -8.99
CA CYS G 19 10.43 -29.46 -10.20
C CYS G 19 11.78 -29.20 -10.88
N VAL G 20 12.83 -29.86 -10.41
CA VAL G 20 14.18 -29.61 -10.93
C VAL G 20 14.80 -30.94 -11.37
N THR G 21 15.28 -31.01 -12.60
CA THR G 21 15.91 -32.24 -13.10
C THR G 21 17.33 -32.42 -12.58
N GLU G 22 17.92 -33.56 -12.92
CA GLU G 22 19.31 -33.87 -12.62
C GLU G 22 20.23 -32.77 -13.10
N VAL G 23 21.29 -32.51 -12.34
CA VAL G 23 22.31 -31.53 -12.71
C VAL G 23 23.00 -32.00 -13.98
N LYS G 24 23.19 -31.10 -14.96
CA LYS G 24 23.81 -31.45 -16.25
C LYS G 24 25.27 -31.01 -16.26
N TYR G 25 26.03 -31.47 -17.25
CA TYR G 25 27.44 -31.06 -17.41
C TYR G 25 27.69 -30.54 -18.84
N GLN G 26 27.94 -29.25 -18.98
CA GLN G 26 28.04 -28.61 -20.30
C GLN G 26 29.36 -28.90 -21.06
N GLY G 27 30.40 -29.33 -20.33
CA GLY G 27 31.70 -29.61 -20.93
C GLY G 27 32.40 -28.34 -21.35
N SER G 28 33.14 -28.39 -22.45
N SER G 28 33.13 -28.41 -22.46
CA SER G 28 33.82 -27.20 -22.97
CA SER G 28 33.83 -27.26 -23.02
C SER G 28 32.96 -26.39 -23.95
C SER G 28 32.96 -26.41 -23.96
N CYS G 29 31.70 -26.79 -24.13
CA CYS G 29 30.74 -26.01 -24.93
C CYS G 29 30.10 -24.92 -24.05
N GLY G 30 30.08 -23.68 -24.56
CA GLY G 30 29.48 -22.51 -23.89
C GLY G 30 27.96 -22.49 -23.94
N ALA G 31 27.35 -23.50 -23.33
CA ALA G 31 25.87 -23.72 -23.38
C ALA G 31 25.14 -23.43 -22.05
N CYS G 32 25.82 -22.80 -21.10
CA CYS G 32 25.20 -22.45 -19.79
C CYS G 32 23.81 -21.83 -19.98
N TRP G 33 23.72 -20.93 -20.93
CA TRP G 33 22.48 -20.27 -21.30
C TRP G 33 21.36 -21.24 -21.69
N ALA G 34 21.70 -22.33 -22.38
CA ALA G 34 20.71 -23.30 -22.85
C ALA G 34 20.23 -24.16 -21.70
N PHE G 35 21.14 -24.47 -20.79
CA PHE G 35 20.82 -25.27 -19.64
C PHE G 35 19.93 -24.50 -18.69
N SER G 36 20.20 -23.20 -18.56
CA SER G 36 19.39 -22.32 -17.77
C SER G 36 17.94 -22.33 -18.33
N ALA G 37 17.84 -22.13 -19.64
CA ALA G 37 16.53 -21.95 -20.28
C ALA G 37 15.65 -23.17 -20.17
N VAL G 38 16.20 -24.35 -20.46
CA VAL G 38 15.44 -25.63 -20.32
C VAL G 38 15.16 -26.02 -18.87
N GLY G 39 16.04 -25.61 -17.96
CA GLY G 39 15.79 -25.77 -16.53
C GLY G 39 14.50 -25.05 -16.11
N ALA G 40 14.33 -23.83 -16.61
CA ALA G 40 13.19 -23.01 -16.32
C ALA G 40 11.95 -23.64 -16.96
N LEU G 41 12.11 -24.16 -18.17
CA LEU G 41 10.98 -24.76 -18.89
C LEU G 41 10.60 -26.12 -18.29
N GLU G 42 11.59 -26.85 -17.81
CA GLU G 42 11.39 -28.09 -17.07
C GLU G 42 10.51 -27.86 -15.80
N GLY G 43 10.78 -26.76 -15.10
CA GLY G 43 9.97 -26.40 -13.94
C GLY G 43 8.51 -26.19 -14.30
N GLN G 44 8.25 -25.47 -15.39
CA GLN G 44 6.88 -25.13 -15.75
C GLN G 44 6.13 -26.33 -16.27
N LEU G 45 6.82 -27.19 -17.01
CA LEU G 45 6.22 -28.41 -17.54
C LEU G 45 5.82 -29.34 -16.38
N LYS G 46 6.64 -29.42 -15.32
CA LYS G 46 6.28 -30.26 -14.18
C LYS G 46 5.08 -29.67 -13.42
N LEU G 47 5.08 -28.37 -13.19
CA LEU G 47 3.97 -27.69 -12.48
C LEU G 47 2.64 -27.82 -13.22
N LYS G 48 2.68 -27.90 -14.55
CA LYS G 48 1.46 -28.02 -15.37
C LYS G 48 1.03 -29.47 -15.60
N THR G 49 1.96 -30.36 -15.93
CA THR G 49 1.59 -31.76 -16.26
C THR G 49 1.78 -32.76 -15.15
N GLY G 50 2.62 -32.41 -14.19
CA GLY G 50 2.99 -33.33 -13.13
C GLY G 50 4.16 -34.24 -13.46
N LYS G 51 4.71 -34.13 -14.66
CA LYS G 51 5.81 -34.99 -15.11
C LYS G 51 7.09 -34.20 -15.19
N LEU G 52 8.18 -34.74 -14.61
CA LEU G 52 9.48 -34.06 -14.63
C LEU G 52 10.30 -34.68 -15.73
N ILE G 53 10.64 -33.88 -16.73
CA ILE G 53 11.31 -34.38 -17.95
C ILE G 53 12.48 -33.48 -18.34
N SER G 54 13.69 -34.04 -18.41
CA SER G 54 14.84 -33.29 -18.92
C SER G 54 14.64 -32.93 -20.40
N LEU G 55 14.70 -31.62 -20.68
CA LEU G 55 14.49 -31.10 -22.03
C LEU G 55 15.81 -30.81 -22.75
N SER G 56 15.77 -30.84 -24.08
CA SER G 56 17.00 -30.88 -24.88
C SER G 56 17.71 -29.53 -25.02
N ALA G 57 18.81 -29.34 -24.29
CA ALA G 57 19.64 -28.15 -24.46
C ALA G 57 20.32 -28.10 -25.83
N GLN G 58 20.59 -29.28 -26.41
CA GLN G 58 21.26 -29.34 -27.71
C GLN G 58 20.38 -28.76 -28.79
N ASN G 59 19.09 -29.11 -28.71
CA ASN G 59 18.04 -28.46 -29.50
C ASN G 59 18.24 -26.92 -29.58
N LEU G 60 18.49 -26.28 -28.43
CA LEU G 60 18.66 -24.82 -28.40
C LEU G 60 20.03 -24.39 -28.95
N VAL G 61 21.06 -25.20 -28.72
CA VAL G 61 22.40 -24.96 -29.25
C VAL G 61 22.42 -25.11 -30.79
N ASP G 62 21.97 -26.26 -31.30
CA ASP G 62 21.95 -26.52 -32.75
C ASP G 62 21.05 -25.53 -33.51
N CYS G 63 19.82 -25.32 -33.05
CA CYS G 63 18.74 -24.70 -33.87
C CYS G 63 18.45 -23.21 -33.69
N SER G 64 18.95 -22.58 -32.62
CA SER G 64 18.75 -21.13 -32.41
C SER G 64 20.01 -20.33 -32.76
N ASN G 65 20.99 -21.02 -33.35
CA ASN G 65 22.30 -20.45 -33.71
C ASN G 65 22.20 -19.57 -34.96
N GLU G 66 21.64 -18.37 -34.81
CA GLU G 66 21.37 -17.50 -35.97
C GLU G 66 21.11 -16.06 -35.57
N GLU G 67 21.10 -15.17 -36.56
CA GLU G 67 21.06 -13.72 -36.33
C GLU G 67 19.70 -13.23 -35.83
N LYS G 68 18.66 -14.02 -36.08
CA LYS G 68 17.30 -13.74 -35.63
C LYS G 68 17.23 -13.59 -34.09
N TYR G 69 17.89 -14.51 -33.38
CA TYR G 69 17.85 -14.56 -31.92
C TYR G 69 19.07 -13.90 -31.27
N GLY G 70 20.26 -14.19 -31.79
CA GLY G 70 21.50 -13.55 -31.30
C GLY G 70 22.39 -14.51 -30.53
N ASN G 71 21.97 -15.76 -30.48
CA ASN G 71 22.71 -16.82 -29.83
C ASN G 71 23.76 -17.39 -30.79
N LYS G 72 24.86 -17.83 -30.21
CA LYS G 72 26.02 -18.29 -30.99
C LYS G 72 26.45 -19.67 -30.56
N GLY G 73 25.47 -20.55 -30.26
CA GLY G 73 25.72 -21.98 -29.99
C GLY G 73 26.59 -22.33 -28.77
N CYS G 74 27.73 -22.93 -29.04
CA CYS G 74 28.74 -23.21 -28.02
C CYS G 74 29.59 -21.96 -27.70
N GLY G 75 29.38 -20.87 -28.44
CA GLY G 75 30.03 -19.59 -28.14
C GLY G 75 29.26 -18.64 -27.23
N GLY G 76 28.13 -19.09 -26.68
CA GLY G 76 27.28 -18.26 -25.82
C GLY G 76 25.92 -17.92 -26.42
N GLY G 77 24.99 -17.52 -25.54
CA GLY G 77 23.60 -17.23 -25.90
C GLY G 77 22.86 -16.58 -24.73
N TYR G 78 21.61 -16.19 -24.98
CA TYR G 78 20.76 -15.52 -23.98
C TYR G 78 19.53 -16.38 -23.73
N MET G 79 19.04 -16.37 -22.48
CA MET G 79 17.93 -17.24 -22.12
C MET G 79 16.63 -16.70 -22.71
N THR G 80 16.49 -15.38 -22.70
CA THR G 80 15.33 -14.69 -23.28
C THR G 80 15.21 -15.03 -24.75
N GLU G 81 16.32 -14.88 -25.47
CA GLU G 81 16.32 -15.16 -26.91
C GLU G 81 16.09 -16.65 -27.14
N ALA G 82 16.47 -17.49 -26.18
CA ALA G 82 16.20 -18.93 -26.24
C ALA G 82 14.70 -19.29 -26.11
N PHE G 83 14.00 -18.64 -25.18
CA PHE G 83 12.53 -18.80 -25.02
C PHE G 83 11.80 -18.44 -26.31
N GLN G 84 12.06 -17.22 -26.80
CA GLN G 84 11.56 -16.73 -28.10
C GLN G 84 11.77 -17.69 -29.29
N TYR G 85 12.86 -18.47 -29.29
CA TYR G 85 13.02 -19.52 -30.28
C TYR G 85 12.03 -20.66 -30.09
N ILE G 86 11.75 -21.05 -28.84
CA ILE G 86 10.80 -22.14 -28.56
C ILE G 86 9.38 -21.71 -28.95
N ILE G 87 9.09 -20.42 -28.80
CA ILE G 87 7.82 -19.85 -29.21
C ILE G 87 7.68 -19.92 -30.74
N ASP G 88 8.70 -19.43 -31.45
CA ASP G 88 8.70 -19.41 -32.91
C ASP G 88 8.72 -20.81 -33.49
N ASN G 89 9.45 -21.72 -32.85
CA ASN G 89 9.57 -23.09 -33.32
C ASN G 89 8.29 -23.93 -33.05
N GLY G 90 7.50 -23.55 -32.04
CA GLY G 90 6.34 -24.32 -31.63
C GLY G 90 6.69 -25.52 -30.75
N GLY G 91 7.86 -25.46 -30.09
CA GLY G 91 8.22 -26.48 -29.09
C GLY G 91 9.70 -26.86 -29.01
N ILE G 92 9.96 -27.95 -28.29
CA ILE G 92 11.31 -28.44 -28.00
C ILE G 92 11.21 -29.92 -27.65
N GLU G 93 12.27 -30.68 -27.90
CA GLU G 93 12.28 -32.12 -27.65
C GLU G 93 12.75 -32.43 -26.24
N ALA G 94 12.50 -33.66 -25.79
CA ALA G 94 13.11 -34.15 -24.56
C ALA G 94 14.60 -34.40 -24.83
N ASP G 95 15.39 -34.41 -23.77
CA ASP G 95 16.82 -34.73 -23.87
C ASP G 95 17.07 -36.17 -24.34
N ALA G 96 16.16 -37.08 -23.99
CA ALA G 96 16.30 -38.49 -24.33
C ALA G 96 16.27 -38.75 -25.85
N SER G 97 15.48 -37.97 -26.58
CA SER G 97 15.36 -38.12 -28.04
C SER G 97 16.31 -37.18 -28.80
N TYR G 98 16.90 -36.21 -28.09
CA TYR G 98 17.78 -35.22 -28.70
C TYR G 98 18.95 -34.96 -27.73
N PRO G 99 19.86 -35.95 -27.59
CA PRO G 99 20.88 -35.90 -26.53
C PRO G 99 21.86 -34.73 -26.68
N TYR G 100 22.53 -34.38 -25.60
CA TYR G 100 23.49 -33.28 -25.60
C TYR G 100 24.83 -33.83 -26.08
N LYS G 101 25.53 -33.07 -26.90
CA LYS G 101 26.82 -33.50 -27.47
C LYS G 101 28.01 -32.61 -27.08
N ALA G 102 27.76 -31.38 -26.64
CA ALA G 102 28.79 -30.40 -26.30
C ALA G 102 29.58 -29.93 -27.53
N MET G 103 28.91 -29.96 -28.69
N MET G 103 28.91 -29.95 -28.69
CA MET G 103 29.48 -29.54 -29.96
CA MET G 103 29.50 -29.45 -29.93
C MET G 103 28.36 -28.86 -30.77
C MET G 103 28.40 -28.90 -30.81
N ASP G 104 28.73 -27.88 -31.61
CA ASP G 104 27.78 -27.29 -32.55
C ASP G 104 27.51 -28.33 -33.64
N GLU G 105 26.23 -28.67 -33.84
CA GLU G 105 25.83 -29.67 -34.84
C GLU G 105 24.65 -29.15 -35.66
N LYS G 106 24.26 -29.90 -36.69
CA LYS G 106 23.15 -29.46 -37.54
C LYS G 106 21.80 -29.79 -36.87
N CYS G 107 20.91 -28.80 -36.93
CA CYS G 107 19.57 -28.93 -36.36
C CYS G 107 18.80 -30.09 -36.98
N HIS G 108 18.35 -31.02 -36.14
CA HIS G 108 17.44 -32.10 -36.56
C HIS G 108 16.19 -32.17 -35.66
N TYR G 109 15.59 -31.01 -35.43
CA TYR G 109 14.34 -30.90 -34.67
C TYR G 109 13.17 -31.63 -35.35
N ASN G 110 12.54 -32.51 -34.58
CA ASN G 110 11.41 -33.32 -35.03
C ASN G 110 10.18 -33.03 -34.15
N SER G 111 9.14 -32.44 -34.74
CA SER G 111 7.92 -32.10 -33.98
C SER G 111 7.16 -33.35 -33.49
N LYS G 112 7.32 -34.49 -34.16
CA LYS G 112 6.77 -35.76 -33.66
C LYS G 112 7.46 -36.24 -32.37
N ASN G 113 8.54 -35.57 -31.96
CA ASN G 113 9.21 -35.84 -30.69
C ASN G 113 9.05 -34.72 -29.65
N ARG G 114 8.34 -33.65 -30.01
CA ARG G 114 8.11 -32.53 -29.10
C ARG G 114 7.66 -33.00 -27.70
N ALA G 115 8.28 -32.44 -26.66
CA ALA G 115 7.93 -32.78 -25.28
C ALA G 115 7.50 -31.58 -24.44
N ALA G 116 7.61 -30.37 -24.98
CA ALA G 116 7.29 -29.15 -24.24
C ALA G 116 7.11 -27.99 -25.21
N THR G 117 6.36 -26.99 -24.78
CA THR G 117 6.21 -25.74 -25.54
C THR G 117 6.33 -24.52 -24.66
N CYS G 118 6.39 -23.36 -25.32
CA CYS G 118 6.42 -22.09 -24.63
C CYS G 118 5.57 -21.10 -25.41
N SER G 119 4.70 -20.37 -24.71
CA SER G 119 3.78 -19.43 -25.37
C SER G 119 4.16 -17.96 -25.11
N ARG G 120 4.85 -17.70 -24.01
CA ARG G 120 5.32 -16.36 -23.70
C ARG G 120 6.42 -16.45 -22.63
N TYR G 121 7.15 -15.36 -22.42
CA TYR G 121 8.11 -15.30 -21.30
C TYR G 121 8.04 -13.96 -20.61
N ILE G 122 8.52 -13.92 -19.36
CA ILE G 122 8.38 -12.75 -18.50
C ILE G 122 9.76 -12.30 -18.06
N GLN G 123 10.00 -10.99 -18.15
CA GLN G 123 11.26 -10.40 -17.75
C GLN G 123 11.03 -9.60 -16.49
N LEU G 124 11.74 -9.93 -15.41
CA LEU G 124 11.57 -9.19 -14.17
C LEU G 124 12.38 -7.89 -14.21
N PRO G 125 12.02 -6.90 -13.37
CA PRO G 125 12.72 -5.61 -13.41
C PRO G 125 14.20 -5.72 -13.07
N PHE G 126 15.02 -4.89 -13.72
CA PHE G 126 16.47 -4.87 -13.55
C PHE G 126 16.85 -4.67 -12.08
N GLY G 127 17.64 -5.61 -11.54
CA GLY G 127 18.22 -5.44 -10.21
C GLY G 127 17.29 -5.64 -9.03
N ASP G 128 16.06 -6.05 -9.28
CA ASP G 128 15.06 -6.08 -8.21
C ASP G 128 14.98 -7.46 -7.54
N GLU G 129 15.66 -7.61 -6.40
CA GLU G 129 15.76 -8.90 -5.75
C GLU G 129 14.44 -9.26 -5.06
N ASP G 130 13.63 -8.25 -4.72
CA ASP G 130 12.29 -8.49 -4.16
C ASP G 130 11.37 -9.14 -5.22
N ALA G 131 11.45 -8.66 -6.45
CA ALA G 131 10.68 -9.25 -7.55
C ALA G 131 11.14 -10.67 -7.89
N LEU G 132 12.44 -10.89 -7.94
CA LEU G 132 12.99 -12.24 -8.10
C LEU G 132 12.50 -13.17 -6.97
N LYS G 133 12.50 -12.72 -5.74
CA LYS G 133 11.97 -13.56 -4.63
C LYS G 133 10.49 -13.94 -4.88
N GLU G 134 9.70 -12.98 -5.36
CA GLU G 134 8.28 -13.21 -5.62
C GLU G 134 8.08 -14.22 -6.74
N ALA G 135 8.86 -14.07 -7.82
CA ALA G 135 8.86 -15.02 -8.93
C ALA G 135 9.25 -16.43 -8.49
N VAL G 136 10.36 -16.55 -7.77
CA VAL G 136 10.82 -17.86 -7.36
C VAL G 136 9.78 -18.46 -6.43
N ALA G 137 9.17 -17.65 -5.56
CA ALA G 137 8.14 -18.17 -4.64
C ALA G 137 6.86 -18.68 -5.34
N THR G 138 6.37 -17.90 -6.31
CA THR G 138 5.02 -18.07 -6.82
C THR G 138 4.94 -18.58 -8.25
N LYS G 139 6.05 -18.56 -8.98
CA LYS G 139 6.02 -18.94 -10.40
C LYS G 139 6.79 -20.21 -10.69
N GLY G 140 8.02 -20.28 -10.21
CA GLY G 140 8.88 -21.41 -10.50
C GLY G 140 10.34 -20.99 -10.51
N PRO G 141 11.22 -21.91 -10.96
CA PRO G 141 12.60 -21.59 -11.17
C PRO G 141 12.73 -20.47 -12.20
N VAL G 142 13.71 -19.60 -11.99
CA VAL G 142 13.92 -18.40 -12.81
C VAL G 142 15.34 -18.43 -13.41
N SER G 143 15.45 -18.16 -14.71
CA SER G 143 16.73 -18.13 -15.36
C SER G 143 17.32 -16.80 -15.05
N VAL G 144 18.59 -16.81 -14.62
CA VAL G 144 19.29 -15.57 -14.34
C VAL G 144 20.69 -15.54 -14.93
N GLY G 145 21.20 -14.31 -15.05
CA GLY G 145 22.60 -14.08 -15.33
C GLY G 145 23.41 -13.65 -14.11
N ILE G 146 24.63 -14.18 -14.01
CA ILE G 146 25.52 -13.84 -12.89
C ILE G 146 26.95 -13.67 -13.36
N ASP G 147 27.71 -12.91 -12.58
CA ASP G 147 29.16 -12.83 -12.73
C ASP G 147 29.78 -14.04 -12.05
N ALA G 148 30.21 -14.99 -12.86
CA ALA G 148 30.75 -16.27 -12.38
C ALA G 148 32.18 -16.39 -12.93
N SER G 149 32.90 -15.27 -12.94
CA SER G 149 34.20 -15.22 -13.59
C SER G 149 35.35 -15.24 -12.59
N HIS G 150 35.02 -15.30 -11.30
CA HIS G 150 36.01 -15.19 -10.23
C HIS G 150 36.29 -16.58 -9.71
N SER G 151 37.55 -16.89 -9.43
CA SER G 151 37.91 -18.28 -9.17
C SER G 151 37.29 -18.83 -7.88
N SER G 152 36.96 -17.94 -6.94
CA SER G 152 36.26 -18.28 -5.70
C SER G 152 34.90 -18.99 -5.93
N PHE G 153 34.27 -18.68 -7.06
CA PHE G 153 33.02 -19.36 -7.45
C PHE G 153 33.21 -20.87 -7.60
N PHE G 154 34.38 -21.28 -8.11
CA PHE G 154 34.74 -22.71 -8.26
C PHE G 154 35.44 -23.29 -7.01
N PHE G 155 35.77 -22.45 -6.05
CA PHE G 155 36.25 -22.95 -4.74
C PHE G 155 35.09 -23.22 -3.75
N TYR G 156 33.91 -22.66 -4.01
CA TYR G 156 32.73 -22.86 -3.15
C TYR G 156 32.41 -24.35 -2.92
N LYS G 157 32.18 -24.73 -1.66
CA LYS G 157 31.71 -26.08 -1.30
C LYS G 157 30.47 -26.06 -0.40
N SER G 158 30.39 -25.10 0.50
CA SER G 158 29.20 -24.94 1.36
C SER G 158 29.15 -23.52 1.88
N GLY G 159 28.08 -23.20 2.61
CA GLY G 159 27.86 -21.84 3.09
C GLY G 159 27.20 -21.00 2.03
N VAL G 160 27.48 -19.68 2.04
CA VAL G 160 26.87 -18.75 1.09
C VAL G 160 27.98 -17.99 0.39
N TYR G 161 28.05 -18.12 -0.93
CA TYR G 161 29.04 -17.43 -1.75
C TYR G 161 28.78 -15.89 -1.69
N ASP G 162 29.79 -15.17 -1.22
CA ASP G 162 29.71 -13.72 -1.03
C ASP G 162 31.09 -13.06 -1.19
N ASP G 163 31.64 -13.16 -2.40
CA ASP G 163 32.98 -12.63 -2.68
C ASP G 163 32.92 -11.14 -3.00
N PRO G 164 33.68 -10.29 -2.27
CA PRO G 164 33.69 -8.85 -2.51
C PRO G 164 34.17 -8.44 -3.92
N SER G 165 34.98 -9.29 -4.56
CA SER G 165 35.44 -9.03 -5.93
C SER G 165 34.38 -9.17 -7.02
N CYS G 166 33.23 -9.75 -6.68
N CYS G 166 33.24 -9.75 -6.71
CA CYS G 166 32.15 -9.99 -7.65
CA CYS G 166 32.24 -9.98 -7.73
C CYS G 166 31.64 -8.65 -8.12
C CYS G 166 31.59 -8.67 -8.11
N THR G 167 31.21 -8.58 -9.39
CA THR G 167 30.69 -7.34 -9.96
C THR G 167 29.28 -7.58 -10.49
N GLY G 168 28.68 -6.49 -10.97
CA GLY G 168 27.41 -6.56 -11.67
C GLY G 168 27.55 -6.93 -13.13
N ASN G 169 28.78 -7.15 -13.61
CA ASN G 169 29.00 -7.56 -15.00
C ASN G 169 28.84 -9.04 -15.16
N VAL G 170 27.66 -9.43 -15.66
CA VAL G 170 27.28 -10.83 -15.77
C VAL G 170 27.91 -11.50 -16.99
N ASN G 171 28.16 -12.80 -16.88
CA ASN G 171 28.82 -13.55 -17.96
C ASN G 171 28.37 -15.00 -18.10
N HIS G 172 27.53 -15.47 -17.18
CA HIS G 172 26.97 -16.84 -17.20
C HIS G 172 25.49 -16.93 -16.81
N GLY G 173 24.76 -17.76 -17.57
CA GLY G 173 23.38 -18.10 -17.28
C GLY G 173 23.25 -19.35 -16.42
N VAL G 174 22.46 -19.23 -15.35
CA VAL G 174 22.26 -20.26 -14.34
C VAL G 174 20.78 -20.21 -13.93
N LEU G 175 20.35 -21.15 -13.12
CA LEU G 175 18.94 -21.26 -12.74
C LEU G 175 18.77 -21.06 -11.23
N VAL G 176 17.97 -20.10 -10.84
CA VAL G 176 17.59 -19.96 -9.42
C VAL G 176 16.40 -20.86 -9.09
N VAL G 177 16.62 -21.84 -8.20
CA VAL G 177 15.60 -22.86 -7.89
C VAL G 177 15.05 -22.69 -6.49
N GLY G 178 15.46 -21.63 -5.81
CA GLY G 178 14.95 -21.34 -4.48
C GLY G 178 15.75 -20.28 -3.78
N TYR G 179 15.47 -20.10 -2.48
CA TYR G 179 16.13 -19.13 -1.62
C TYR G 179 15.94 -19.51 -0.17
N GLY G 180 16.73 -18.89 0.69
CA GLY G 180 16.50 -19.00 2.13
C GLY G 180 17.52 -18.21 2.90
N THR G 181 17.80 -18.66 4.11
CA THR G 181 18.83 -18.02 4.93
C THR G 181 19.65 -19.14 5.57
N LEU G 182 20.97 -18.99 5.55
CA LEU G 182 21.89 -19.99 6.10
C LEU G 182 22.94 -19.28 6.91
N ASP G 183 23.03 -19.68 8.18
CA ASP G 183 23.99 -19.14 9.13
C ASP G 183 23.88 -17.61 9.14
N GLY G 184 22.65 -17.14 9.13
CA GLY G 184 22.35 -15.72 9.21
C GLY G 184 22.52 -14.95 7.90
N LYS G 185 22.84 -15.64 6.80
CA LYS G 185 23.04 -14.98 5.50
C LYS G 185 21.97 -15.42 4.50
N ASP G 186 21.25 -14.44 3.93
CA ASP G 186 20.25 -14.70 2.91
C ASP G 186 20.97 -15.24 1.70
N TYR G 187 20.32 -16.15 0.98
CA TYR G 187 20.90 -16.69 -0.23
C TYR G 187 19.85 -17.05 -1.27
N TRP G 188 20.33 -17.21 -2.51
CA TRP G 188 19.59 -17.76 -3.64
C TRP G 188 20.21 -19.12 -3.90
N LEU G 189 19.35 -20.08 -4.20
CA LEU G 189 19.80 -21.44 -4.46
C LEU G 189 19.94 -21.54 -5.96
N VAL G 190 21.17 -21.78 -6.41
CA VAL G 190 21.48 -21.75 -7.85
C VAL G 190 21.94 -23.10 -8.38
N LYS G 191 21.24 -23.59 -9.41
CA LYS G 191 21.62 -24.81 -10.13
C LYS G 191 22.53 -24.40 -11.27
N ASN G 192 23.74 -24.93 -11.28
CA ASN G 192 24.63 -24.72 -12.42
C ASN G 192 24.64 -25.89 -13.38
N SER G 193 25.47 -25.79 -14.43
CA SER G 193 25.59 -26.81 -15.48
C SER G 193 27.03 -27.37 -15.64
N TRP G 194 27.75 -27.53 -14.53
CA TRP G 194 29.08 -28.12 -14.49
C TRP G 194 29.10 -29.46 -13.76
N GLY G 195 27.99 -30.18 -13.78
CA GLY G 195 27.91 -31.48 -13.11
C GLY G 195 27.88 -31.46 -11.61
N LEU G 196 27.89 -32.66 -11.02
CA LEU G 196 27.70 -32.85 -9.59
C LEU G 196 28.94 -32.50 -8.78
N ASN G 197 30.09 -32.42 -9.45
CA ASN G 197 31.33 -32.13 -8.71
C ASN G 197 31.48 -30.64 -8.42
N PHE G 198 30.74 -29.80 -9.15
CA PHE G 198 30.70 -28.38 -8.86
C PHE G 198 30.00 -28.08 -7.54
N GLY G 199 30.51 -27.10 -6.80
CA GLY G 199 29.80 -26.58 -5.63
C GLY G 199 29.32 -27.68 -4.69
N ASP G 200 28.06 -27.59 -4.28
CA ASP G 200 27.41 -28.56 -3.40
C ASP G 200 26.47 -29.40 -4.26
N GLN G 201 27.00 -30.53 -4.73
N GLN G 201 26.97 -30.53 -4.75
CA GLN G 201 26.34 -31.43 -5.68
CA GLN G 201 26.19 -31.41 -5.64
C GLN G 201 25.65 -30.71 -6.85
C GLN G 201 25.62 -30.70 -6.87
N GLY G 202 26.34 -29.72 -7.40
CA GLY G 202 25.93 -29.05 -8.63
C GLY G 202 25.30 -27.70 -8.39
N TYR G 203 25.15 -27.34 -7.13
CA TYR G 203 24.46 -26.10 -6.69
C TYR G 203 25.42 -25.18 -5.96
N ILE G 204 25.08 -23.89 -5.96
CA ILE G 204 25.79 -22.89 -5.18
C ILE G 204 24.75 -21.97 -4.55
N ARG G 205 24.98 -21.61 -3.29
CA ARG G 205 24.16 -20.66 -2.58
C ARG G 205 24.85 -19.32 -2.68
N MET G 206 24.17 -18.39 -3.36
CA MET G 206 24.73 -17.08 -3.61
C MET G 206 24.06 -16.00 -2.79
N ALA G 207 24.84 -15.01 -2.38
CA ALA G 207 24.35 -13.92 -1.55
C ALA G 207 23.10 -13.25 -2.12
N ARG G 208 22.09 -13.16 -1.25
CA ARG G 208 20.82 -12.52 -1.58
C ARG G 208 20.60 -11.30 -0.68
N ASN G 209 19.97 -10.28 -1.24
CA ASN G 209 19.71 -9.01 -0.58
C ASN G 209 20.97 -8.21 -0.23
N ASN G 210 22.09 -8.56 -0.84
CA ASN G 210 23.34 -7.83 -0.72
C ASN G 210 23.63 -6.99 -1.98
N LYS G 211 22.81 -5.97 -2.20
CA LYS G 211 22.95 -5.01 -3.31
C LYS G 211 23.17 -5.69 -4.68
N ASN G 212 22.29 -6.64 -5.00
CA ASN G 212 22.31 -7.33 -6.29
C ASN G 212 23.69 -7.92 -6.59
N HIS G 213 24.20 -8.66 -5.61
CA HIS G 213 25.55 -9.21 -5.66
C HIS G 213 25.72 -10.17 -6.86
N CYS G 214 26.84 -10.00 -7.58
CA CYS G 214 27.11 -10.73 -8.82
C CYS G 214 26.09 -10.46 -9.96
N GLY G 215 25.28 -9.40 -9.82
CA GLY G 215 24.24 -9.10 -10.81
C GLY G 215 23.13 -10.11 -10.93
N ILE G 216 22.96 -10.92 -9.89
CA ILE G 216 22.04 -12.03 -9.94
C ILE G 216 20.59 -11.66 -10.28
N ALA G 217 20.15 -10.45 -9.94
CA ALA G 217 18.76 -10.04 -10.24
C ALA G 217 18.70 -9.02 -11.40
N SER G 218 19.81 -8.85 -12.10
CA SER G 218 19.88 -7.90 -13.21
C SER G 218 19.05 -8.35 -14.42
N TYR G 219 19.21 -9.60 -14.84
CA TYR G 219 18.56 -10.11 -16.06
C TYR G 219 17.82 -11.46 -15.83
N CYS G 220 16.70 -11.37 -15.11
CA CYS G 220 15.87 -12.51 -14.78
C CYS G 220 14.70 -12.67 -15.75
N SER G 221 14.45 -13.92 -16.11
CA SER G 221 13.29 -14.32 -16.95
C SER G 221 12.80 -15.73 -16.66
N TYR G 222 11.53 -15.99 -16.98
CA TYR G 222 11.01 -17.34 -16.94
C TYR G 222 9.95 -17.46 -18.05
N PRO G 223 9.80 -18.67 -18.61
CA PRO G 223 8.85 -18.91 -19.67
C PRO G 223 7.46 -19.29 -19.13
N GLU G 224 6.42 -19.05 -19.92
CA GLU G 224 5.07 -19.50 -19.59
C GLU G 224 4.75 -20.57 -20.66
N ILE G 225 4.18 -21.68 -20.25
CA ILE G 225 3.95 -22.77 -21.20
C ILE G 225 2.81 -22.48 -22.17
N THR H 7 -24.20 13.47 48.75
CA THR H 7 -22.84 13.18 49.32
C THR H 7 -22.42 11.72 49.10
N LEU H 8 -21.17 11.58 48.63
CA LEU H 8 -20.62 10.35 48.10
C LEU H 8 -20.25 9.38 49.22
N PRO H 9 -20.06 8.07 48.88
CA PRO H 9 -19.57 7.12 49.91
C PRO H 9 -18.13 7.43 50.37
N ASP H 10 -17.82 7.01 51.61
CA ASP H 10 -16.48 7.20 52.22
C ASP H 10 -15.39 6.33 51.63
N THR H 11 -15.77 5.11 51.23
CA THR H 11 -14.85 4.13 50.64
C THR H 11 -15.52 3.47 49.44
N VAL H 12 -14.76 3.38 48.35
CA VAL H 12 -15.18 2.67 47.17
C VAL H 12 -14.06 1.68 46.82
N ASP H 13 -14.47 0.52 46.34
CA ASP H 13 -13.56 -0.47 45.81
C ASP H 13 -14.34 -1.25 44.78
N TRP H 14 -14.17 -0.86 43.52
CA TRP H 14 -14.81 -1.51 42.37
C TRP H 14 -14.41 -2.97 42.18
N ARG H 15 -13.30 -3.40 42.77
CA ARG H 15 -12.99 -4.84 42.76
C ARG H 15 -14.05 -5.63 43.45
N GLU H 16 -14.52 -5.11 44.58
CA GLU H 16 -15.51 -5.82 45.37
C GLU H 16 -16.81 -5.96 44.60
N LYS H 17 -17.03 -5.10 43.60
CA LYS H 17 -18.24 -5.19 42.76
C LYS H 17 -18.06 -5.98 41.46
N GLY H 18 -16.89 -6.60 41.29
CA GLY H 18 -16.64 -7.45 40.15
C GLY H 18 -16.42 -6.67 38.87
N CYS H 19 -16.02 -5.40 39.00
CA CYS H 19 -15.87 -4.49 37.86
C CYS H 19 -14.43 -4.36 37.37
N VAL H 20 -13.51 -5.10 38.01
CA VAL H 20 -12.11 -5.00 37.68
C VAL H 20 -11.55 -6.36 37.27
N THR H 21 -10.86 -6.39 36.13
CA THR H 21 -10.22 -7.61 35.65
C THR H 21 -8.89 -7.86 36.35
N GLU H 22 -8.34 -9.04 36.15
CA GLU H 22 -7.03 -9.36 36.71
C GLU H 22 -5.97 -8.34 36.27
N VAL H 23 -4.97 -8.15 37.12
CA VAL H 23 -3.85 -7.26 36.81
C VAL H 23 -3.00 -7.85 35.67
N LYS H 24 -2.67 -7.01 34.70
CA LYS H 24 -1.84 -7.43 33.56
C LYS H 24 -0.36 -7.06 33.76
N TYR H 25 0.48 -7.56 32.86
CA TYR H 25 1.91 -7.32 32.89
C TYR H 25 2.40 -6.71 31.58
N GLN H 26 2.76 -5.42 31.56
CA GLN H 26 3.05 -4.77 30.28
C GLN H 26 4.39 -5.21 29.65
N GLY H 27 5.35 -5.63 30.47
CA GLY H 27 6.65 -6.08 29.97
C GLY H 27 7.46 -4.90 29.45
N SER H 28 8.27 -5.13 28.42
N SER H 28 8.25 -5.16 28.40
CA SER H 28 9.10 -4.06 27.85
CA SER H 28 9.12 -4.16 27.79
C SER H 28 8.42 -3.29 26.71
C SER H 28 8.41 -3.22 26.80
N CYS H 29 7.09 -3.33 26.69
CA CYS H 29 6.31 -2.52 25.80
C CYS H 29 5.63 -1.42 26.62
N GLY H 30 5.81 -0.17 26.21
CA GLY H 30 5.21 1.00 26.87
C GLY H 30 3.73 1.16 26.58
N ALA H 31 2.98 0.17 27.02
CA ALA H 31 1.55 0.11 26.78
C ALA H 31 0.70 0.42 28.02
N CYS H 32 1.27 1.04 29.06
CA CYS H 32 0.48 1.45 30.24
C CYS H 32 -0.85 2.19 29.91
N TRP H 33 -0.78 3.15 29.00
CA TRP H 33 -1.93 3.85 28.50
C TRP H 33 -3.00 2.88 27.93
N ALA H 34 -2.56 1.78 27.34
CA ALA H 34 -3.47 0.86 26.66
C ALA H 34 -4.20 0.07 27.73
N PHE H 35 -3.44 -0.39 28.71
CA PHE H 35 -4.02 -1.12 29.83
C PHE H 35 -4.96 -0.24 30.64
N SER H 36 -4.59 1.03 30.83
CA SER H 36 -5.44 2.00 31.52
C SER H 36 -6.78 2.15 30.78
N ALA H 37 -6.70 2.29 29.47
CA ALA H 37 -7.88 2.51 28.67
C ALA H 37 -8.84 1.32 28.67
N VAL H 38 -8.34 0.13 28.37
CA VAL H 38 -9.23 -1.04 28.38
C VAL H 38 -9.78 -1.30 29.78
N GLY H 39 -8.99 -0.98 30.81
CA GLY H 39 -9.48 -1.07 32.18
C GLY H 39 -10.70 -0.23 32.43
N ALA H 40 -10.72 1.00 31.89
CA ALA H 40 -11.83 1.87 32.15
C ALA H 40 -13.06 1.28 31.44
N LEU H 41 -12.84 0.84 30.20
CA LEU H 41 -13.91 0.29 29.42
C LEU H 41 -14.42 -1.06 29.99
N GLU H 42 -13.53 -1.88 30.55
CA GLU H 42 -13.92 -3.16 31.19
C GLU H 42 -14.93 -2.88 32.30
N GLY H 43 -14.66 -1.81 33.06
CA GLY H 43 -15.57 -1.43 34.16
C GLY H 43 -16.94 -1.05 33.63
N GLN H 44 -16.97 -0.19 32.61
CA GLN H 44 -18.24 0.16 31.99
C GLN H 44 -18.99 -1.02 31.39
N LEU H 45 -18.27 -1.89 30.69
CA LEU H 45 -18.88 -3.09 30.12
C LEU H 45 -19.61 -3.91 31.19
N LYS H 46 -18.93 -4.10 32.34
CA LYS H 46 -19.49 -4.84 33.45
C LYS H 46 -20.75 -4.15 33.99
N LEU H 47 -20.69 -2.83 34.16
CA LEU H 47 -21.82 -2.08 34.72
C LEU H 47 -23.04 -2.13 33.82
N LYS H 48 -22.79 -2.25 32.53
CA LYS H 48 -23.88 -2.24 31.54
C LYS H 48 -24.40 -3.66 31.30
N THR H 49 -23.49 -4.61 31.07
CA THR H 49 -23.87 -5.93 30.58
C THR H 49 -23.83 -7.05 31.66
N GLY H 50 -23.08 -6.82 32.72
CA GLY H 50 -22.82 -7.82 33.73
C GLY H 50 -21.69 -8.77 33.41
N LYS H 51 -21.08 -8.62 32.22
CA LYS H 51 -19.93 -9.44 31.82
C LYS H 51 -18.63 -8.74 32.21
N LEU H 52 -17.76 -9.50 32.86
CA LEU H 52 -16.40 -9.07 33.12
C LEU H 52 -15.46 -9.71 32.10
N ILE H 53 -14.94 -8.91 31.20
CA ILE H 53 -14.09 -9.43 30.13
C ILE H 53 -12.85 -8.58 29.90
N SER H 54 -11.66 -9.19 29.88
CA SER H 54 -10.44 -8.43 29.54
C SER H 54 -10.45 -8.07 28.07
N LEU H 55 -10.32 -6.77 27.79
CA LEU H 55 -10.32 -6.28 26.43
C LEU H 55 -8.88 -6.14 25.93
N SER H 56 -8.72 -6.02 24.63
CA SER H 56 -7.42 -6.16 24.01
C SER H 56 -6.63 -4.86 24.02
N ALA H 57 -5.71 -4.75 24.99
CA ALA H 57 -4.66 -3.74 24.96
C ALA H 57 -3.85 -3.84 23.68
N GLN H 58 -3.62 -5.06 23.20
CA GLN H 58 -2.88 -5.23 21.94
C GLN H 58 -3.56 -4.61 20.71
N ASN H 59 -4.88 -4.64 20.66
CA ASN H 59 -5.67 -4.02 19.62
C ASN H 59 -5.40 -2.50 19.58
N LEU H 60 -5.25 -1.90 20.76
CA LEU H 60 -4.99 -0.47 20.86
C LEU H 60 -3.57 -0.13 20.43
N VAL H 61 -2.60 -0.88 20.97
CA VAL H 61 -1.19 -0.70 20.60
C VAL H 61 -0.97 -0.75 19.07
N ASP H 62 -1.57 -1.75 18.43
CA ASP H 62 -1.37 -2.01 16.97
C ASP H 62 -2.14 -1.08 16.02
N CYS H 63 -3.36 -0.70 16.39
CA CYS H 63 -4.30 -0.08 15.44
C CYS H 63 -4.51 1.41 15.64
N SER H 64 -3.97 1.98 16.72
CA SER H 64 -4.13 3.40 17.02
C SER H 64 -2.79 4.19 16.87
N ASN H 65 -1.80 3.55 16.26
CA ASN H 65 -0.45 4.13 16.10
C ASN H 65 -0.34 4.91 14.78
N GLU H 66 -0.97 6.09 14.74
CA GLU H 66 -0.99 6.91 13.52
C GLU H 66 -1.40 8.36 13.79
N GLU H 67 -1.00 9.26 12.88
CA GLU H 67 -1.22 10.72 12.97
C GLU H 67 -2.57 11.09 13.57
N LYS H 68 -3.58 10.32 13.18
CA LYS H 68 -4.96 10.55 13.57
C LYS H 68 -5.09 10.60 15.10
N TYR H 69 -4.40 9.70 15.80
CA TYR H 69 -4.54 9.54 17.25
C TYR H 69 -3.33 10.04 18.02
N GLY H 70 -2.14 9.88 17.48
CA GLY H 70 -0.93 10.28 18.17
C GLY H 70 -0.48 9.28 19.23
N ASN H 71 -1.02 8.06 19.20
CA ASN H 71 -0.46 7.03 20.05
C ASN H 71 0.76 6.46 19.36
N LYS H 72 1.67 5.89 20.15
CA LYS H 72 2.97 5.43 19.65
C LYS H 72 3.19 3.97 19.96
N GLY H 73 2.11 3.23 20.14
CA GLY H 73 2.19 1.81 20.40
C GLY H 73 3.03 1.57 21.62
N CYS H 74 4.07 0.75 21.49
CA CYS H 74 4.93 0.45 22.62
C CYS H 74 5.79 1.63 23.04
N GLY H 75 5.78 2.70 22.24
CA GLY H 75 6.48 3.94 22.62
C GLY H 75 5.66 4.92 23.47
N GLY H 76 4.45 4.53 23.84
CA GLY H 76 3.58 5.35 24.69
C GLY H 76 2.35 5.86 23.95
N GLY H 77 1.45 6.53 24.67
CA GLY H 77 0.18 6.90 24.12
C GLY H 77 -0.76 7.44 25.19
N TYR H 78 -1.97 7.79 24.73
CA TYR H 78 -2.94 8.48 25.56
C TYR H 78 -4.26 7.74 25.64
N MET H 79 -4.88 7.69 26.83
CA MET H 79 -6.12 6.94 27.05
C MET H 79 -7.25 7.56 26.26
N THR H 80 -7.29 8.90 26.20
CA THR H 80 -8.37 9.58 25.46
C THR H 80 -8.31 9.23 24.01
N GLU H 81 -7.11 9.13 23.46
CA GLU H 81 -6.94 8.79 22.03
C GLU H 81 -7.24 7.31 21.80
N ALA H 82 -6.97 6.47 22.78
CA ALA H 82 -7.44 5.09 22.68
C ALA H 82 -8.98 5.00 22.59
N PHE H 83 -9.71 5.74 23.43
CA PHE H 83 -11.18 5.75 23.38
C PHE H 83 -11.66 6.30 22.03
N GLN H 84 -11.01 7.35 21.54
CA GLN H 84 -11.38 7.86 20.22
C GLN H 84 -11.23 6.80 19.12
N TYR H 85 -10.16 6.01 19.16
CA TYR H 85 -9.97 4.92 18.20
C TYR H 85 -11.13 3.90 18.27
N ILE H 86 -11.48 3.49 19.48
CA ILE H 86 -12.54 2.52 19.67
C ILE H 86 -13.84 3.11 19.10
N ILE H 87 -14.10 4.39 19.37
CA ILE H 87 -15.30 5.05 18.85
C ILE H 87 -15.29 4.97 17.31
N ASP H 88 -14.21 5.46 16.69
CA ASP H 88 -14.10 5.54 15.23
C ASP H 88 -14.15 4.15 14.62
N ASN H 89 -13.51 3.20 15.31
CA ASN H 89 -13.34 1.84 14.80
C ASN H 89 -14.62 1.02 14.91
N GLY H 90 -15.56 1.50 15.75
CA GLY H 90 -16.81 0.80 16.01
C GLY H 90 -16.64 -0.45 16.84
N GLY H 91 -15.51 -0.57 17.54
CA GLY H 91 -15.30 -1.72 18.39
C GLY H 91 -13.88 -1.91 18.85
N ILE H 92 -13.73 -2.91 19.72
CA ILE H 92 -12.47 -3.43 20.21
C ILE H 92 -12.67 -4.90 20.50
N GLU H 93 -11.63 -5.68 20.30
CA GLU H 93 -11.69 -7.10 20.62
C GLU H 93 -11.41 -7.37 22.08
N ALA H 94 -11.86 -8.53 22.51
CA ALA H 94 -11.42 -9.12 23.76
C ALA H 94 -9.96 -9.55 23.68
N ASP H 95 -9.31 -9.55 24.84
CA ASP H 95 -7.95 -10.03 24.92
C ASP H 95 -7.88 -11.48 24.44
N ALA H 96 -8.96 -12.23 24.68
CA ALA H 96 -9.00 -13.65 24.34
C ALA H 96 -8.68 -13.90 22.86
N SER H 97 -9.26 -13.10 21.97
CA SER H 97 -9.10 -13.27 20.52
C SER H 97 -8.02 -12.37 19.91
N TYR H 98 -7.53 -11.40 20.69
CA TYR H 98 -6.48 -10.46 20.26
C TYR H 98 -5.52 -10.24 21.45
N PRO H 99 -4.74 -11.29 21.79
CA PRO H 99 -3.93 -11.34 23.00
C PRO H 99 -2.72 -10.36 23.04
N TYR H 100 -2.27 -10.06 24.23
CA TYR H 100 -1.16 -9.12 24.38
C TYR H 100 0.19 -9.82 24.08
N LYS H 101 0.94 -9.26 23.13
CA LYS H 101 2.29 -9.76 22.76
C LYS H 101 3.42 -8.77 23.16
N ALA H 102 3.04 -7.61 23.71
CA ALA H 102 4.00 -6.64 24.19
C ALA H 102 5.02 -6.33 23.10
N MET H 103 4.55 -6.09 21.89
N MET H 103 4.52 -6.06 21.90
CA MET H 103 5.38 -5.58 20.80
CA MET H 103 5.35 -5.64 20.79
C MET H 103 4.43 -4.95 19.82
C MET H 103 4.42 -4.98 19.77
N ASP H 104 4.94 -4.02 19.02
CA ASP H 104 4.16 -3.35 17.98
C ASP H 104 3.99 -4.33 16.81
N GLU H 105 2.75 -4.48 16.36
CA GLU H 105 2.42 -5.38 15.28
C GLU H 105 1.47 -4.69 14.36
N LYS H 106 1.40 -5.18 13.13
CA LYS H 106 0.49 -4.65 12.14
C LYS H 106 -0.91 -4.97 12.66
N CYS H 107 -1.84 -4.04 12.46
CA CYS H 107 -3.20 -4.18 12.99
C CYS H 107 -3.94 -5.33 12.30
N HIS H 108 -4.50 -6.25 13.10
CA HIS H 108 -5.38 -7.32 12.57
C HIS H 108 -6.70 -7.35 13.34
N TYR H 109 -7.34 -6.18 13.43
CA TYR H 109 -8.65 -6.08 14.06
C TYR H 109 -9.66 -6.82 13.19
N ASN H 110 -10.53 -7.59 13.82
CA ASN H 110 -11.61 -8.27 13.14
C ASN H 110 -12.95 -8.00 13.83
N SER H 111 -13.86 -7.31 13.14
CA SER H 111 -15.14 -6.90 13.70
C SER H 111 -16.03 -8.07 14.07
N LYS H 112 -15.82 -9.22 13.43
CA LYS H 112 -16.55 -10.43 13.81
C LYS H 112 -16.24 -10.81 15.28
N ASN H 113 -15.11 -10.32 15.82
CA ASN H 113 -14.68 -10.58 17.19
C ASN H 113 -14.81 -9.36 18.14
N ARG H 114 -15.61 -8.39 17.73
CA ARG H 114 -15.90 -7.22 18.57
C ARG H 114 -16.44 -7.66 19.92
N ALA H 115 -15.80 -7.20 21.01
CA ALA H 115 -16.28 -7.52 22.36
C ALA H 115 -16.85 -6.33 23.12
N ALA H 116 -16.56 -5.11 22.67
CA ALA H 116 -17.03 -3.95 23.38
C ALA H 116 -17.02 -2.80 22.41
N THR H 117 -17.78 -1.76 22.74
CA THR H 117 -17.85 -0.55 21.95
C THR H 117 -17.70 0.70 22.81
N CYS H 118 -17.52 1.83 22.16
CA CYS H 118 -17.48 3.11 22.84
C CYS H 118 -18.17 4.14 21.96
N SER H 119 -18.96 5.03 22.57
CA SER H 119 -19.65 6.09 21.82
C SER H 119 -19.09 7.46 22.08
N ARG H 120 -18.55 7.67 23.30
CA ARG H 120 -17.92 8.92 23.70
C ARG H 120 -17.04 8.67 24.92
N TYR H 121 -16.21 9.65 25.24
CA TYR H 121 -15.47 9.66 26.49
C TYR H 121 -15.60 11.03 27.13
N ILE H 122 -15.51 11.00 28.46
CA ILE H 122 -15.60 12.20 29.31
C ILE H 122 -14.24 12.43 29.95
N GLN H 123 -13.82 13.69 29.97
CA GLN H 123 -12.60 14.13 30.64
C GLN H 123 -13.01 15.00 31.80
N LEU H 124 -12.32 14.86 32.93
CA LEU H 124 -12.66 15.59 34.14
C LEU H 124 -11.89 16.92 34.21
N PRO H 125 -12.37 17.87 35.05
CA PRO H 125 -11.62 19.14 35.06
C PRO H 125 -10.21 18.97 35.59
N PHE H 126 -9.27 19.70 34.99
CA PHE H 126 -7.86 19.61 35.34
C PHE H 126 -7.62 19.78 36.83
N GLY H 127 -7.02 18.76 37.46
CA GLY H 127 -6.56 18.85 38.84
C GLY H 127 -7.63 18.78 39.92
N ASP H 128 -8.86 18.47 39.52
CA ASP H 128 -10.00 18.46 40.46
C ASP H 128 -10.17 17.09 41.15
N GLU H 129 -9.65 16.97 42.35
CA GLU H 129 -9.75 15.67 43.11
C GLU H 129 -11.18 15.41 43.56
N ASP H 130 -11.97 16.47 43.80
CA ASP H 130 -13.38 16.34 44.15
C ASP H 130 -14.17 15.76 42.97
N ALA H 131 -13.88 16.26 41.76
CA ALA H 131 -14.51 15.74 40.57
C ALA H 131 -14.09 14.31 40.33
N LEU H 132 -12.83 14.00 40.61
CA LEU H 132 -12.36 12.62 40.44
C LEU H 132 -13.04 11.68 41.42
N LYS H 133 -13.26 12.11 42.66
CA LYS H 133 -13.97 11.27 43.64
C LYS H 133 -15.38 10.96 43.17
N GLU H 134 -16.07 11.97 42.68
CA GLU H 134 -17.43 11.84 42.20
C GLU H 134 -17.52 10.88 41.01
N ALA H 135 -16.57 10.94 40.08
CA ALA H 135 -16.63 10.05 38.90
C ALA H 135 -16.38 8.61 39.33
N VAL H 136 -15.39 8.42 40.20
CA VAL H 136 -15.09 7.05 40.69
C VAL H 136 -16.28 6.44 41.42
N ALA H 137 -16.93 7.22 42.28
CA ALA H 137 -18.11 6.75 43.03
C ALA H 137 -19.36 6.54 42.14
N THR H 138 -19.59 7.43 41.15
CA THR H 138 -20.87 7.49 40.37
C THR H 138 -20.81 7.06 38.88
N LYS H 139 -19.61 6.79 38.38
CA LYS H 139 -19.42 6.40 36.98
C LYS H 139 -18.75 5.05 36.88
N GLY H 140 -17.62 4.91 37.55
CA GLY H 140 -16.83 3.66 37.62
C GLY H 140 -15.34 3.91 37.64
N PRO H 141 -14.55 2.87 37.33
CA PRO H 141 -13.11 3.10 37.21
C PRO H 141 -12.78 4.20 36.21
N VAL H 142 -11.74 4.99 36.50
CA VAL H 142 -11.34 6.18 35.77
C VAL H 142 -9.87 6.09 35.38
N SER H 143 -9.58 6.33 34.12
CA SER H 143 -8.20 6.35 33.63
C SER H 143 -7.57 7.69 33.99
N VAL H 144 -6.34 7.65 34.44
CA VAL H 144 -5.65 8.83 34.90
C VAL H 144 -4.16 8.76 34.55
N GLY H 145 -3.51 9.94 34.57
CA GLY H 145 -2.11 9.98 34.37
C GLY H 145 -1.43 10.29 35.67
N ILE H 146 -0.28 9.67 35.93
CA ILE H 146 0.49 9.96 37.14
C ILE H 146 1.98 10.07 36.94
N ASP H 147 2.66 10.69 37.89
CA ASP H 147 4.11 10.70 37.95
C ASP H 147 4.51 9.43 38.70
N ALA H 148 4.91 8.43 37.93
CA ALA H 148 5.33 7.14 38.46
C ALA H 148 6.82 6.93 38.18
N SER H 149 7.60 8.02 38.20
CA SER H 149 9.01 7.96 37.80
C SER H 149 9.98 7.87 38.98
N HIS H 150 9.47 7.90 40.20
CA HIS H 150 10.33 7.91 41.37
C HIS H 150 10.48 6.50 41.91
N SER H 151 11.65 6.22 42.45
CA SER H 151 11.98 4.83 42.79
C SER H 151 11.13 4.33 43.97
N SER H 152 10.67 5.26 44.81
CA SER H 152 9.77 4.95 45.95
C SER H 152 8.48 4.28 45.46
N PHE H 153 8.01 4.68 44.28
CA PHE H 153 6.83 4.07 43.65
C PHE H 153 6.96 2.55 43.52
N PHE H 154 8.13 2.07 43.11
CA PHE H 154 8.35 0.64 42.94
C PHE H 154 8.79 -0.03 44.24
N PHE H 155 9.13 0.77 45.26
CA PHE H 155 9.37 0.22 46.61
C PHE H 155 8.09 -0.01 47.42
N TYR H 156 7.03 0.74 47.10
CA TYR H 156 5.71 0.63 47.75
C TYR H 156 5.24 -0.81 47.94
N LYS H 157 4.85 -1.16 49.16
CA LYS H 157 4.27 -2.47 49.45
C LYS H 157 2.92 -2.38 50.19
N SER H 158 2.73 -1.34 51.01
CA SER H 158 1.48 -1.15 51.72
C SER H 158 1.35 0.29 52.20
N GLY H 159 0.22 0.60 52.82
CA GLY H 159 -0.01 1.93 53.35
C GLY H 159 -0.41 2.90 52.24
N VAL H 160 0.00 4.15 52.36
CA VAL H 160 -0.37 5.17 51.36
C VAL H 160 0.85 5.91 50.83
N TYR H 161 0.97 5.94 49.51
CA TYR H 161 2.16 6.43 48.83
C TYR H 161 2.05 7.95 48.78
N ASP H 162 3.06 8.62 49.32
CA ASP H 162 3.03 10.08 49.55
C ASP H 162 4.47 10.65 49.56
N ASP H 163 5.15 10.52 48.42
CA ASP H 163 6.54 10.91 48.31
C ASP H 163 6.61 12.37 47.94
N PRO H 164 7.24 13.21 48.79
CA PRO H 164 7.33 14.65 48.50
C PRO H 164 8.06 15.00 47.19
N SER H 165 8.93 14.10 46.70
CA SER H 165 9.62 14.25 45.42
C SER H 165 8.70 14.19 44.20
N CYS H 166 7.52 13.58 44.37
N CYS H 166 7.53 13.59 44.35
CA CYS H 166 6.57 13.41 43.27
CA CYS H 166 6.65 13.41 43.21
C CYS H 166 6.21 14.79 42.71
C CYS H 166 6.13 14.76 42.72
N THR H 167 5.89 14.84 41.42
CA THR H 167 5.50 16.11 40.77
C THR H 167 4.21 15.92 40.00
N GLY H 168 3.69 17.02 39.44
CA GLY H 168 2.50 17.02 38.60
C GLY H 168 2.77 16.81 37.11
N ASN H 169 4.03 16.49 36.80
CA ASN H 169 4.42 16.16 35.43
C ASN H 169 4.28 14.66 35.25
N VAL H 170 3.15 14.27 34.65
CA VAL H 170 2.75 12.87 34.58
C VAL H 170 3.50 12.15 33.44
N ASN H 171 3.57 10.84 33.57
CA ASN H 171 4.36 10.05 32.63
C ASN H 171 3.87 8.61 32.49
N HIS H 172 2.89 8.19 33.28
CA HIS H 172 2.27 6.87 33.09
C HIS H 172 0.76 6.88 33.24
N GLY H 173 0.08 6.05 32.46
CA GLY H 173 -1.34 5.88 32.58
C GLY H 173 -1.69 4.65 33.42
N VAL H 174 -2.57 4.87 34.38
CA VAL H 174 -3.03 3.82 35.28
C VAL H 174 -4.55 3.98 35.46
N LEU H 175 -5.15 3.16 36.30
CA LEU H 175 -6.61 3.15 36.42
C LEU H 175 -6.97 3.38 37.86
N VAL H 176 -7.79 4.39 38.16
CA VAL H 176 -8.32 4.54 39.54
C VAL H 176 -9.59 3.70 39.72
N VAL H 177 -9.56 2.69 40.59
CA VAL H 177 -10.72 1.81 40.80
C VAL H 177 -11.39 1.97 42.18
N GLY H 178 -10.87 2.88 42.99
CA GLY H 178 -11.55 3.25 44.21
C GLY H 178 -10.83 4.29 45.02
N TYR H 179 -11.29 4.46 46.25
CA TYR H 179 -10.71 5.39 47.18
C TYR H 179 -11.16 5.08 48.59
N GLY H 180 -10.46 5.65 49.54
CA GLY H 180 -10.87 5.58 50.94
C GLY H 180 -9.93 6.30 51.85
N THR H 181 -9.88 5.88 53.11
CA THR H 181 -8.92 6.43 54.05
C THR H 181 -8.24 5.26 54.76
N LEU H 182 -6.94 5.40 54.91
CA LEU H 182 -6.15 4.37 55.55
C LEU H 182 -5.19 5.02 56.51
N ASP H 183 -5.30 4.63 57.79
CA ASP H 183 -4.42 5.15 58.82
C ASP H 183 -4.43 6.68 58.85
N GLY H 184 -5.62 7.24 58.69
CA GLY H 184 -5.84 8.68 58.67
C GLY H 184 -5.52 9.42 57.37
N LYS H 185 -5.00 8.72 56.36
N LYS H 185 -5.10 8.68 56.34
CA LYS H 185 -4.59 9.36 55.13
CA LYS H 185 -4.60 9.25 55.10
C LYS H 185 -5.49 8.93 53.95
C LYS H 185 -5.55 8.91 53.94
N ASP H 186 -6.09 9.93 53.28
CA ASP H 186 -7.00 9.69 52.17
C ASP H 186 -6.17 9.17 51.02
N TYR H 187 -6.75 8.24 50.29
CA TYR H 187 -6.12 7.60 49.16
C TYR H 187 -7.05 7.35 47.95
N TRP H 188 -6.39 7.24 46.80
CA TRP H 188 -6.91 6.67 45.58
C TRP H 188 -6.38 5.25 45.42
N LEU H 189 -7.25 4.37 44.95
CA LEU H 189 -6.87 2.97 44.81
C LEU H 189 -6.56 2.75 43.33
N VAL H 190 -5.30 2.50 43.05
CA VAL H 190 -4.79 2.48 41.68
C VAL H 190 -4.32 1.11 41.27
N LYS H 191 -4.86 0.67 40.13
CA LYS H 191 -4.41 -0.56 39.44
C LYS H 191 -3.32 -0.28 38.40
N ASN H 192 -2.17 -0.94 38.50
CA ASN H 192 -1.09 -0.79 37.50
C ASN H 192 -1.08 -1.99 36.58
N SER H 193 -0.14 -1.98 35.62
CA SER H 193 0.00 -3.05 34.66
C SER H 193 1.41 -3.58 34.69
N TRP H 194 1.90 -3.75 35.90
CA TRP H 194 3.23 -4.34 36.17
C TRP H 194 3.05 -5.68 36.88
N GLY H 195 1.88 -6.30 36.68
CA GLY H 195 1.63 -7.62 37.24
C GLY H 195 1.45 -7.60 38.75
N LEU H 196 1.30 -8.78 39.33
CA LEU H 196 1.01 -8.91 40.74
C LEU H 196 2.18 -8.61 41.67
N ASN H 197 3.42 -8.70 41.19
CA ASN H 197 4.56 -8.41 42.07
C ASN H 197 4.75 -6.91 42.29
N PHE H 198 4.11 -6.10 41.46
CA PHE H 198 4.11 -4.68 41.69
C PHE H 198 3.24 -4.32 42.89
N GLY H 199 3.76 -3.45 43.76
CA GLY H 199 2.95 -2.87 44.80
C GLY H 199 2.28 -3.94 45.62
N ASP H 200 0.96 -3.78 45.83
CA ASP H 200 0.13 -4.64 46.65
C ASP H 200 -0.79 -5.44 45.71
N GLN H 201 -0.37 -6.67 45.40
CA GLN H 201 -1.02 -7.51 44.39
C GLN H 201 -1.42 -6.70 43.13
N GLY H 202 -0.52 -5.81 42.73
CA GLY H 202 -0.69 -5.04 41.50
C GLY H 202 -1.24 -3.63 41.63
N TYR H 203 -1.63 -3.24 42.85
CA TYR H 203 -2.31 -1.98 43.14
C TYR H 203 -1.43 -1.12 44.00
N ILE H 204 -1.69 0.17 44.00
CA ILE H 204 -0.99 1.08 44.90
C ILE H 204 -2.01 2.13 45.35
N ARG H 205 -2.01 2.40 46.64
CA ARG H 205 -2.84 3.45 47.21
C ARG H 205 -2.03 4.72 47.15
N MET H 206 -2.54 5.71 46.44
CA MET H 206 -1.86 6.99 46.27
C MET H 206 -2.57 8.14 47.01
N ALA H 207 -1.78 9.04 47.58
CA ALA H 207 -2.33 10.17 48.35
C ALA H 207 -3.40 10.95 47.60
N ARG H 208 -4.51 11.18 48.30
CA ARG H 208 -5.70 11.82 47.82
C ARG H 208 -5.96 13.10 48.68
N ASN H 209 -6.48 14.15 48.03
CA ASN H 209 -6.67 15.50 48.58
C ASN H 209 -5.41 16.16 49.10
N ASN H 210 -4.25 15.70 48.65
CA ASN H 210 -2.97 16.33 48.99
C ASN H 210 -2.42 17.09 47.80
N LYS H 211 -3.17 18.12 47.41
CA LYS H 211 -2.76 19.08 46.38
C LYS H 211 -2.38 18.35 45.08
N ASN H 212 -3.26 17.48 44.62
CA ASN H 212 -3.06 16.77 43.33
C ASN H 212 -1.72 16.08 43.26
N HIS H 213 -1.47 15.28 44.29
CA HIS H 213 -0.19 14.66 44.44
C HIS H 213 0.06 13.73 43.26
N CYS H 214 1.27 13.83 42.66
CA CYS H 214 1.70 13.01 41.51
C CYS H 214 0.89 13.31 40.23
N GLY H 215 0.09 14.36 40.29
CA GLY H 215 -0.71 14.78 39.15
C GLY H 215 -1.87 13.87 38.87
N ILE H 216 -2.28 13.08 39.86
CA ILE H 216 -3.32 12.04 39.66
C ILE H 216 -4.67 12.56 39.14
N ALA H 217 -5.03 13.80 39.45
CA ALA H 217 -6.30 14.34 39.02
C ALA H 217 -6.19 15.26 37.80
N SER H 218 -5.02 15.29 37.19
CA SER H 218 -4.74 16.24 36.08
C SER H 218 -5.43 15.89 34.77
N TYR H 219 -5.33 14.61 34.41
CA TYR H 219 -5.76 14.09 33.10
C TYR H 219 -6.63 12.83 33.23
N CYS H 220 -7.85 13.03 33.73
CA CYS H 220 -8.74 11.92 34.06
C CYS H 220 -9.76 11.79 32.98
N SER H 221 -10.03 10.55 32.60
CA SER H 221 -11.05 10.33 31.61
C SER H 221 -11.73 8.98 31.79
N TYR H 222 -12.91 8.87 31.19
CA TYR H 222 -13.59 7.56 31.15
C TYR H 222 -14.54 7.46 29.96
N PRO H 223 -14.76 6.23 29.48
CA PRO H 223 -15.62 5.95 28.34
C PRO H 223 -17.06 5.67 28.78
N GLU H 224 -17.96 5.93 27.84
CA GLU H 224 -19.36 5.54 27.95
C GLU H 224 -19.62 4.65 26.75
N ILE H 225 -20.23 3.48 26.99
CA ILE H 225 -20.55 2.54 25.91
C ILE H 225 -21.78 3.07 25.22
O26 8PW I . 23.98 15.91 16.25
C5 8PW I . 23.00 15.25 16.56
C8 8PW I . 23.15 14.22 17.66
C16 8PW I . 23.23 12.76 17.32
C17 8PW I . 24.49 13.56 17.52
C38 8PW I . 22.88 14.76 19.08
N2 8PW I . 21.86 15.33 16.09
C7 8PW I . 21.63 16.34 15.03
C12 8PW I . 22.24 17.67 15.34
N14 8PW I . 22.93 18.14 14.31
C13 8PW I . 23.59 19.46 14.38
C18 8PW I . 22.86 20.72 13.90
N19 8PW I . 23.50 21.77 13.96
C23 8PW I . 24.82 19.56 15.28
C24 8PW I . 25.02 19.26 13.82
O27 8PW I . 22.00 18.32 16.37
C11 8PW I . 20.13 16.39 14.87
C10 8PW I . 20.61 14.60 16.33
C3 8PW I . 19.61 15.00 15.24
S1 8PW I . 19.57 13.98 13.90
O20 8PW I . 18.55 14.44 13.03
O21 8PW I . 20.86 13.87 13.38
C6 8PW I . 19.20 12.45 14.45
C4 8PW I . 17.82 11.96 14.76
C9 8PW I . 16.60 12.81 14.63
F28 8PW I . 16.33 13.01 13.35
F29 8PW I . 15.52 12.23 15.15
F30 8PW I . 16.86 13.95 15.27
C25 8PW I . 17.61 10.67 15.26
C22 8PW I . 20.23 11.55 14.67
C37 8PW I . 19.95 10.24 15.16
C35 8PW I . 18.65 9.81 15.43
O36 8PW I . 18.27 8.54 15.93
C31 8PW I . 19.07 7.42 15.74
C15 8PW I . 18.54 6.27 16.58
F34 8PW I . 18.04 6.65 17.74
F32 8PW I . 17.57 5.66 15.92
F33 8PW I . 19.57 5.49 16.74
O26 8PW J . -14.52 -9.18 -24.34
C5 8PW J . -15.50 -9.79 -23.99
C8 8PW J . -15.33 -10.81 -22.90
C16 8PW J . -15.29 -12.28 -23.26
C17 8PW J . -13.98 -11.51 -23.04
C38 8PW J . -15.57 -10.33 -21.47
N2 8PW J . -16.66 -9.62 -24.49
C7 8PW J . -16.86 -8.61 -25.56
C12 8PW J . -16.30 -7.25 -25.31
N14 8PW J . -15.55 -6.85 -26.31
C13 8PW J . -14.87 -5.60 -26.30
C18 8PW J . -15.62 -4.36 -26.72
N19 8PW J . -14.97 -3.27 -26.80
C23 8PW J . -13.69 -5.48 -25.33
C24 8PW J . -13.44 -5.79 -26.80
O27 8PW J . -16.53 -6.60 -24.30
C11 8PW J . -18.37 -8.55 -25.77
C10 8PW J . -17.91 -10.31 -24.23
C3 8PW J . -18.91 -9.89 -25.32
S1 8PW J . -19.02 -10.96 -26.65
O20 8PW J . -20.11 -10.49 -27.47
O21 8PW J . -17.77 -11.05 -27.25
C6 8PW J . -19.43 -12.44 -26.14
C4 8PW J . -20.83 -12.91 -25.84
C9 8PW J . -22.06 -12.06 -25.96
F28 8PW J . -22.37 -11.89 -27.25
F29 8PW J . -23.11 -12.62 -25.39
F30 8PW J . -21.85 -10.92 -25.30
C25 8PW J . -21.01 -14.22 -25.40
C22 8PW J . -18.41 -13.37 -25.95
C37 8PW J . -18.66 -14.67 -25.50
C35 8PW J . -19.96 -15.09 -25.24
O36 8PW J . -20.30 -16.35 -24.78
C31 8PW J . -19.58 -17.52 -25.07
C15 8PW J . -20.02 -18.68 -24.17
F34 8PW J . -19.84 -18.30 -22.95
F32 8PW J . -21.29 -19.01 -24.29
F33 8PW J . -19.23 -19.69 -24.45
O26 8PW K . 17.06 10.52 -40.37
C5 8PW K . 16.04 11.17 -40.42
C8 8PW K . 15.90 12.21 -41.51
C16 8PW K . 15.93 13.68 -41.13
C17 8PW K . 17.19 13.01 -41.66
C38 8PW K . 15.30 11.73 -42.83
N2 8PW K . 15.06 11.02 -39.63
C7 8PW K . 15.11 10.02 -38.54
C12 8PW K . 15.61 8.64 -38.90
N14 8PW K . 16.61 8.23 -38.14
C13 8PW K . 17.27 6.97 -38.32
C18 8PW K . 16.67 5.72 -37.71
N19 8PW K . 17.34 4.65 -37.80
C23 8PW K . 18.15 6.83 -39.56
C24 8PW K . 18.80 7.07 -38.20
O27 8PW K . 15.16 8.03 -39.85
C11 8PW K . 13.72 9.98 -37.98
C10 8PW K . 13.80 11.74 -39.58
C3 8PW K . 13.06 11.30 -38.31
S1 8PW K . 13.21 12.31 -36.96
O20 8PW K . 12.37 11.79 -35.91
O21 8PW K . 14.59 12.43 -36.68
C6 8PW K . 12.71 13.81 -37.37
C4 8PW K . 11.28 14.27 -37.34
C9 8PW K . 10.12 13.41 -36.92
F28 8PW K . 10.14 13.22 -35.61
F29 8PW K . 8.94 13.91 -37.22
F30 8PW K . 10.23 12.28 -37.60
C25 8PW K . 10.97 15.56 -37.73
C22 8PW K . 13.65 14.74 -37.80
C37 8PW K . 13.29 16.05 -38.17
C35 8PW K . 11.95 16.44 -38.14
O36 8PW K . 11.48 17.67 -38.49
C31 8PW K . 12.20 18.87 -38.35
C15 8PW K . 11.54 19.97 -39.15
F34 8PW K . 11.39 19.57 -40.38
F32 8PW K . 10.35 20.36 -38.73
F33 8PW K . 12.40 20.96 -39.11
O26 8PW L . -10.78 35.11 9.10
C5 8PW L . -11.84 35.71 9.03
C8 8PW L . -11.97 36.75 7.94
C16 8PW L . -11.92 38.22 8.32
C17 8PW L . -10.69 37.53 7.74
C38 8PW L . -12.68 36.28 6.68
N2 8PW L . -12.83 35.61 9.79
C7 8PW L . -12.81 34.62 10.93
C12 8PW L . -12.30 33.29 10.51
N14 8PW L . -11.30 32.87 11.29
C13 8PW L . -10.64 31.58 11.06
C18 8PW L . -11.25 30.31 11.66
N19 8PW L . -10.65 29.26 11.41
C23 8PW L . -9.75 31.46 9.84
C24 8PW L . -9.13 31.74 11.20
O27 8PW L . -12.76 32.65 9.56
C11 8PW L . -14.22 34.56 11.44
C10 8PW L . -14.10 36.31 9.85
C3 8PW L . -14.79 35.95 11.16
S1 8PW L . -14.54 36.96 12.50
O20 8PW L . -15.34 36.51 13.53
O21 8PW L . -13.16 37.14 12.75
C6 8PW L . -15.06 38.47 12.08
C4 8PW L . -16.50 38.91 12.13
C9 8PW L . -17.60 38.00 12.56
F28 8PW L . -17.52 37.84 13.89
F29 8PW L . -18.81 38.49 12.30
F30 8PW L . -17.47 36.85 11.91
C25 8PW L . -16.86 40.20 11.72
C22 8PW L . -14.13 39.41 11.61
C37 8PW L . -14.57 40.71 11.22
C35 8PW L . -15.92 41.09 11.29
O36 8PW L . -16.43 42.35 10.91
C31 8PW L . -15.50 43.37 10.61
C15 8PW L . -16.19 44.63 10.14
F34 8PW L . -17.28 44.41 9.47
F32 8PW L . -16.51 45.42 11.14
F33 8PW L . -15.30 45.21 9.40
O26 8PW M . -3.30 -35.19 -7.04
C5 8PW M . -4.25 -35.94 -6.80
C8 8PW M . -4.07 -37.03 -5.74
C16 8PW M . -4.05 -38.49 -6.19
C17 8PW M . -2.74 -37.78 -5.86
C38 8PW M . -4.36 -36.63 -4.30
N2 8PW M . -5.40 -35.82 -7.36
C7 8PW M . -5.63 -34.80 -8.39
C12 8PW M . -5.04 -33.45 -8.16
N14 8PW M . -4.30 -33.04 -9.19
C13 8PW M . -3.62 -31.76 -9.18
C18 8PW M . -4.36 -30.49 -9.51
N19 8PW M . -3.70 -29.44 -9.48
C23 8PW M . -2.49 -31.61 -8.15
C24 8PW M . -2.17 -31.89 -9.62
O27 8PW M . -5.24 -32.80 -7.14
C11 8PW M . -7.14 -34.72 -8.55
C10 8PW M . -6.60 -36.65 -7.20
C3 8PW M . -7.63 -36.12 -8.23
S1 8PW M . -7.76 -37.08 -9.59
O20 8PW M . -8.82 -36.53 -10.36
O21 8PW M . -6.50 -37.17 -10.30
C6 8PW M . -8.10 -38.60 -9.11
C4 8PW M . -9.46 -39.11 -8.73
C9 8PW M . -10.72 -38.29 -8.81
F28 8PW M . -11.02 -38.01 -10.07
F29 8PW M . -11.70 -38.99 -8.29
F30 8PW M . -10.63 -37.18 -8.12
C25 8PW M . -9.59 -40.44 -8.34
C22 8PW M . -7.04 -39.50 -8.98
C37 8PW M . -7.24 -40.82 -8.57
C35 8PW M . -8.50 -41.28 -8.24
O36 8PW M . -8.74 -42.57 -7.82
C31 8PW M . -7.87 -43.66 -8.08
C15 8PW M . -8.31 -44.88 -7.26
F34 8PW M . -8.24 -44.56 -5.97
F32 8PW M . -9.58 -45.20 -7.56
F33 8PW M . -7.47 -45.86 -7.55
O26 8PW N . 38.91 -9.08 31.20
C5 8PW N . 38.09 -9.90 31.65
C8 8PW N . 38.51 -10.99 32.61
C16 8PW N . 38.41 -12.46 32.22
C17 8PW N . 39.75 -11.75 32.13
C38 8PW N . 38.47 -10.58 34.09
N2 8PW N . 36.86 -9.89 31.38
C7 8PW N . 36.38 -8.90 30.42
C12 8PW N . 36.88 -7.48 30.59
N14 8PW N . 37.44 -7.01 29.50
C13 8PW N . 38.03 -5.68 29.45
C18 8PW N . 37.19 -4.45 29.24
N19 8PW N . 37.81 -3.36 29.20
C23 8PW N . 39.26 -5.51 30.34
C24 8PW N . 39.42 -5.59 28.81
O27 8PW N . 36.77 -6.88 31.66
C11 8PW N . 34.87 -9.00 30.46
C10 8PW N . 35.77 -10.79 31.77
C3 8PW N . 34.57 -10.43 30.87
S1 8PW N . 34.35 -11.43 29.51
O20 8PW N . 33.24 -11.02 28.71
O21 8PW N . 35.57 -11.50 28.78
C6 8PW N . 34.01 -12.95 30.07
C4 8PW N . 32.67 -13.44 30.58
C9 8PW N . 31.41 -12.59 30.65
F28 8PW N . 30.93 -12.48 29.43
F29 8PW N . 30.47 -13.18 31.39
F30 8PW N . 31.63 -11.43 31.21
C25 8PW N . 32.56 -14.78 31.03
C22 8PW N . 35.06 -13.85 30.07
C37 8PW N . 34.89 -15.15 30.53
C35 8PW N . 33.68 -15.62 31.00
O36 8PW N . 33.57 -16.94 31.46
C31 8PW N . 34.66 -17.84 31.25
C15 8PW N . 34.25 -19.27 31.57
F34 8PW N . 33.62 -19.30 32.73
F32 8PW N . 33.44 -19.77 30.63
F33 8PW N . 35.36 -19.98 31.61
O26 8PW O . 28.30 -15.27 -23.21
C5 8PW O . 27.29 -14.56 -23.21
C8 8PW O . 27.15 -13.47 -24.26
C16 8PW O . 27.23 -12.00 -23.83
C17 8PW O . 28.44 -12.66 -24.49
C38 8PW O . 26.51 -13.91 -25.58
N2 8PW O . 26.33 -14.73 -22.40
C7 8PW O . 26.37 -15.79 -21.37
C12 8PW O . 26.85 -17.15 -21.79
N14 8PW O . 27.85 -17.61 -21.03
C13 8PW O . 28.48 -18.87 -21.27
C18 8PW O . 27.92 -20.13 -20.66
N19 8PW O . 28.55 -21.19 -20.91
C23 8PW O . 29.33 -19.05 -22.51
C24 8PW O . 29.99 -18.71 -21.19
O27 8PW O . 26.38 -17.80 -22.70
C11 8PW O . 24.95 -15.87 -20.83
C10 8PW O . 25.08 -13.96 -22.30
C3 8PW O . 24.37 -14.47 -21.03
S1 8PW O . 24.57 -13.48 -19.69
O20 8PW O . 23.70 -14.01 -18.68
O21 8PW O . 25.96 -13.42 -19.27
C6 8PW O . 24.13 -11.97 -20.04
C4 8PW O . 22.72 -11.47 -20.10
C9 8PW O . 21.51 -12.34 -19.81
F28 8PW O . 21.47 -12.56 -18.49
F29 8PW O . 20.43 -11.70 -20.19
F30 8PW O . 21.55 -13.48 -20.46
C25 8PW O . 22.48 -10.14 -20.42
C22 8PW O . 25.13 -11.04 -20.35
C37 8PW O . 24.84 -9.71 -20.67
C35 8PW O . 23.51 -9.27 -20.71
O36 8PW O . 23.14 -7.99 -21.02
C31 8PW O . 24.04 -6.89 -21.09
C15 8PW O . 23.38 -5.76 -21.87
F34 8PW O . 23.46 -6.08 -23.16
F32 8PW O . 22.10 -5.65 -21.54
F33 8PW O . 24.04 -4.65 -21.60
O26 8PW P . 4.51 8.25 27.48
C5 8PW P . 3.56 9.00 27.25
C8 8PW P . 3.68 10.09 26.19
C16 8PW P . 3.77 11.55 26.64
C17 8PW P . 5.04 10.79 26.30
C38 8PW P . 3.21 9.71 24.80
N2 8PW P . 2.46 8.95 27.87
C7 8PW P . 2.28 7.96 28.97
C12 8PW P . 2.74 6.55 28.63
N14 8PW P . 3.57 6.06 29.54
C13 8PW P . 4.18 4.74 29.41
C18 8PW P . 3.45 3.50 29.87
N19 8PW P . 4.04 2.42 29.65
C23 8PW P . 5.15 4.60 28.25
C24 8PW P . 5.68 4.70 29.69
O27 8PW P . 2.40 5.95 27.64
C11 8PW P . 0.82 8.02 29.32
C10 8PW P . 1.27 9.78 27.76
C3 8PW P . 0.37 9.42 28.94
S1 8PW P . 0.50 10.44 30.28
O20 8PW P . -0.40 10.04 31.29
O21 8PW P . 1.84 10.50 30.73
C6 8PW P . 0.01 11.96 29.83
C4 8PW P . -1.41 12.42 29.64
C9 8PW P . -2.62 11.53 29.87
F28 8PW P . -2.73 11.37 31.16
F29 8PW P . -3.75 12.08 29.40
F30 8PW P . -2.50 10.37 29.27
C25 8PW P . -1.65 13.78 29.24
C22 8PW P . 1.02 12.88 29.61
C37 8PW P . 0.74 14.19 29.21
C35 8PW P . -0.56 14.65 29.02
O36 8PW P . -0.77 15.97 28.63
C31 8PW P . 0.35 16.83 28.39
C15 8PW P . -0.04 18.30 28.31
F34 8PW P . -0.94 18.49 27.36
F32 8PW P . -0.56 18.64 29.49
F33 8PW P . 1.03 19.01 28.03
#